data_4BZS
#
_entry.id   4BZS
#
_cell.length_a   73.005
_cell.length_b   77.320
_cell.length_c   82.070
_cell.angle_alpha   88.69
_cell.angle_beta   64.53
_cell.angle_gamma   75.29
#
_symmetry.space_group_name_H-M   'P 1'
#
loop_
_entity.id
_entity.type
_entity.pdbx_description
1 polymer 'ANGIOTENSIN-CONVERTING ENZYME'
2 branched alpha-L-fucopyranose-(1-6)-2-acetamido-2-deoxy-beta-D-glucopyranose
3 branched 2-acetamido-2-deoxy-beta-D-glucopyranose-(1-4)-2-acetamido-2-deoxy-beta-D-glucopyranose
4 branched beta-D-mannopyranose-(1-4)-2-acetamido-2-deoxy-beta-D-glucopyranose-(1-4)-2-acetamido-2-deoxy-beta-D-glucopyranose
5 non-polymer 'ZINC ION'
6 non-polymer 'CHLORIDE ION'
7 non-polymer 2-{2-[2-(2-{2-[2-(2-ETHOXY-ETHOXY)-ETHOXY]-ETHOXY}-ETHOXY)-ETHOXY]-ETHOXY}-ETHANOL
8 non-polymer 'HEXAETHYLENE GLYCOL'
9 non-polymer DI(HYDROXYETHYL)ETHER
10 non-polymer 'N-ACETYL-L-ILE-L-TYR-(R)-1-AMINO-2-(4-HYDROXYPHENYL)ETHYLPHOSPHONIC ACID'
11 non-polymer 'thiodiglycolic acid'
12 non-polymer 'TETRAETHYLENE GLYCOL'
13 water water
#
_entity_poly.entity_id   1
_entity_poly.type   'polypeptide(L)'
_entity_poly.pdbx_seq_one_letter_code
;LDPGLQPGNFSADEAGAQLFAQSYNSSAEQVLFQSVAASWAHDTNITAENARRQEEAALLSQEFAEAWGQKAKELYEPIW
QNFTDPQLRRIIGAVRTLGSANLPLAKRQQYNALLSNMSRIYSTAKVCLPNKTATCWSLDPDLTNILASSRSYAMLLFAW
EGWHNAAGIPLKPLYEDFTALSNEAYKQDGFTDTGAYWRSWYNSPTFEDDLEHLYQQLEPLYLNLHAFVRRALHRRYGDR
YINLRGPIPAHLLGDMWAQSWENIYDMVVPFPDKPNLDVTSTMLQQGWNATHMFRVAEEFFTSLELSPMPPEFWEGSMLE
KPADGREVVCHASAWDFYNRKDFRIKQCTRVTMDQLSTVHHEMGHIQYYLQYKDLPVSLRRGANPGFHEAIGDVLALSVS
TPEHLHKIGLLDRVTNDTESDINYLLKMALEKIAFLPFGYLVDQWRWGVFSGRTPPSRYNFDWWYLRTKYQGICPPVTRN
ETHFDAGAKFHVPNVTPYIRYFVSFVLQFQFHEALCKEAGYEGPLHQCDIYRSTKAGAKLRKVLQAGSSRPWQEVLKDMV
GLDALDAQPLLKYFQLVTQWLQEQNQQNGEVLGWPEYQWHPPLPDNYPEGIDLVTDEAEASKFVEEYDL
;
_entity_poly.pdbx_strand_id   A,B
#
loop_
_chem_comp.id
_chem_comp.type
_chem_comp.name
_chem_comp.formula
9X6 non-polymer 'thiodiglycolic acid' 'C4 H6 O4 S'
BMA D-saccharide, beta linking beta-D-mannopyranose 'C6 H12 O6'
CL non-polymer 'CHLORIDE ION' 'Cl -1'
FUC L-saccharide, alpha linking alpha-L-fucopyranose 'C6 H12 O5'
K26 non-polymer 'N-ACETYL-L-ILE-L-TYR-(R)-1-AMINO-2-(4-HYDROXYPHENYL)ETHYLPHOSPHONIC ACID' 'C25 H34 N3 O8 P'
NAG D-saccharide, beta linking 2-acetamido-2-deoxy-beta-D-glucopyranose 'C8 H15 N O6'
P6G non-polymer 'HEXAETHYLENE GLYCOL' 'C12 H26 O7'
PE4 non-polymer 2-{2-[2-(2-{2-[2-(2-ETHOXY-ETHOXY)-ETHOXY]-ETHOXY}-ETHOXY)-ETHOXY]-ETHOXY}-ETHANOL 'C16 H34 O8'
PEG non-polymer DI(HYDROXYETHYL)ETHER 'C4 H10 O3'
PG4 non-polymer 'TETRAETHYLENE GLYCOL' 'C8 H18 O5'
ZN non-polymer 'ZINC ION' 'Zn 2'
#
# COMPACT_ATOMS: atom_id res chain seq x y z
N LEU A 1 37.37 23.28 2.48
CA LEU A 1 37.33 23.72 1.05
C LEU A 1 38.24 24.91 0.77
N ASP A 2 38.08 25.98 1.55
CA ASP A 2 38.85 27.20 1.38
C ASP A 2 38.66 28.06 2.63
N PRO A 3 39.76 28.43 3.32
CA PRO A 3 39.71 29.18 4.57
C PRO A 3 38.69 30.32 4.60
N GLY A 4 38.65 31.12 3.54
CA GLY A 4 37.70 32.24 3.43
C GLY A 4 36.25 31.84 3.53
N LEU A 5 35.92 30.62 3.12
CA LEU A 5 34.55 30.11 3.15
C LEU A 5 34.17 29.38 4.44
N GLN A 6 35.16 29.14 5.31
CA GLN A 6 34.92 28.45 6.58
C GLN A 6 34.48 29.42 7.67
N PRO A 7 33.71 28.92 8.66
CA PRO A 7 33.16 29.79 9.70
C PRO A 7 34.17 30.15 10.78
N GLY A 8 33.90 31.26 11.48
CA GLY A 8 34.74 31.73 12.58
C GLY A 8 34.02 31.69 13.91
N ASN A 9 34.40 32.57 14.82
CA ASN A 9 33.82 32.61 16.18
C ASN A 9 32.46 33.28 16.22
N PHE A 10 31.48 32.61 16.83
CA PHE A 10 30.16 33.18 17.09
C PHE A 10 29.66 32.75 18.47
N SER A 11 29.00 33.64 19.19
CA SER A 11 28.46 33.34 20.51
C SER A 11 27.19 32.51 20.40
N ALA A 12 26.90 31.75 21.45
CA ALA A 12 25.73 30.86 21.49
C ALA A 12 24.47 31.59 21.97
N ASP A 13 24.18 32.73 21.33
CA ASP A 13 22.98 33.52 21.60
C ASP A 13 22.15 33.58 20.33
N GLU A 14 20.98 34.23 20.42
CA GLU A 14 20.19 34.54 19.25
C GLU A 14 20.85 35.65 18.43
N ALA A 15 21.52 36.57 19.13
CA ALA A 15 22.24 37.67 18.48
C ALA A 15 23.43 37.17 17.66
N GLY A 16 24.15 36.20 18.21
CA GLY A 16 25.27 35.58 17.50
C GLY A 16 24.79 34.70 16.35
N ALA A 17 23.61 34.12 16.49
CA ALA A 17 22.99 33.32 15.43
C ALA A 17 22.58 34.17 14.24
N GLN A 18 22.23 35.44 14.49
CA GLN A 18 21.94 36.38 13.41
C GLN A 18 23.22 36.70 12.65
N LEU A 19 24.32 36.93 13.38
CA LEU A 19 25.63 37.11 12.78
C LEU A 19 26.10 35.85 12.06
N PHE A 20 25.77 34.68 12.63
CA PHE A 20 26.09 33.40 12.02
C PHE A 20 25.37 33.22 10.69
N ALA A 21 24.10 33.63 10.65
CA ALA A 21 23.28 33.52 9.44
C ALA A 21 23.79 34.42 8.31
N GLN A 22 24.26 35.61 8.66
CA GLN A 22 24.75 36.58 7.67
C GLN A 22 26.08 36.14 7.05
N SER A 23 26.95 35.57 7.86
CA SER A 23 28.25 35.07 7.38
C SER A 23 28.09 33.79 6.57
N TYR A 24 27.10 32.98 6.92
CA TYR A 24 26.79 31.75 6.18
C TYR A 24 26.32 32.05 4.75
N ASN A 25 25.31 32.90 4.64
CA ASN A 25 24.70 33.24 3.34
C ASN A 25 25.69 33.92 2.38
N SER A 26 26.58 34.73 2.93
CA SER A 26 27.60 35.42 2.15
C SER A 26 28.56 34.45 1.47
N SER A 27 29.07 33.49 2.23
CA SER A 27 30.00 32.48 1.70
C SER A 27 29.28 31.46 0.82
N ALA A 28 28.00 31.22 1.11
CA ALA A 28 27.21 30.22 0.39
C ALA A 28 26.98 30.57 -1.07
N GLU A 29 26.74 31.85 -1.35
CA GLU A 29 26.50 32.33 -2.72
C GLU A 29 27.61 31.88 -3.68
N GLN A 30 28.85 31.93 -3.22
CA GLN A 30 30.00 31.57 -4.03
C GLN A 30 30.05 30.06 -4.27
N VAL A 31 29.66 29.29 -3.26
CA VAL A 31 29.66 27.82 -3.34
C VAL A 31 28.56 27.32 -4.26
N LEU A 32 27.37 27.89 -4.10
CA LEU A 32 26.22 27.55 -4.96
C LEU A 32 26.51 27.92 -6.41
N PHE A 33 27.16 29.08 -6.61
CA PHE A 33 27.48 29.55 -7.96
C PHE A 33 28.33 28.55 -8.77
N GLN A 34 29.47 28.16 -8.22
CA GLN A 34 30.36 27.20 -8.90
C GLN A 34 29.66 25.84 -9.12
N SER A 35 28.78 25.48 -8.20
CA SER A 35 28.04 24.22 -8.30
C SER A 35 27.00 24.30 -9.42
N VAL A 36 26.26 25.40 -9.47
CA VAL A 36 25.25 25.60 -10.53
C VAL A 36 25.93 25.83 -11.89
N ALA A 37 27.07 26.52 -11.88
CA ALA A 37 27.85 26.75 -13.10
C ALA A 37 28.37 25.45 -13.72
N ALA A 38 28.88 24.56 -12.88
CA ALA A 38 29.40 23.27 -13.33
C ALA A 38 28.29 22.34 -13.82
N SER A 39 27.12 22.41 -13.18
CA SER A 39 25.95 21.65 -13.61
C SER A 39 25.46 22.14 -14.97
N TRP A 40 25.47 23.46 -15.17
CA TRP A 40 25.08 24.05 -16.45
C TRP A 40 26.01 23.61 -17.57
N ALA A 41 27.32 23.67 -17.31
CA ALA A 41 28.32 23.27 -18.30
C ALA A 41 28.16 21.81 -18.71
N HIS A 42 27.74 20.96 -17.78
CA HIS A 42 27.49 19.54 -18.08
C HIS A 42 26.18 19.35 -18.86
N ASP A 43 25.10 19.94 -18.37
CA ASP A 43 23.76 19.67 -18.93
C ASP A 43 23.54 20.28 -20.31
N THR A 44 24.33 21.28 -20.68
CA THR A 44 24.31 21.84 -22.03
C THR A 44 25.40 21.24 -22.93
N ASN A 45 26.21 20.35 -22.37
CA ASN A 45 27.36 19.80 -23.07
C ASN A 45 27.87 18.59 -22.29
N ILE A 46 27.20 17.45 -22.50
CA ILE A 46 27.44 16.24 -21.71
C ILE A 46 28.70 15.50 -22.17
N THR A 47 29.78 15.59 -21.38
CA THR A 47 31.02 14.87 -21.63
C THR A 47 31.59 14.31 -20.32
N ALA A 48 32.68 13.56 -20.43
CA ALA A 48 33.32 12.95 -19.27
C ALA A 48 34.02 14.00 -18.38
N GLU A 49 34.66 14.98 -19.00
CA GLU A 49 35.36 16.04 -18.27
C GLU A 49 34.39 16.94 -17.51
N ASN A 50 33.28 17.30 -18.17
CA ASN A 50 32.27 18.15 -17.55
C ASN A 50 31.59 17.44 -16.38
N ALA A 51 31.38 16.12 -16.53
CA ALA A 51 30.90 15.29 -15.43
C ALA A 51 31.88 15.30 -14.26
N ARG A 52 33.18 15.20 -14.58
CA ARG A 52 34.22 15.21 -13.55
C ARG A 52 34.24 16.54 -12.79
N ARG A 53 34.13 17.64 -13.52
CA ARG A 53 34.07 18.98 -12.91
C ARG A 53 32.81 19.16 -12.07
N GLN A 54 31.70 18.61 -12.55
CA GLN A 54 30.42 18.61 -11.82
C GLN A 54 30.59 17.93 -10.45
N GLU A 55 31.16 16.74 -10.45
CA GLU A 55 31.36 15.97 -9.22
C GLU A 55 32.33 16.66 -8.26
N GLU A 56 33.35 17.33 -8.82
CA GLU A 56 34.33 18.06 -8.03
C GLU A 56 33.68 19.25 -7.32
N ALA A 57 32.76 19.91 -8.02
CA ALA A 57 32.00 21.02 -7.44
C ALA A 57 31.02 20.51 -6.38
N ALA A 58 30.45 19.33 -6.62
CA ALA A 58 29.54 18.71 -5.66
C ALA A 58 30.25 18.41 -4.33
N LEU A 59 31.48 17.91 -4.40
CA LEU A 59 32.26 17.63 -3.19
C LEU A 59 32.49 18.90 -2.36
N LEU A 60 32.92 19.98 -3.01
CA LEU A 60 33.15 21.25 -2.33
C LEU A 60 31.93 21.76 -1.56
N SER A 61 30.74 21.60 -2.16
CA SER A 61 29.49 21.98 -1.51
C SER A 61 29.27 21.18 -0.22
N GLN A 62 29.48 19.87 -0.30
CA GLN A 62 29.35 18.98 0.85
C GLN A 62 30.36 19.33 1.95
N GLU A 63 31.56 19.73 1.56
CA GLU A 63 32.57 20.21 2.52
C GLU A 63 32.10 21.50 3.19
N PHE A 64 31.51 22.40 2.41
CA PHE A 64 30.97 23.65 2.94
C PHE A 64 29.84 23.37 3.93
N ALA A 65 28.85 22.59 3.50
CA ALA A 65 27.68 22.29 4.31
C ALA A 65 28.04 21.59 5.62
N GLU A 66 29.06 20.74 5.58
CA GLU A 66 29.56 20.06 6.78
C GLU A 66 30.06 21.04 7.82
N ALA A 67 30.99 21.90 7.41
CA ALA A 67 31.68 22.82 8.32
C ALA A 67 30.68 23.76 9.01
N TRP A 68 29.80 24.37 8.22
CA TRP A 68 28.82 25.31 8.75
C TRP A 68 27.72 24.58 9.52
N GLY A 69 27.27 23.44 9.01
CA GLY A 69 26.24 22.65 9.68
C GLY A 69 26.71 22.08 11.01
N GLN A 70 27.96 21.61 11.04
CA GLN A 70 28.56 21.10 12.28
C GLN A 70 28.79 22.22 13.30
N LYS A 71 29.22 23.39 12.82
CA LYS A 71 29.42 24.55 13.67
C LYS A 71 28.09 25.10 14.19
N ALA A 72 27.03 24.91 13.42
CA ALA A 72 25.70 25.39 13.80
C ALA A 72 25.15 24.62 15.00
N LYS A 73 25.21 23.30 14.92
CA LYS A 73 24.75 22.45 16.03
C LYS A 73 25.65 22.61 17.26
N GLU A 74 26.95 22.78 17.04
CA GLU A 74 27.89 23.04 18.13
C GLU A 74 27.45 24.25 18.95
N LEU A 75 27.01 25.31 18.28
CA LEU A 75 26.62 26.55 18.93
C LEU A 75 25.14 26.58 19.33
N TYR A 76 24.27 26.02 18.50
CA TYR A 76 22.83 26.29 18.60
C TYR A 76 21.91 25.06 18.70
N GLU A 77 22.47 23.86 18.77
CA GLU A 77 21.64 22.63 18.74
C GLU A 77 20.52 22.59 19.79
N PRO A 78 20.84 22.85 21.07
CA PRO A 78 19.78 22.84 22.07
C PRO A 78 18.89 24.09 22.04
N ILE A 79 19.50 25.26 21.80
CA ILE A 79 18.81 26.55 21.95
C ILE A 79 17.99 27.00 20.74
N TRP A 80 18.28 26.48 19.55
CA TRP A 80 17.49 26.84 18.36
C TRP A 80 16.12 26.16 18.43
N GLN A 81 15.15 26.75 17.73
CA GLN A 81 13.71 26.43 17.86
C GLN A 81 13.02 27.26 18.95
N ASN A 82 13.80 27.77 19.90
CA ASN A 82 13.29 28.62 20.98
C ASN A 82 13.51 30.12 20.71
N PHE A 83 14.05 30.45 19.54
CA PHE A 83 14.27 31.85 19.17
C PHE A 83 12.95 32.55 18.89
N THR A 84 12.91 33.86 19.15
CA THR A 84 11.72 34.68 18.91
C THR A 84 11.52 35.00 17.42
N ASP A 85 12.63 35.12 16.69
CA ASP A 85 12.59 35.42 15.26
C ASP A 85 12.22 34.17 14.44
N PRO A 86 11.06 34.20 13.76
CA PRO A 86 10.66 33.04 12.94
C PRO A 86 11.59 32.78 11.76
N GLN A 87 12.10 33.84 11.14
CA GLN A 87 12.98 33.73 9.98
C GLN A 87 14.33 33.11 10.35
N LEU A 88 14.82 33.40 11.55
CA LEU A 88 16.14 32.93 11.98
C LEU A 88 16.17 31.42 12.20
N ARG A 89 15.22 30.92 12.99
CA ARG A 89 15.19 29.49 13.31
C ARG A 89 14.86 28.61 12.08
N ARG A 90 14.18 29.20 11.10
CA ARG A 90 13.99 28.54 9.81
C ARG A 90 15.32 28.37 9.08
N ILE A 91 16.14 29.43 9.09
CA ILE A 91 17.44 29.41 8.44
C ILE A 91 18.39 28.44 9.14
N ILE A 92 18.47 28.55 10.46
CA ILE A 92 19.37 27.71 11.27
C ILE A 92 19.00 26.24 11.17
N GLY A 93 17.70 25.96 11.15
CA GLY A 93 17.21 24.59 10.97
C GLY A 93 17.71 23.96 9.67
N ALA A 94 17.68 24.73 8.59
CA ALA A 94 18.13 24.25 7.28
C ALA A 94 19.66 24.05 7.22
N VAL A 95 20.39 24.79 8.05
CA VAL A 95 21.86 24.75 8.04
C VAL A 95 22.40 23.49 8.75
N ARG A 96 21.78 23.09 9.86
CA ARG A 96 22.23 21.91 10.62
C ARG A 96 21.97 20.58 9.89
N THR A 97 21.01 20.59 8.97
CA THR A 97 20.73 19.43 8.12
C THR A 97 21.81 19.31 7.04
N LEU A 98 22.76 18.41 7.24
CA LEU A 98 23.92 18.30 6.35
C LEU A 98 23.60 17.59 5.04
N GLY A 99 22.65 16.65 5.07
CA GLY A 99 22.30 15.86 3.89
C GLY A 99 23.42 14.89 3.56
N SER A 100 23.82 14.84 2.30
CA SER A 100 24.89 13.94 1.86
C SER A 100 26.27 14.31 2.43
N ALA A 101 26.36 15.45 3.12
CA ALA A 101 27.58 15.84 3.84
C ALA A 101 27.76 15.07 5.15
N ASN A 102 26.71 14.38 5.60
CA ASN A 102 26.83 13.43 6.72
C ASN A 102 27.66 12.20 6.37
N LEU A 103 27.82 11.93 5.07
CA LEU A 103 28.57 10.76 4.61
C LEU A 103 30.07 11.03 4.63
N PRO A 104 30.89 9.96 4.74
CA PRO A 104 32.33 10.10 4.55
C PRO A 104 32.68 10.33 3.09
N LEU A 105 33.91 10.79 2.82
CA LEU A 105 34.31 11.17 1.47
C LEU A 105 34.12 10.04 0.45
N ALA A 106 34.53 8.83 0.81
CA ALA A 106 34.41 7.68 -0.09
C ALA A 106 32.98 7.50 -0.58
N LYS A 107 32.03 7.64 0.35
CA LYS A 107 30.61 7.52 0.02
C LYS A 107 30.04 8.78 -0.64
N ARG A 108 30.62 9.95 -0.31
CA ARG A 108 30.28 11.19 -1.00
C ARG A 108 30.55 11.08 -2.50
N GLN A 109 31.73 10.57 -2.85
CA GLN A 109 32.10 10.38 -4.26
C GLN A 109 31.18 9.38 -4.96
N GLN A 110 30.84 8.30 -4.26
CA GLN A 110 29.89 7.32 -4.78
C GLN A 110 28.52 7.96 -5.03
N TYR A 111 28.05 8.74 -4.06
CA TYR A 111 26.78 9.47 -4.15
C TYR A 111 26.78 10.42 -5.35
N ASN A 112 27.85 11.20 -5.49
CA ASN A 112 27.96 12.19 -6.56
C ASN A 112 28.12 11.55 -7.94
N ALA A 113 28.87 10.43 -7.99
CA ALA A 113 29.11 9.73 -9.25
C ALA A 113 27.86 9.03 -9.78
N LEU A 114 27.02 8.52 -8.89
CA LEU A 114 25.75 7.90 -9.27
C LEU A 114 24.81 8.89 -9.95
N LEU A 115 24.66 10.06 -9.34
CA LEU A 115 23.82 11.13 -9.90
C LEU A 115 24.21 11.48 -11.34
N SER A 116 25.51 11.59 -11.59
CA SER A 116 26.02 11.90 -12.94
C SER A 116 25.77 10.75 -13.91
N ASN A 117 25.98 9.52 -13.45
CA ASN A 117 25.75 8.33 -14.28
C ASN A 117 24.27 8.16 -14.65
N MET A 118 23.39 8.29 -13.66
CA MET A 118 21.95 8.17 -13.90
C MET A 118 21.46 9.27 -14.85
N SER A 119 21.95 10.49 -14.63
CA SER A 119 21.68 11.62 -15.51
C SER A 119 22.22 11.41 -16.93
N ARG A 120 23.43 10.88 -17.04
CA ARG A 120 24.07 10.63 -18.35
C ARG A 120 23.28 9.58 -19.13
N ILE A 121 22.95 8.48 -18.46
CA ILE A 121 22.22 7.38 -19.08
C ILE A 121 20.83 7.81 -19.58
N TYR A 122 20.10 8.57 -18.76
CA TYR A 122 18.75 9.02 -19.13
C TYR A 122 18.77 9.90 -20.37
N SER A 123 19.57 10.95 -20.33
CA SER A 123 19.58 11.96 -21.39
C SER A 123 20.27 11.53 -22.68
N THR A 124 21.13 10.50 -22.62
CA THR A 124 21.82 10.00 -23.82
C THR A 124 21.21 8.73 -24.38
N ALA A 125 20.16 8.22 -23.74
CA ALA A 125 19.50 6.99 -24.21
C ALA A 125 18.82 7.20 -25.56
N LYS A 126 18.89 6.19 -26.41
CA LYS A 126 18.33 6.25 -27.75
C LYS A 126 17.57 4.97 -28.08
N VAL A 127 16.64 5.07 -29.03
CA VAL A 127 15.90 3.92 -29.51
C VAL A 127 16.23 3.72 -30.99
N CYS A 128 16.81 2.57 -31.30
CA CYS A 128 17.20 2.24 -32.66
C CYS A 128 16.23 1.23 -33.27
N LEU A 129 16.05 1.31 -34.59
CA LEU A 129 15.17 0.38 -35.29
C LEU A 129 15.86 -0.98 -35.38
N PRO A 130 15.11 -2.08 -35.19
CA PRO A 130 15.72 -3.39 -34.97
C PRO A 130 16.43 -3.98 -36.20
N ASN A 131 15.81 -3.85 -37.37
CA ASN A 131 16.40 -4.37 -38.61
C ASN A 131 17.61 -3.56 -39.05
N LYS A 132 17.38 -2.28 -39.37
CA LYS A 132 18.45 -1.38 -39.80
C LYS A 132 18.84 -0.43 -38.66
N THR A 133 19.66 -0.93 -37.74
CA THR A 133 20.11 -0.14 -36.60
C THR A 133 21.08 0.97 -37.04
N ALA A 134 20.51 2.05 -37.59
CA ALA A 134 21.28 3.17 -38.10
C ALA A 134 20.76 4.49 -37.55
N THR A 135 19.52 4.83 -37.91
CA THR A 135 18.88 6.05 -37.44
C THR A 135 18.19 5.82 -36.10
N CYS A 136 18.90 6.10 -35.02
CA CYS A 136 18.36 5.95 -33.66
C CYS A 136 17.65 7.23 -33.22
N TRP A 137 16.51 7.05 -32.54
CA TRP A 137 15.70 8.18 -32.08
C TRP A 137 15.99 8.57 -30.64
N SER A 138 16.05 9.87 -30.38
CA SER A 138 16.19 10.40 -29.02
C SER A 138 14.80 10.66 -28.46
N LEU A 139 14.73 10.94 -27.15
CA LEU A 139 13.45 11.22 -26.50
C LEU A 139 12.82 12.49 -27.08
N ASP A 140 13.59 13.57 -27.07
CA ASP A 140 13.16 14.85 -27.63
C ASP A 140 14.08 15.20 -28.80
N PRO A 141 13.49 15.50 -29.99
CA PRO A 141 12.08 15.59 -30.36
C PRO A 141 11.46 14.29 -30.90
N ASP A 142 12.29 13.31 -31.24
CA ASP A 142 11.87 12.19 -32.09
C ASP A 142 10.76 11.33 -31.48
N LEU A 143 10.99 10.79 -30.29
CA LEU A 143 10.00 9.92 -29.63
C LEU A 143 8.82 10.72 -29.07
N THR A 144 9.08 11.95 -28.61
CA THR A 144 8.02 12.84 -28.16
C THR A 144 7.03 13.11 -29.29
N ASN A 145 7.56 13.43 -30.48
CA ASN A 145 6.72 13.71 -31.64
C ASN A 145 5.92 12.47 -32.08
N ILE A 146 6.57 11.31 -32.10
CA ILE A 146 5.88 10.06 -32.45
C ILE A 146 4.69 9.81 -31.52
N LEU A 147 4.91 9.92 -30.22
CA LEU A 147 3.85 9.72 -29.23
C LEU A 147 2.72 10.74 -29.38
N ALA A 148 3.05 11.96 -29.81
CA ALA A 148 2.06 13.03 -29.92
C ALA A 148 1.14 12.91 -31.15
N SER A 149 1.72 12.60 -32.30
CA SER A 149 1.00 12.68 -33.59
C SER A 149 0.65 11.34 -34.24
N SER A 150 1.39 10.27 -33.93
CA SER A 150 1.15 8.96 -34.53
C SER A 150 -0.14 8.34 -34.01
N ARG A 151 -0.90 7.75 -34.92
CA ARG A 151 -2.15 7.04 -34.60
C ARG A 151 -2.07 5.58 -35.01
N SER A 152 -0.86 5.09 -35.22
CA SER A 152 -0.60 3.69 -35.51
C SER A 152 -0.28 2.99 -34.20
N TYR A 153 -1.06 1.97 -33.86
CA TYR A 153 -0.86 1.23 -32.62
C TYR A 153 0.57 0.69 -32.51
N ALA A 154 1.03 0.04 -33.58
CA ALA A 154 2.34 -0.62 -33.59
C ALA A 154 3.48 0.38 -33.44
N MET A 155 3.41 1.49 -34.16
CA MET A 155 4.46 2.53 -34.09
C MET A 155 4.53 3.14 -32.70
N LEU A 156 3.36 3.47 -32.15
CA LEU A 156 3.29 4.01 -30.79
C LEU A 156 3.90 3.05 -29.77
N LEU A 157 3.60 1.76 -29.92
CA LEU A 157 4.09 0.74 -29.00
C LEU A 157 5.60 0.62 -29.08
N PHE A 158 6.14 0.55 -30.29
CA PHE A 158 7.58 0.44 -30.48
C PHE A 158 8.32 1.58 -29.82
N ALA A 159 7.78 2.79 -29.92
CA ALA A 159 8.36 3.95 -29.28
C ALA A 159 8.29 3.83 -27.75
N TRP A 160 7.13 3.46 -27.23
CA TRP A 160 6.91 3.32 -25.78
C TRP A 160 7.80 2.24 -25.17
N GLU A 161 7.82 1.07 -25.80
CA GLU A 161 8.60 -0.07 -25.31
C GLU A 161 10.10 0.21 -25.44
N GLY A 162 10.50 0.78 -26.57
CA GLY A 162 11.90 1.11 -26.82
C GLY A 162 12.47 2.07 -25.79
N TRP A 163 11.71 3.13 -25.48
CA TRP A 163 12.18 4.12 -24.52
C TRP A 163 12.29 3.55 -23.11
N HIS A 164 11.29 2.79 -22.68
CA HIS A 164 11.28 2.22 -21.32
C HIS A 164 12.40 1.20 -21.12
N ASN A 165 12.64 0.37 -22.13
CA ASN A 165 13.78 -0.57 -22.09
C ASN A 165 15.13 0.15 -22.11
N ALA A 166 15.24 1.19 -22.95
CA ALA A 166 16.50 1.92 -23.12
C ALA A 166 16.90 2.72 -21.89
N ALA A 167 15.95 3.47 -21.33
CA ALA A 167 16.21 4.28 -20.14
C ALA A 167 16.17 3.43 -18.86
N GLY A 168 15.12 2.63 -18.71
CA GLY A 168 14.85 1.91 -17.46
C GLY A 168 15.89 0.88 -17.04
N ILE A 169 16.13 -0.11 -17.90
CA ILE A 169 16.92 -1.29 -17.53
C ILE A 169 18.32 -0.97 -16.97
N PRO A 170 19.12 -0.16 -17.68
CA PRO A 170 20.45 0.17 -17.14
C PRO A 170 20.45 1.05 -15.88
N LEU A 171 19.34 1.74 -15.61
CA LEU A 171 19.24 2.62 -14.44
C LEU A 171 19.04 1.89 -13.12
N LYS A 172 18.45 0.69 -13.15
CA LYS A 172 18.04 0.00 -11.92
C LYS A 172 19.18 -0.23 -10.91
N PRO A 173 20.28 -0.89 -11.33
CA PRO A 173 21.36 -1.14 -10.36
C PRO A 173 21.90 0.15 -9.71
N LEU A 174 21.99 1.21 -10.48
CA LEU A 174 22.49 2.50 -9.97
C LEU A 174 21.52 3.16 -8.99
N TYR A 175 20.22 3.06 -9.26
CA TYR A 175 19.20 3.64 -8.40
C TYR A 175 19.11 2.95 -7.03
N GLU A 176 19.39 1.64 -7.00
CA GLU A 176 19.43 0.89 -5.75
C GLU A 176 20.50 1.42 -4.81
N ASP A 177 21.69 1.68 -5.37
CA ASP A 177 22.82 2.18 -4.60
C ASP A 177 22.58 3.60 -4.09
N PHE A 178 21.93 4.43 -4.91
CA PHE A 178 21.63 5.80 -4.52
C PHE A 178 20.67 5.86 -3.33
N THR A 179 19.61 5.07 -3.38
CA THR A 179 18.58 5.05 -2.34
C THR A 179 19.17 4.72 -0.96
N ALA A 180 20.10 3.76 -0.93
CA ALA A 180 20.78 3.38 0.30
C ALA A 180 21.65 4.51 0.84
N LEU A 181 22.43 5.13 -0.04
CA LEU A 181 23.30 6.26 0.33
C LEU A 181 22.48 7.47 0.78
N SER A 182 21.38 7.74 0.10
CA SER A 182 20.52 8.88 0.43
C SER A 182 19.90 8.72 1.81
N ASN A 183 19.42 7.52 2.13
CA ASN A 183 18.82 7.25 3.44
C ASN A 183 19.83 7.32 4.57
N GLU A 184 21.01 6.73 4.35
CA GLU A 184 22.09 6.77 5.32
C GLU A 184 22.43 8.22 5.68
N ALA A 185 22.46 9.08 4.68
CA ALA A 185 22.78 10.49 4.87
C ALA A 185 21.72 11.19 5.73
N TYR A 186 20.46 11.05 5.36
CA TYR A 186 19.38 11.79 6.03
C TYR A 186 18.90 11.19 7.35
N LYS A 187 19.30 9.95 7.64
CA LYS A 187 18.99 9.34 8.94
C LYS A 187 19.77 9.99 10.08
N GLN A 188 21.00 10.42 9.78
CA GLN A 188 21.83 11.13 10.76
C GLN A 188 21.32 12.55 11.06
N ASP A 189 20.46 13.08 10.20
CA ASP A 189 19.79 14.37 10.45
C ASP A 189 18.54 14.21 11.32
N GLY A 190 18.14 12.98 11.60
CA GLY A 190 17.00 12.70 12.48
C GLY A 190 15.73 12.31 11.75
N PHE A 191 15.81 12.15 10.43
CA PHE A 191 14.65 11.74 9.64
C PHE A 191 14.65 10.22 9.50
N THR A 192 13.45 9.64 9.43
CA THR A 192 13.29 8.20 9.24
C THR A 192 13.92 7.74 7.94
N ASP A 193 13.66 8.51 6.88
CA ASP A 193 14.28 8.27 5.57
C ASP A 193 14.22 9.55 4.73
N THR A 194 14.90 9.51 3.58
CA THR A 194 14.90 10.63 2.64
C THR A 194 13.49 11.12 2.30
N GLY A 195 12.55 10.19 2.15
CA GLY A 195 11.16 10.53 1.87
C GLY A 195 10.57 11.43 2.94
N ALA A 196 10.87 11.14 4.20
CA ALA A 196 10.40 11.96 5.32
C ALA A 196 10.99 13.37 5.26
N TYR A 197 12.26 13.47 4.85
CA TYR A 197 12.90 14.78 4.66
C TYR A 197 12.19 15.60 3.59
N TRP A 198 11.90 14.96 2.46
CA TRP A 198 11.22 15.61 1.34
C TRP A 198 9.85 16.14 1.75
N ARG A 199 9.08 15.33 2.48
CA ARG A 199 7.74 15.73 2.94
C ARG A 199 7.77 16.88 3.95
N SER A 200 8.89 17.05 4.66
CA SER A 200 9.01 18.06 5.70
C SER A 200 9.06 19.49 5.17
N TRP A 201 9.38 19.64 3.88
CA TRP A 201 9.44 20.96 3.24
C TRP A 201 8.08 21.66 3.22
N TYR A 202 7.01 20.89 3.32
CA TYR A 202 5.65 21.43 3.33
C TYR A 202 5.18 21.77 4.75
N ASN A 203 6.02 21.48 5.74
CA ASN A 203 5.79 21.87 7.13
C ASN A 203 4.33 21.78 7.54
N SER A 204 3.78 20.58 7.42
CA SER A 204 2.39 20.31 7.75
C SER A 204 2.34 18.98 8.49
N PRO A 205 1.76 18.98 9.71
CA PRO A 205 1.72 17.76 10.51
C PRO A 205 0.80 16.70 9.94
N THR A 206 -0.13 17.10 9.09
CA THR A 206 -1.16 16.22 8.54
C THR A 206 -1.12 16.23 7.00
N PHE A 207 0.08 16.27 6.44
CA PHE A 207 0.28 16.45 5.00
C PHE A 207 -0.35 15.36 4.14
N GLU A 208 -0.05 14.11 4.43
CA GLU A 208 -0.55 12.97 3.65
C GLU A 208 -2.08 12.83 3.74
N ASP A 209 -2.66 13.18 4.88
CA ASP A 209 -4.12 13.22 5.04
C ASP A 209 -4.76 14.29 4.16
N ASP A 210 -4.12 15.46 4.10
CA ASP A 210 -4.63 16.58 3.30
C ASP A 210 -4.63 16.27 1.81
N LEU A 211 -3.50 15.75 1.31
CA LEU A 211 -3.38 15.36 -0.09
C LEU A 211 -4.39 14.28 -0.45
N GLU A 212 -4.53 13.28 0.44
CA GLU A 212 -5.49 12.19 0.24
C GLU A 212 -6.92 12.71 0.22
N HIS A 213 -7.20 13.73 1.05
CA HIS A 213 -8.53 14.33 1.10
C HIS A 213 -8.83 15.12 -0.17
N LEU A 214 -7.84 15.82 -0.70
CA LEU A 214 -8.00 16.58 -1.95
C LEU A 214 -8.27 15.66 -3.14
N TYR A 215 -7.52 14.56 -3.24
CA TYR A 215 -7.67 13.65 -4.37
C TYR A 215 -9.04 12.97 -4.42
N GLN A 216 -9.60 12.67 -3.25
CA GLN A 216 -10.94 12.09 -3.17
C GLN A 216 -12.00 12.99 -3.79
N GLN A 217 -11.83 14.30 -3.63
CA GLN A 217 -12.73 15.29 -4.26
C GLN A 217 -12.49 15.42 -5.77
N LEU A 218 -11.25 15.14 -6.20
CA LEU A 218 -10.86 15.30 -7.60
C LEU A 218 -11.01 14.02 -8.42
N GLU A 219 -11.12 12.87 -7.75
CA GLU A 219 -11.21 11.58 -8.42
C GLU A 219 -12.42 11.42 -9.34
N PRO A 220 -13.62 11.87 -8.90
CA PRO A 220 -14.79 11.75 -9.77
C PRO A 220 -14.63 12.44 -11.12
N LEU A 221 -13.96 13.60 -11.13
CA LEU A 221 -13.66 14.32 -12.37
C LEU A 221 -12.77 13.49 -13.29
N TYR A 222 -11.69 12.94 -12.75
CA TYR A 222 -10.79 12.11 -13.54
C TYR A 222 -11.49 10.86 -14.09
N LEU A 223 -12.32 10.24 -13.26
CA LEU A 223 -13.03 9.02 -13.66
C LEU A 223 -13.93 9.24 -14.87
N ASN A 224 -14.67 10.35 -14.89
CA ASN A 224 -15.53 10.69 -16.02
C ASN A 224 -14.74 11.07 -17.27
N LEU A 225 -13.66 11.81 -17.11
CA LEU A 225 -12.77 12.13 -18.24
C LEU A 225 -12.15 10.86 -18.80
N HIS A 226 -11.60 10.03 -17.91
CA HIS A 226 -11.03 8.73 -18.25
C HIS A 226 -11.97 7.87 -19.11
N ALA A 227 -13.23 7.77 -18.66
CA ALA A 227 -14.23 6.97 -19.35
C ALA A 227 -14.54 7.52 -20.74
N PHE A 228 -14.72 8.84 -20.82
CA PHE A 228 -15.04 9.50 -22.08
C PHE A 228 -13.92 9.32 -23.10
N VAL A 229 -12.68 9.46 -22.64
CA VAL A 229 -11.51 9.29 -23.50
C VAL A 229 -11.33 7.83 -23.91
N ARG A 230 -11.62 6.90 -22.98
CA ARG A 230 -11.56 5.47 -23.27
C ARG A 230 -12.51 5.07 -24.41
N ARG A 231 -13.71 5.65 -24.39
CA ARG A 231 -14.71 5.40 -25.44
C ARG A 231 -14.22 5.86 -26.80
N ALA A 232 -13.58 7.04 -26.84
CA ALA A 232 -13.03 7.59 -28.09
C ALA A 232 -11.87 6.76 -28.63
N LEU A 233 -11.05 6.21 -27.73
CA LEU A 233 -9.96 5.34 -28.13
C LEU A 233 -10.50 3.99 -28.63
N HIS A 234 -11.60 3.54 -28.05
CA HIS A 234 -12.25 2.29 -28.46
C HIS A 234 -12.72 2.38 -29.91
N ARG A 235 -13.33 3.49 -30.28
CA ARG A 235 -13.78 3.71 -31.65
C ARG A 235 -12.61 3.74 -32.64
N ARG A 236 -11.48 4.30 -32.21
CA ARG A 236 -10.31 4.44 -33.07
C ARG A 236 -9.56 3.12 -33.24
N TYR A 237 -9.25 2.46 -32.13
CA TYR A 237 -8.35 1.30 -32.14
C TYR A 237 -9.05 -0.06 -32.08
N GLY A 238 -10.33 -0.06 -31.70
CA GLY A 238 -11.13 -1.28 -31.77
C GLY A 238 -11.26 -2.06 -30.48
N ASP A 239 -12.04 -3.13 -30.53
CA ASP A 239 -12.41 -3.91 -29.35
C ASP A 239 -11.29 -4.79 -28.82
N ARG A 240 -10.32 -5.12 -29.69
CA ARG A 240 -9.19 -5.98 -29.33
C ARG A 240 -8.18 -5.26 -28.44
N TYR A 241 -7.87 -4.02 -28.79
CA TYR A 241 -6.83 -3.25 -28.11
C TYR A 241 -7.38 -2.32 -27.01
N ILE A 242 -8.70 -2.16 -26.95
CA ILE A 242 -9.34 -1.33 -25.93
C ILE A 242 -10.45 -2.11 -25.22
N ASN A 243 -10.38 -2.13 -23.90
CA ASN A 243 -11.40 -2.75 -23.06
C ASN A 243 -12.17 -1.65 -22.34
N LEU A 244 -13.47 -1.56 -22.63
CA LEU A 244 -14.32 -0.49 -22.09
C LEU A 244 -14.56 -0.57 -20.58
N ARG A 245 -14.16 -1.68 -19.96
CA ARG A 245 -14.22 -1.82 -18.51
C ARG A 245 -12.84 -2.11 -17.88
N GLY A 246 -11.78 -1.91 -18.66
CA GLY A 246 -10.42 -2.13 -18.18
C GLY A 246 -9.57 -0.87 -18.30
N PRO A 247 -8.29 -0.95 -17.90
CA PRO A 247 -7.41 0.21 -17.97
C PRO A 247 -6.97 0.50 -19.40
N ILE A 248 -6.67 1.76 -19.67
CA ILE A 248 -6.28 2.20 -21.02
C ILE A 248 -4.80 1.88 -21.24
N PRO A 249 -4.44 1.28 -22.40
CA PRO A 249 -3.02 1.04 -22.67
C PRO A 249 -2.19 2.33 -22.64
N ALA A 250 -1.08 2.30 -21.89
CA ALA A 250 -0.36 3.52 -21.50
C ALA A 250 0.36 4.27 -22.62
N HIS A 251 0.32 3.74 -23.83
CA HIS A 251 1.02 4.34 -24.98
C HIS A 251 0.09 5.08 -25.94
N LEU A 252 -1.20 5.19 -25.59
CA LEU A 252 -2.20 5.72 -26.51
C LEU A 252 -2.68 7.14 -26.18
N LEU A 253 -2.24 7.70 -25.05
CA LEU A 253 -2.76 8.99 -24.59
C LEU A 253 -1.98 10.21 -25.11
N GLY A 254 -1.04 10.02 -26.03
CA GLY A 254 -0.35 11.12 -26.69
C GLY A 254 0.89 11.62 -25.96
N ASP A 255 1.37 10.82 -25.02
CA ASP A 255 2.46 11.25 -24.13
C ASP A 255 3.17 10.02 -23.60
N MET A 256 4.51 10.06 -23.58
CA MET A 256 5.33 8.92 -23.20
C MET A 256 4.94 8.32 -21.84
N TRP A 257 4.49 9.18 -20.92
CA TRP A 257 4.11 8.76 -19.57
C TRP A 257 2.61 8.89 -19.30
N ALA A 258 1.86 9.28 -20.32
CA ALA A 258 0.42 9.53 -20.19
C ALA A 258 0.12 10.54 -19.09
N GLN A 259 1.01 11.52 -18.92
CA GLN A 259 0.91 12.48 -17.82
C GLN A 259 -0.08 13.60 -18.15
N SER A 260 -0.09 14.05 -19.40
CA SER A 260 -1.11 14.97 -19.89
C SER A 260 -1.59 14.52 -21.27
N TRP A 261 -2.88 14.72 -21.55
CA TRP A 261 -3.55 14.10 -22.70
C TRP A 261 -3.87 15.04 -23.87
N GLU A 262 -3.38 16.28 -23.84
CA GLU A 262 -3.78 17.28 -24.85
C GLU A 262 -3.56 16.86 -26.31
N ASN A 263 -2.56 16.01 -26.57
CA ASN A 263 -2.25 15.57 -27.94
C ASN A 263 -3.31 14.66 -28.60
N ILE A 264 -4.27 14.16 -27.83
CA ILE A 264 -5.40 13.40 -28.40
C ILE A 264 -6.70 14.21 -28.41
N TYR A 265 -6.58 15.53 -28.28
CA TYR A 265 -7.74 16.43 -28.29
C TYR A 265 -8.57 16.30 -29.57
N ASP A 266 -7.88 16.22 -30.70
CA ASP A 266 -8.55 16.05 -32.01
C ASP A 266 -9.42 14.80 -32.09
N MET A 267 -8.97 13.70 -31.47
CA MET A 267 -9.73 12.45 -31.46
C MET A 267 -10.98 12.50 -30.57
N VAL A 268 -10.98 13.39 -29.59
CA VAL A 268 -12.02 13.39 -28.55
C VAL A 268 -12.81 14.70 -28.46
N VAL A 269 -12.64 15.58 -29.44
CA VAL A 269 -13.30 16.89 -29.45
C VAL A 269 -14.83 16.76 -29.43
N PRO A 270 -15.51 17.44 -28.48
CA PRO A 270 -16.97 17.33 -28.37
C PRO A 270 -17.71 17.83 -29.61
N PHE A 271 -17.45 19.08 -29.99
CA PHE A 271 -18.14 19.71 -31.12
C PHE A 271 -17.14 20.16 -32.17
N PRO A 272 -16.74 19.25 -33.08
CA PRO A 272 -15.78 19.62 -34.13
C PRO A 272 -16.34 20.60 -35.17
N ASP A 273 -15.53 20.95 -36.16
CA ASP A 273 -15.88 21.93 -37.21
C ASP A 273 -15.75 23.38 -36.75
N LYS A 274 -15.84 23.61 -35.44
CA LYS A 274 -15.57 24.93 -34.85
C LYS A 274 -14.08 25.27 -34.97
N PRO A 275 -13.72 26.54 -34.79
CA PRO A 275 -12.30 26.90 -34.82
C PRO A 275 -11.45 26.00 -33.91
N ASN A 276 -10.41 25.40 -34.46
CA ASN A 276 -9.56 24.49 -33.70
C ASN A 276 -8.83 25.23 -32.58
N LEU A 277 -9.16 24.90 -31.34
CA LEU A 277 -8.56 25.56 -30.17
C LEU A 277 -7.10 25.18 -29.95
N ASP A 278 -6.67 24.07 -30.55
CA ASP A 278 -5.24 23.76 -30.62
C ASP A 278 -4.63 24.62 -31.72
N VAL A 279 -3.92 25.66 -31.32
CA VAL A 279 -3.39 26.66 -32.26
C VAL A 279 -2.01 26.31 -32.83
N THR A 280 -1.64 25.02 -32.76
CA THR A 280 -0.31 24.59 -33.17
C THR A 280 -0.06 24.82 -34.67
N SER A 281 -1.05 24.47 -35.50
CA SER A 281 -0.91 24.63 -36.96
C SER A 281 -0.84 26.09 -37.38
N THR A 282 -1.54 26.97 -36.64
CA THR A 282 -1.47 28.42 -36.89
C THR A 282 -0.09 28.97 -36.54
N MET A 283 0.47 28.51 -35.42
CA MET A 283 1.82 28.91 -35.01
C MET A 283 2.85 28.57 -36.09
N LEU A 284 2.77 27.36 -36.63
CA LEU A 284 3.67 26.92 -37.71
C LEU A 284 3.41 27.69 -39.01
N GLN A 285 2.14 27.91 -39.33
CA GLN A 285 1.74 28.69 -40.51
C GLN A 285 2.29 30.12 -40.45
N GLN A 286 2.13 30.76 -39.29
CA GLN A 286 2.61 32.13 -39.09
C GLN A 286 4.13 32.23 -38.94
N GLY A 287 4.79 31.09 -38.71
CA GLY A 287 6.24 31.03 -38.66
C GLY A 287 6.84 31.36 -37.30
N TRP A 288 6.16 30.95 -36.23
CA TRP A 288 6.64 31.17 -34.87
C TRP A 288 7.92 30.36 -34.63
N ASN A 289 8.88 30.97 -33.95
CA ASN A 289 10.09 30.29 -33.51
C ASN A 289 10.21 30.35 -32.00
N ALA A 290 11.23 29.70 -31.46
CA ALA A 290 11.48 29.71 -30.02
C ALA A 290 11.55 31.14 -29.46
N THR A 291 12.33 31.99 -30.11
CA THR A 291 12.51 33.37 -29.66
C THR A 291 11.19 34.14 -29.53
N HIS A 292 10.26 33.90 -30.44
CA HIS A 292 8.93 34.52 -30.38
C HIS A 292 8.16 34.07 -29.15
N MET A 293 8.25 32.78 -28.83
CA MET A 293 7.47 32.20 -27.74
C MET A 293 7.89 32.76 -26.38
N PHE A 294 9.19 32.90 -26.17
CA PHE A 294 9.70 33.45 -24.90
C PHE A 294 9.39 34.93 -24.72
N ARG A 295 9.43 35.69 -25.82
CA ARG A 295 9.13 37.12 -25.78
C ARG A 295 7.64 37.38 -25.58
N VAL A 296 6.79 36.54 -26.17
CA VAL A 296 5.35 36.60 -25.92
C VAL A 296 5.06 36.32 -24.45
N ALA A 297 5.76 35.35 -23.88
CA ALA A 297 5.64 35.04 -22.45
C ALA A 297 6.11 36.23 -21.60
N GLU A 298 7.28 36.76 -21.91
CA GLU A 298 7.85 37.92 -21.22
C GLU A 298 6.88 39.10 -21.17
N GLU A 299 6.28 39.43 -22.30
CA GLU A 299 5.35 40.56 -22.40
C GLU A 299 4.19 40.41 -21.43
N PHE A 300 3.69 39.19 -21.26
CA PHE A 300 2.59 38.92 -20.31
C PHE A 300 2.98 39.31 -18.89
N PHE A 301 4.18 38.90 -18.46
CA PHE A 301 4.69 39.25 -17.13
C PHE A 301 4.85 40.75 -16.93
N THR A 302 5.38 41.44 -17.93
CA THR A 302 5.58 42.90 -17.85
C THR A 302 4.24 43.66 -17.90
N SER A 303 3.23 43.08 -18.56
CA SER A 303 1.89 43.69 -18.57
C SER A 303 1.26 43.72 -17.17
N LEU A 304 1.70 42.80 -16.31
CA LEU A 304 1.31 42.80 -14.89
C LEU A 304 2.29 43.62 -14.04
N GLU A 305 3.19 44.35 -14.70
CA GLU A 305 4.24 45.13 -14.04
C GLU A 305 5.19 44.28 -13.19
N LEU A 306 5.39 43.03 -13.61
CA LEU A 306 6.45 42.21 -13.06
C LEU A 306 7.71 42.45 -13.91
N SER A 307 8.83 41.86 -13.50
CA SER A 307 10.11 42.15 -14.12
C SER A 307 10.29 41.49 -15.49
N PRO A 308 10.93 42.21 -16.43
CA PRO A 308 11.33 41.58 -17.69
C PRO A 308 12.58 40.73 -17.50
N MET A 309 12.85 39.84 -18.44
CA MET A 309 14.04 39.01 -18.39
C MET A 309 15.25 39.90 -18.60
N PRO A 310 16.26 39.80 -17.72
CA PRO A 310 17.45 40.65 -17.88
C PRO A 310 18.34 40.24 -19.06
N PRO A 311 19.30 41.11 -19.45
CA PRO A 311 20.25 40.81 -20.53
C PRO A 311 20.97 39.48 -20.41
N GLU A 312 21.36 39.12 -19.19
CA GLU A 312 22.10 37.89 -18.92
C GLU A 312 21.31 36.65 -19.34
N PHE A 313 19.98 36.73 -19.19
CA PHE A 313 19.09 35.64 -19.57
C PHE A 313 19.10 35.38 -21.08
N TRP A 314 18.97 36.44 -21.86
CA TRP A 314 18.97 36.32 -23.32
C TRP A 314 20.35 35.93 -23.87
N GLU A 315 21.41 36.39 -23.20
CA GLU A 315 22.78 36.02 -23.57
C GLU A 315 23.09 34.56 -23.26
N GLY A 316 22.65 34.10 -22.10
CA GLY A 316 23.11 32.83 -21.55
C GLY A 316 22.21 31.63 -21.78
N SER A 317 20.92 31.86 -21.97
CA SER A 317 19.95 30.77 -22.08
C SER A 317 20.20 29.91 -23.34
N MET A 318 19.74 28.67 -23.27
CA MET A 318 19.72 27.78 -24.43
C MET A 318 18.26 27.48 -24.77
N LEU A 319 17.74 28.16 -25.79
CA LEU A 319 16.31 28.11 -26.11
C LEU A 319 15.97 27.17 -27.26
N GLU A 320 16.99 26.57 -27.87
CA GLU A 320 16.82 25.58 -28.93
C GLU A 320 17.79 24.43 -28.73
N LYS A 321 17.45 23.26 -29.25
CA LYS A 321 18.37 22.13 -29.24
C LYS A 321 19.54 22.42 -30.17
N PRO A 322 20.79 22.36 -29.67
CA PRO A 322 21.96 22.61 -30.51
C PRO A 322 22.03 21.71 -31.74
N ALA A 323 22.41 22.29 -32.87
CA ALA A 323 22.61 21.55 -34.12
C ALA A 323 24.07 21.18 -34.34
N ASP A 324 24.91 21.41 -33.33
CA ASP A 324 26.34 21.10 -33.40
C ASP A 324 26.64 19.60 -33.28
N GLY A 325 25.62 18.81 -32.95
CA GLY A 325 25.79 17.40 -32.67
C GLY A 325 26.17 17.15 -31.21
N ARG A 326 26.02 18.17 -30.38
CA ARG A 326 26.28 18.04 -28.94
C ARG A 326 25.22 17.21 -28.28
N GLU A 327 25.57 16.62 -27.13
CA GLU A 327 24.63 15.84 -26.35
C GLU A 327 24.21 16.68 -25.15
N VAL A 328 22.92 16.98 -25.07
CA VAL A 328 22.38 17.87 -24.04
C VAL A 328 21.21 17.23 -23.31
N VAL A 329 20.97 17.69 -22.08
CA VAL A 329 19.75 17.36 -21.35
C VAL A 329 18.67 18.26 -21.93
N CYS A 330 17.65 17.66 -22.53
CA CYS A 330 16.61 18.46 -23.19
C CYS A 330 15.41 18.78 -22.32
N HIS A 331 15.31 18.15 -21.15
CA HIS A 331 14.23 18.46 -20.23
C HIS A 331 14.35 19.92 -19.78
N ALA A 332 13.30 20.69 -20.06
CA ALA A 332 13.28 22.13 -19.77
C ALA A 332 13.58 22.40 -18.30
N SER A 333 14.29 23.49 -18.03
CA SER A 333 14.66 23.84 -16.66
C SER A 333 14.97 25.32 -16.52
N ALA A 334 14.89 25.82 -15.28
CA ALA A 334 15.09 27.22 -14.99
C ALA A 334 16.18 27.35 -13.93
N TRP A 335 17.12 28.23 -14.16
CA TRP A 335 18.39 28.22 -13.43
C TRP A 335 18.66 29.52 -12.67
N ASP A 336 18.98 29.38 -11.39
CA ASP A 336 19.42 30.49 -10.55
C ASP A 336 20.85 30.20 -10.09
N PHE A 337 21.78 31.07 -10.50
CA PHE A 337 23.20 30.89 -10.19
C PHE A 337 23.62 31.55 -8.87
N TYR A 338 22.65 32.10 -8.14
CA TYR A 338 22.88 32.69 -6.81
C TYR A 338 23.95 33.78 -6.80
N ASN A 339 23.98 34.60 -7.85
CA ASN A 339 24.82 35.79 -7.90
C ASN A 339 23.99 37.05 -8.19
N ARG A 340 22.68 36.95 -7.96
CA ARG A 340 21.74 38.06 -8.15
C ARG A 340 21.87 38.76 -9.52
N LYS A 341 22.17 37.98 -10.56
CA LYS A 341 22.47 38.54 -11.87
C LYS A 341 22.21 37.54 -13.00
N ASP A 342 22.81 36.35 -12.91
CA ASP A 342 22.71 35.33 -13.94
C ASP A 342 21.53 34.40 -13.71
N PHE A 343 20.56 34.45 -14.62
CA PHE A 343 19.40 33.59 -14.60
C PHE A 343 19.18 33.08 -16.02
N ARG A 344 18.90 31.78 -16.17
CA ARG A 344 18.83 31.17 -17.50
C ARG A 344 17.77 30.09 -17.60
N ILE A 345 17.29 29.86 -18.81
CA ILE A 345 16.47 28.70 -19.14
C ILE A 345 17.22 27.83 -20.14
N LYS A 346 17.11 26.52 -19.95
CA LYS A 346 17.62 25.53 -20.87
C LYS A 346 16.41 24.73 -21.35
N GLN A 347 16.06 24.89 -22.62
CA GLN A 347 14.88 24.22 -23.17
C GLN A 347 15.09 23.90 -24.64
N CYS A 348 14.82 22.65 -25.03
CA CYS A 348 14.88 22.24 -26.42
C CYS A 348 13.53 22.53 -27.06
N THR A 349 13.26 23.82 -27.26
CA THR A 349 11.91 24.31 -27.59
C THR A 349 11.43 23.84 -28.96
N ARG A 350 10.21 23.32 -29.00
CA ARG A 350 9.51 22.99 -30.23
C ARG A 350 8.32 23.94 -30.36
N VAL A 351 7.91 24.21 -31.58
CA VAL A 351 6.83 25.16 -31.85
C VAL A 351 5.49 24.43 -31.76
N THR A 352 4.87 24.51 -30.59
CA THR A 352 3.58 23.84 -30.31
C THR A 352 2.87 24.59 -29.18
N MET A 353 1.55 24.42 -29.09
CA MET A 353 0.77 25.11 -28.06
C MET A 353 1.17 24.71 -26.64
N ASP A 354 1.39 23.40 -26.41
CA ASP A 354 1.77 22.91 -25.09
C ASP A 354 3.16 23.40 -24.67
N GLN A 355 4.05 23.59 -25.65
CA GLN A 355 5.37 24.14 -25.40
C GLN A 355 5.31 25.63 -25.04
N LEU A 356 4.38 26.36 -25.63
CA LEU A 356 4.18 27.77 -25.31
C LEU A 356 3.80 27.94 -23.83
N SER A 357 2.99 27.03 -23.31
CA SER A 357 2.64 27.03 -21.89
C SER A 357 3.81 26.52 -21.04
N THR A 358 4.59 25.58 -21.56
CA THR A 358 5.84 25.17 -20.89
C THR A 358 6.79 26.35 -20.76
N VAL A 359 6.91 27.16 -21.82
CA VAL A 359 7.72 28.38 -21.79
C VAL A 359 7.24 29.32 -20.67
N HIS A 360 5.93 29.51 -20.56
CA HIS A 360 5.35 30.29 -19.47
C HIS A 360 5.70 29.68 -18.12
N HIS A 361 5.55 28.36 -18.03
CA HIS A 361 5.86 27.64 -16.82
C HIS A 361 7.32 27.83 -16.39
N GLU A 362 8.25 27.72 -17.33
CA GLU A 362 9.67 27.93 -17.02
C GLU A 362 9.94 29.39 -16.65
N MET A 363 9.30 30.32 -17.35
CA MET A 363 9.49 31.74 -17.04
C MET A 363 8.92 32.15 -15.68
N GLY A 364 7.94 31.39 -15.19
CA GLY A 364 7.42 31.57 -13.85
C GLY A 364 8.48 31.34 -12.79
N HIS A 365 9.33 30.35 -13.00
CA HIS A 365 10.45 30.07 -12.10
C HIS A 365 11.39 31.26 -12.10
N ILE A 366 11.78 31.69 -13.30
CA ILE A 366 12.72 32.81 -13.46
C ILE A 366 12.16 34.05 -12.77
N GLN A 367 10.89 34.34 -13.02
CA GLN A 367 10.25 35.51 -12.40
C GLN A 367 10.36 35.44 -10.88
N TYR A 368 10.18 34.25 -10.32
CA TYR A 368 10.36 34.03 -8.89
C TYR A 368 11.78 34.39 -8.44
N TYR A 369 12.79 33.89 -9.16
CA TYR A 369 14.19 34.20 -8.84
C TYR A 369 14.41 35.71 -8.82
N LEU A 370 13.92 36.38 -9.86
CA LEU A 370 14.09 37.83 -10.01
C LEU A 370 13.47 38.61 -8.85
N GLN A 371 12.35 38.11 -8.32
CA GLN A 371 11.63 38.83 -7.25
C GLN A 371 12.23 38.65 -5.86
N TYR A 372 12.90 37.53 -5.59
CA TYR A 372 13.51 37.32 -4.27
C TYR A 372 15.04 37.31 -4.25
N LYS A 373 15.67 37.83 -5.29
CA LYS A 373 17.14 37.83 -5.37
C LYS A 373 17.81 38.69 -4.29
N ASP A 374 17.08 39.67 -3.76
CA ASP A 374 17.62 40.56 -2.72
C ASP A 374 17.58 39.93 -1.33
N LEU A 375 16.83 38.84 -1.18
CA LEU A 375 16.73 38.13 0.10
C LEU A 375 17.97 37.27 0.36
N PRO A 376 18.19 36.86 1.62
CA PRO A 376 19.31 35.97 1.94
C PRO A 376 19.14 34.56 1.36
N VAL A 377 20.27 33.94 1.01
CA VAL A 377 20.31 32.67 0.26
C VAL A 377 19.27 31.65 0.70
N SER A 378 19.18 31.41 2.00
CA SER A 378 18.27 30.40 2.55
C SER A 378 16.80 30.70 2.32
N LEU A 379 16.47 31.98 2.10
CA LEU A 379 15.09 32.38 1.83
C LEU A 379 14.78 32.48 0.32
N ARG A 380 15.75 32.16 -0.53
CA ARG A 380 15.53 32.19 -1.99
C ARG A 380 14.94 30.87 -2.48
N ARG A 381 13.75 30.57 -1.97
CA ARG A 381 12.97 29.41 -2.36
C ARG A 381 11.52 29.89 -2.43
N GLY A 382 10.62 29.04 -2.90
CA GLY A 382 9.19 29.35 -2.86
C GLY A 382 8.67 29.18 -1.45
N ALA A 383 7.46 29.66 -1.19
CA ALA A 383 6.81 29.43 0.10
C ALA A 383 6.78 27.93 0.39
N ASN A 384 6.43 27.16 -0.64
CA ASN A 384 6.81 25.75 -0.73
C ASN A 384 7.10 25.45 -2.20
N PRO A 385 7.73 24.30 -2.51
CA PRO A 385 8.06 24.05 -3.91
C PRO A 385 6.86 24.14 -4.87
N GLY A 386 5.68 23.75 -4.39
CA GLY A 386 4.44 23.89 -5.16
C GLY A 386 4.13 25.30 -5.62
N PHE A 387 4.48 26.30 -4.81
CA PHE A 387 4.32 27.71 -5.20
C PHE A 387 5.19 28.04 -6.41
N HIS A 388 6.41 27.51 -6.41
CA HIS A 388 7.38 27.77 -7.48
C HIS A 388 6.87 27.21 -8.82
N GLU A 389 6.24 26.04 -8.76
CA GLU A 389 5.73 25.34 -9.94
C GLU A 389 4.42 25.92 -10.46
N ALA A 390 3.75 26.75 -9.68
CA ALA A 390 2.40 27.21 -10.02
C ALA A 390 2.34 28.62 -10.62
N ILE A 391 3.43 29.37 -10.54
CA ILE A 391 3.44 30.78 -10.98
C ILE A 391 3.20 30.89 -12.48
N GLY A 392 4.03 30.19 -13.25
CA GLY A 392 3.93 30.21 -14.70
C GLY A 392 2.64 29.61 -15.22
N ASP A 393 2.15 28.58 -14.54
CA ASP A 393 0.90 27.92 -14.92
C ASP A 393 -0.33 28.82 -14.73
N VAL A 394 -0.29 29.67 -13.72
CA VAL A 394 -1.41 30.60 -13.45
C VAL A 394 -1.62 31.56 -14.62
N LEU A 395 -0.53 32.13 -15.12
CA LEU A 395 -0.60 33.03 -16.27
C LEU A 395 -1.04 32.28 -17.52
N ALA A 396 -0.54 31.05 -17.68
CA ALA A 396 -0.90 30.22 -18.84
C ALA A 396 -2.41 29.93 -18.96
N LEU A 397 -3.11 29.90 -17.83
CA LEU A 397 -4.57 29.72 -17.83
C LEU A 397 -5.23 30.88 -18.57
N SER A 398 -4.84 32.11 -18.23
CA SER A 398 -5.28 33.30 -18.94
C SER A 398 -4.90 33.25 -20.43
N VAL A 399 -3.65 32.91 -20.72
CA VAL A 399 -3.15 32.85 -22.09
C VAL A 399 -3.95 31.89 -22.97
N SER A 400 -4.28 30.73 -22.42
CA SER A 400 -4.97 29.69 -23.17
C SER A 400 -6.42 30.04 -23.55
N THR A 401 -7.02 31.03 -22.88
CA THR A 401 -8.40 31.42 -23.17
C THR A 401 -8.53 31.87 -24.63
N PRO A 402 -9.57 31.39 -25.34
CA PRO A 402 -9.78 31.76 -26.74
C PRO A 402 -9.80 33.27 -27.02
N GLU A 403 -10.24 34.07 -26.04
CA GLU A 403 -10.23 35.52 -26.15
C GLU A 403 -8.81 36.06 -26.22
N HIS A 404 -7.93 35.57 -25.35
CA HIS A 404 -6.53 36.00 -25.36
C HIS A 404 -5.80 35.49 -26.59
N LEU A 405 -6.07 34.24 -27.00
CA LEU A 405 -5.48 33.69 -28.21
C LEU A 405 -5.84 34.54 -29.44
N HIS A 406 -7.06 35.06 -29.46
CA HIS A 406 -7.47 36.00 -30.50
C HIS A 406 -6.65 37.29 -30.46
N LYS A 407 -6.43 37.81 -29.25
CA LYS A 407 -5.68 39.06 -29.07
C LYS A 407 -4.22 38.97 -29.54
N ILE A 408 -3.60 37.81 -29.37
CA ILE A 408 -2.23 37.60 -29.84
C ILE A 408 -2.14 37.00 -31.24
N GLY A 409 -3.30 36.89 -31.91
CA GLY A 409 -3.37 36.55 -33.33
C GLY A 409 -3.36 35.08 -33.69
N LEU A 410 -3.65 34.21 -32.73
CA LEU A 410 -3.59 32.75 -32.94
C LEU A 410 -4.96 32.09 -33.17
N LEU A 411 -6.04 32.85 -33.04
CA LEU A 411 -7.39 32.32 -33.24
C LEU A 411 -8.27 33.38 -33.90
N ASP A 412 -8.82 33.05 -35.05
CA ASP A 412 -9.48 34.04 -35.92
C ASP A 412 -10.87 34.48 -35.46
N ARG A 413 -11.57 33.61 -34.74
CA ARG A 413 -12.91 33.95 -34.23
C ARG A 413 -13.28 33.12 -33.00
N VAL A 414 -14.10 33.71 -32.13
CA VAL A 414 -14.61 33.01 -30.95
C VAL A 414 -16.08 33.36 -30.73
N THR A 415 -16.97 32.55 -31.30
CA THR A 415 -18.41 32.69 -31.05
C THR A 415 -18.72 32.18 -29.65
N ASN A 416 -19.07 33.09 -28.76
CA ASN A 416 -19.29 32.77 -27.35
C ASN A 416 -20.59 32.01 -27.12
N ASP A 417 -20.56 30.70 -27.41
CA ASP A 417 -21.71 29.83 -27.21
C ASP A 417 -21.34 28.60 -26.39
N THR A 418 -22.36 27.86 -25.97
CA THR A 418 -22.19 26.71 -25.07
C THR A 418 -21.26 25.61 -25.61
N GLU A 419 -21.26 25.42 -26.93
CA GLU A 419 -20.48 24.36 -27.57
C GLU A 419 -18.98 24.67 -27.62
N SER A 420 -18.64 25.94 -27.91
CA SER A 420 -17.24 26.38 -27.85
C SER A 420 -16.70 26.32 -26.42
N ASP A 421 -17.59 26.57 -25.46
CA ASP A 421 -17.26 26.55 -24.04
C ASP A 421 -16.91 25.15 -23.53
N ILE A 422 -17.54 24.13 -24.13
CA ILE A 422 -17.29 22.73 -23.78
C ILE A 422 -16.02 22.24 -24.49
N ASN A 423 -15.83 22.66 -25.74
CA ASN A 423 -14.60 22.37 -26.48
C ASN A 423 -13.34 22.83 -25.72
N TYR A 424 -13.39 24.03 -25.18
CA TYR A 424 -12.23 24.60 -24.45
C TYR A 424 -11.98 23.87 -23.13
N LEU A 425 -13.02 23.78 -22.30
CA LEU A 425 -12.90 23.16 -20.97
C LEU A 425 -12.47 21.69 -21.02
N LEU A 426 -12.80 20.99 -22.10
CA LEU A 426 -12.31 19.62 -22.27
C LEU A 426 -10.82 19.63 -22.59
N LYS A 427 -10.40 20.56 -23.44
CA LYS A 427 -8.99 20.70 -23.79
C LYS A 427 -8.17 20.97 -22.52
N MET A 428 -8.66 21.87 -21.67
CA MET A 428 -8.01 22.18 -20.41
C MET A 428 -8.06 21.00 -19.44
N ALA A 429 -9.13 20.21 -19.52
CA ALA A 429 -9.24 18.99 -18.72
C ALA A 429 -8.18 17.96 -19.09
N LEU A 430 -7.94 17.80 -20.39
CA LEU A 430 -6.92 16.87 -20.90
C LEU A 430 -5.51 17.26 -20.45
N GLU A 431 -5.30 18.55 -20.20
CA GLU A 431 -4.03 19.07 -19.73
C GLU A 431 -3.94 19.03 -18.20
N LYS A 432 -5.01 19.43 -17.52
CA LYS A 432 -5.00 19.66 -16.08
C LYS A 432 -5.55 18.49 -15.26
N ILE A 433 -6.72 17.98 -15.63
CA ILE A 433 -7.37 16.92 -14.85
C ILE A 433 -6.65 15.59 -15.03
N ALA A 434 -6.23 15.30 -16.27
CA ALA A 434 -5.56 14.04 -16.58
C ALA A 434 -4.25 13.84 -15.80
N PHE A 435 -3.55 14.95 -15.54
CA PHE A 435 -2.28 14.91 -14.82
C PHE A 435 -2.38 14.56 -13.34
N LEU A 436 -3.49 14.94 -12.70
CA LEU A 436 -3.63 14.84 -11.24
C LEU A 436 -3.20 13.49 -10.62
N PRO A 437 -3.70 12.37 -11.16
CA PRO A 437 -3.28 11.08 -10.59
C PRO A 437 -1.77 10.80 -10.71
N PHE A 438 -1.15 11.22 -11.81
CA PHE A 438 0.27 10.99 -12.04
C PHE A 438 1.12 11.84 -11.11
N GLY A 439 0.75 13.12 -10.98
CA GLY A 439 1.40 14.03 -10.04
C GLY A 439 1.38 13.50 -8.62
N TYR A 440 0.26 12.84 -8.28
CA TYR A 440 0.06 12.28 -6.95
C TYR A 440 0.85 10.99 -6.72
N LEU A 441 0.93 10.13 -7.75
CA LEU A 441 1.46 8.77 -7.56
C LEU A 441 3.01 8.65 -7.58
N VAL A 442 3.69 9.51 -8.32
CA VAL A 442 5.14 9.36 -8.49
C VAL A 442 5.86 9.35 -7.14
N ASP A 443 5.58 10.34 -6.30
CA ASP A 443 6.23 10.40 -4.99
C ASP A 443 5.74 9.34 -4.01
N GLN A 444 4.49 8.89 -4.15
CA GLN A 444 4.01 7.74 -3.37
C GLN A 444 4.88 6.51 -3.64
N TRP A 445 5.21 6.29 -4.91
CA TRP A 445 6.16 5.24 -5.26
C TRP A 445 7.52 5.47 -4.59
N ARG A 446 8.02 6.70 -4.61
CA ARG A 446 9.33 7.02 -4.04
C ARG A 446 9.35 7.01 -2.52
N TRP A 447 8.25 7.41 -1.89
CA TRP A 447 8.15 7.34 -0.43
C TRP A 447 8.20 5.90 0.05
N GLY A 448 7.65 4.99 -0.75
CA GLY A 448 7.71 3.56 -0.44
C GLY A 448 9.09 2.97 -0.63
N VAL A 449 9.81 3.46 -1.64
CA VAL A 449 11.17 2.99 -1.92
C VAL A 449 12.11 3.46 -0.81
N PHE A 450 12.06 4.75 -0.49
CA PHE A 450 12.88 5.29 0.60
C PHE A 450 12.56 4.65 1.96
N SER A 451 11.28 4.46 2.26
CA SER A 451 10.88 3.88 3.55
C SER A 451 11.21 2.39 3.69
N GLY A 452 11.52 1.73 2.57
CA GLY A 452 11.87 0.31 2.58
C GLY A 452 10.69 -0.59 2.22
N ARG A 453 9.49 -0.01 2.14
CA ARG A 453 8.28 -0.74 1.75
C ARG A 453 8.46 -1.41 0.38
N THR A 454 9.08 -0.69 -0.55
CA THR A 454 9.31 -1.20 -1.90
C THR A 454 10.79 -1.47 -2.12
N PRO A 455 11.23 -2.71 -1.87
CA PRO A 455 12.62 -3.06 -2.20
C PRO A 455 12.81 -3.20 -3.71
N PRO A 456 14.09 -3.32 -4.16
CA PRO A 456 14.40 -3.51 -5.59
C PRO A 456 13.61 -4.62 -6.27
N SER A 457 13.31 -5.69 -5.54
CA SER A 457 12.55 -6.82 -6.08
C SER A 457 11.07 -6.48 -6.36
N ARG A 458 10.62 -5.32 -5.93
CA ARG A 458 9.24 -4.87 -6.15
C ARG A 458 9.14 -3.48 -6.81
N TYR A 459 10.23 -3.00 -7.42
CA TYR A 459 10.23 -1.66 -8.03
C TYR A 459 9.13 -1.50 -9.08
N ASN A 460 9.08 -2.43 -10.03
CA ASN A 460 8.14 -2.32 -11.15
C ASN A 460 6.74 -2.77 -10.75
N PHE A 461 6.66 -3.80 -9.89
CA PHE A 461 5.41 -4.32 -9.34
C PHE A 461 4.64 -3.20 -8.65
N ASP A 462 5.32 -2.47 -7.77
CA ASP A 462 4.69 -1.35 -7.05
C ASP A 462 4.42 -0.15 -7.95
N TRP A 463 5.27 0.10 -8.94
CA TRP A 463 5.05 1.18 -9.89
C TRP A 463 3.76 0.99 -10.68
N TRP A 464 3.56 -0.21 -11.21
CA TRP A 464 2.37 -0.48 -12.03
C TRP A 464 1.07 -0.68 -11.23
N TYR A 465 1.20 -1.06 -9.95
CA TYR A 465 0.06 -1.04 -9.04
C TYR A 465 -0.46 0.40 -8.94
N LEU A 466 0.45 1.34 -8.64
CA LEU A 466 0.07 2.74 -8.47
C LEU A 466 -0.41 3.36 -9.78
N ARG A 467 0.24 3.00 -10.89
CA ARG A 467 -0.19 3.45 -12.21
C ARG A 467 -1.60 2.99 -12.54
N THR A 468 -1.92 1.74 -12.24
CA THR A 468 -3.26 1.18 -12.47
C THR A 468 -4.28 1.76 -11.49
N LYS A 469 -3.92 1.81 -10.21
CA LYS A 469 -4.79 2.33 -9.15
C LYS A 469 -5.27 3.77 -9.42
N TYR A 470 -4.37 4.63 -9.85
CA TYR A 470 -4.68 6.05 -9.96
C TYR A 470 -5.03 6.49 -11.38
N GLN A 471 -4.14 6.18 -12.34
CA GLN A 471 -4.33 6.63 -13.71
C GLN A 471 -5.28 5.72 -14.50
N GLY A 472 -5.47 4.49 -14.05
CA GLY A 472 -6.26 3.53 -14.81
C GLY A 472 -5.62 3.19 -16.13
N ILE A 473 -4.32 2.90 -16.10
CA ILE A 473 -3.58 2.49 -17.31
C ILE A 473 -2.83 1.18 -17.07
N CYS A 474 -2.56 0.46 -18.15
CA CYS A 474 -1.85 -0.81 -18.09
C CYS A 474 -0.70 -0.80 -19.08
N PRO A 475 0.35 -1.59 -18.80
CA PRO A 475 1.48 -1.61 -19.72
C PRO A 475 1.11 -2.29 -21.04
N PRO A 476 1.44 -1.67 -22.18
CA PRO A 476 1.08 -2.23 -23.49
C PRO A 476 1.76 -3.58 -23.81
N VAL A 477 2.84 -3.89 -23.12
CA VAL A 477 3.49 -5.20 -23.21
C VAL A 477 3.81 -5.69 -21.81
N THR A 478 4.13 -6.98 -21.70
CA THR A 478 4.42 -7.60 -20.41
C THR A 478 5.71 -7.02 -19.82
N ARG A 479 5.67 -6.72 -18.52
CA ARG A 479 6.83 -6.18 -17.81
C ARG A 479 7.14 -7.06 -16.59
N ASN A 480 8.44 -7.22 -16.31
CA ASN A 480 8.93 -7.97 -15.15
C ASN A 480 9.94 -7.11 -14.39
N GLU A 481 10.56 -7.66 -13.34
CA GLU A 481 11.45 -6.86 -12.50
C GLU A 481 12.86 -6.59 -13.06
N THR A 482 13.13 -7.04 -14.29
CA THR A 482 14.33 -6.57 -15.01
C THR A 482 14.08 -5.16 -15.52
N HIS A 483 12.83 -4.89 -15.90
CA HIS A 483 12.42 -3.55 -16.31
C HIS A 483 12.33 -2.63 -15.10
N PHE A 484 12.49 -1.34 -15.35
CA PHE A 484 12.49 -0.32 -14.30
C PHE A 484 11.83 0.92 -14.88
N ASP A 485 10.50 0.85 -15.01
CA ASP A 485 9.74 1.84 -15.76
C ASP A 485 9.69 3.21 -15.09
N ALA A 486 9.89 3.26 -13.78
CA ALA A 486 9.96 4.53 -13.06
C ALA A 486 11.19 5.33 -13.47
N GLY A 487 12.29 4.64 -13.73
CA GLY A 487 13.52 5.29 -14.18
C GLY A 487 13.41 5.96 -15.55
N ALA A 488 12.41 5.56 -16.34
CA ALA A 488 12.16 6.20 -17.64
C ALA A 488 11.43 7.54 -17.54
N LYS A 489 11.16 8.02 -16.33
CA LYS A 489 10.62 9.35 -16.11
C LYS A 489 11.73 10.23 -15.54
N PHE A 490 12.01 11.34 -16.22
CA PHE A 490 13.17 12.20 -15.92
C PHE A 490 13.48 12.38 -14.43
N HIS A 491 12.46 12.69 -13.65
CA HIS A 491 12.64 13.12 -12.26
C HIS A 491 13.19 12.03 -11.33
N VAL A 492 12.96 10.77 -11.68
CA VAL A 492 13.40 9.66 -10.85
C VAL A 492 14.95 9.51 -10.87
N PRO A 493 15.57 9.30 -12.04
CA PRO A 493 17.03 9.29 -12.07
C PRO A 493 17.69 10.64 -11.71
N ASN A 494 17.02 11.75 -12.01
CA ASN A 494 17.52 13.08 -11.63
C ASN A 494 17.19 13.49 -10.19
N VAL A 495 16.56 12.58 -9.44
CA VAL A 495 16.34 12.78 -8.01
C VAL A 495 15.81 14.17 -7.68
N THR A 496 14.64 14.50 -8.23
CA THR A 496 13.95 15.73 -7.87
C THR A 496 12.48 15.41 -7.58
N PRO A 497 11.93 15.93 -6.46
CA PRO A 497 10.59 15.50 -6.03
C PRO A 497 9.47 15.89 -7.00
N TYR A 498 8.40 15.11 -6.99
CA TYR A 498 7.30 15.27 -7.94
C TYR A 498 5.98 15.75 -7.30
N ILE A 499 5.85 15.66 -5.98
CA ILE A 499 4.59 16.03 -5.29
C ILE A 499 4.23 17.52 -5.45
N ARG A 500 5.26 18.35 -5.59
CA ARG A 500 5.11 19.77 -5.92
C ARG A 500 4.19 20.04 -7.13
N TYR A 501 4.11 19.08 -8.05
CA TYR A 501 3.28 19.23 -9.24
C TYR A 501 1.80 18.99 -8.94
N PHE A 502 1.51 18.04 -8.04
CA PHE A 502 0.13 17.84 -7.59
C PHE A 502 -0.33 19.07 -6.81
N VAL A 503 0.50 19.51 -5.87
CA VAL A 503 0.24 20.72 -5.10
C VAL A 503 0.03 21.93 -6.03
N SER A 504 0.93 22.08 -6.99
CA SER A 504 0.88 23.18 -7.95
C SER A 504 -0.40 23.21 -8.77
N PHE A 505 -0.85 22.05 -9.22
CA PHE A 505 -2.04 21.95 -10.07
C PHE A 505 -3.33 22.25 -9.32
N VAL A 506 -3.34 22.00 -8.01
CA VAL A 506 -4.47 22.39 -7.16
C VAL A 506 -4.36 23.88 -6.87
N LEU A 507 -3.16 24.32 -6.51
CA LEU A 507 -2.91 25.69 -6.06
C LEU A 507 -3.09 26.74 -7.17
N GLN A 508 -2.74 26.40 -8.41
CA GLN A 508 -2.84 27.36 -9.52
C GLN A 508 -4.26 27.86 -9.77
N PHE A 509 -5.26 27.06 -9.41
CA PHE A 509 -6.66 27.47 -9.56
C PHE A 509 -7.14 28.31 -8.37
N GLN A 510 -6.61 28.06 -7.18
CA GLN A 510 -6.81 28.94 -6.03
C GLN A 510 -6.24 30.33 -6.32
N PHE A 511 -5.05 30.36 -6.92
CA PHE A 511 -4.40 31.61 -7.34
C PHE A 511 -5.20 32.31 -8.42
N HIS A 512 -5.60 31.56 -9.44
CA HIS A 512 -6.36 32.10 -10.57
C HIS A 512 -7.66 32.77 -10.14
N GLU A 513 -8.40 32.14 -9.24
CA GLU A 513 -9.64 32.72 -8.70
C GLU A 513 -9.37 34.01 -7.93
N ALA A 514 -8.32 34.01 -7.11
CA ALA A 514 -7.97 35.18 -6.31
C ALA A 514 -7.56 36.37 -7.17
N LEU A 515 -6.82 36.11 -8.25
CA LEU A 515 -6.34 37.17 -9.13
C LEU A 515 -7.43 37.75 -10.01
N CYS A 516 -8.37 36.91 -10.43
CA CYS A 516 -9.52 37.38 -11.22
C CYS A 516 -10.47 38.26 -10.40
N LYS A 517 -10.55 37.99 -9.10
CA LYS A 517 -11.28 38.87 -8.17
C LYS A 517 -10.61 40.25 -8.13
N GLU A 518 -9.29 40.24 -7.93
CA GLU A 518 -8.52 41.50 -7.87
C GLU A 518 -8.39 42.22 -9.22
N ALA A 519 -8.63 41.51 -10.31
CA ALA A 519 -8.70 42.14 -11.64
C ALA A 519 -10.05 42.83 -11.87
N GLY A 520 -10.99 42.63 -10.93
CA GLY A 520 -12.32 43.20 -11.06
C GLY A 520 -13.20 42.43 -12.03
N TYR A 521 -12.76 41.22 -12.39
CA TYR A 521 -13.48 40.40 -13.36
C TYR A 521 -14.69 39.75 -12.71
N GLU A 522 -15.74 39.59 -13.49
CA GLU A 522 -16.97 38.92 -13.07
C GLU A 522 -17.42 38.00 -14.20
N GLY A 523 -18.19 36.97 -13.84
CA GLY A 523 -18.63 35.97 -14.82
C GLY A 523 -17.81 34.70 -14.73
N PRO A 524 -17.96 33.79 -15.70
CA PRO A 524 -17.36 32.45 -15.61
C PRO A 524 -15.84 32.50 -15.45
N LEU A 525 -15.32 31.75 -14.48
CA LEU A 525 -13.91 31.80 -14.08
C LEU A 525 -12.96 31.32 -15.18
N HIS A 526 -13.44 30.42 -16.03
CA HIS A 526 -12.62 29.85 -17.11
C HIS A 526 -12.50 30.76 -18.33
N GLN A 527 -13.22 31.88 -18.35
CA GLN A 527 -13.12 32.87 -19.41
C GLN A 527 -12.41 34.15 -18.92
N CYS A 528 -11.72 34.05 -17.79
CA CYS A 528 -10.99 35.18 -17.22
C CYS A 528 -9.61 35.32 -17.84
N ASP A 529 -9.18 36.56 -18.04
CA ASP A 529 -7.82 36.87 -18.49
C ASP A 529 -7.28 38.02 -17.63
N ILE A 530 -6.19 37.77 -16.91
CA ILE A 530 -5.58 38.80 -16.06
C ILE A 530 -4.58 39.69 -16.81
N TYR A 531 -4.50 39.51 -18.13
CA TYR A 531 -3.60 40.30 -18.99
C TYR A 531 -3.77 41.79 -18.74
N ARG A 532 -2.64 42.49 -18.55
CA ARG A 532 -2.60 43.94 -18.31
C ARG A 532 -3.24 44.39 -16.99
N SER A 533 -3.47 43.48 -16.05
CA SER A 533 -4.02 43.84 -14.76
C SER A 533 -2.89 44.10 -13.76
N THR A 534 -2.53 45.37 -13.62
CA THR A 534 -1.48 45.80 -12.70
C THR A 534 -1.88 45.52 -11.25
N LYS A 535 -3.18 45.61 -10.98
CA LYS A 535 -3.73 45.32 -9.66
C LYS A 535 -3.52 43.85 -9.29
N ALA A 536 -3.84 42.96 -10.24
CA ALA A 536 -3.58 41.52 -10.06
C ALA A 536 -2.08 41.23 -9.96
N GLY A 537 -1.28 42.00 -10.69
CA GLY A 537 0.17 41.86 -10.66
C GLY A 537 0.81 42.30 -9.36
N ALA A 538 0.21 43.29 -8.70
CA ALA A 538 0.70 43.76 -7.40
C ALA A 538 0.46 42.72 -6.30
N LYS A 539 -0.57 41.91 -6.48
CA LYS A 539 -0.87 40.79 -5.58
C LYS A 539 0.16 39.67 -5.75
N LEU A 540 0.47 39.33 -7.00
CA LEU A 540 1.49 38.32 -7.29
C LEU A 540 2.89 38.75 -6.85
N ARG A 541 3.22 40.04 -7.02
CA ARG A 541 4.55 40.53 -6.65
C ARG A 541 4.86 40.29 -5.17
N LYS A 542 3.85 40.44 -4.32
CA LYS A 542 4.04 40.35 -2.86
C LYS A 542 4.36 38.92 -2.41
N VAL A 543 3.60 37.95 -2.93
CA VAL A 543 3.88 36.53 -2.64
C VAL A 543 5.24 36.10 -3.19
N LEU A 544 5.59 36.58 -4.39
CA LEU A 544 6.87 36.22 -5.01
C LEU A 544 8.05 36.83 -4.26
N GLN A 545 7.91 38.08 -3.81
CA GLN A 545 8.97 38.75 -3.07
C GLN A 545 9.14 38.22 -1.64
N ALA A 546 8.07 37.64 -1.09
CA ALA A 546 8.12 37.00 0.23
C ALA A 546 9.14 35.88 0.27
N GLY A 547 9.25 35.14 -0.84
CA GLY A 547 10.15 34.01 -0.93
C GLY A 547 9.77 32.94 0.07
N SER A 548 10.71 32.60 0.95
CA SER A 548 10.50 31.60 1.98
C SER A 548 10.59 32.20 3.39
N SER A 549 10.35 33.49 3.51
CA SER A 549 10.44 34.19 4.79
C SER A 549 9.25 33.86 5.70
N ARG A 550 8.05 33.83 5.12
CA ARG A 550 6.83 33.52 5.87
C ARG A 550 6.33 32.11 5.53
N PRO A 551 5.69 31.44 6.50
CA PRO A 551 5.16 30.10 6.25
C PRO A 551 4.06 30.11 5.18
N TRP A 552 4.07 29.12 4.31
CA TRP A 552 3.23 29.13 3.11
C TRP A 552 1.73 29.24 3.40
N GLN A 553 1.29 28.70 4.53
CA GLN A 553 -0.13 28.75 4.90
C GLN A 553 -0.62 30.17 5.21
N GLU A 554 0.23 31.00 5.83
CA GLU A 554 -0.10 32.40 6.08
C GLU A 554 0.02 33.26 4.83
N VAL A 555 0.99 32.93 3.97
CA VAL A 555 1.14 33.59 2.67
C VAL A 555 -0.11 33.36 1.82
N LEU A 556 -0.64 32.14 1.89
CA LEU A 556 -1.82 31.75 1.13
C LEU A 556 -3.09 32.46 1.61
N LYS A 557 -3.18 32.73 2.92
CA LYS A 557 -4.34 33.44 3.48
C LYS A 557 -4.35 34.91 3.10
N ASP A 558 -3.18 35.53 3.03
CA ASP A 558 -3.05 36.91 2.55
C ASP A 558 -3.50 37.05 1.10
N MET A 559 -3.38 35.97 0.33
CA MET A 559 -3.74 35.97 -1.09
C MET A 559 -5.17 35.49 -1.33
N VAL A 560 -5.48 34.28 -0.88
CA VAL A 560 -6.74 33.61 -1.19
C VAL A 560 -7.77 33.70 -0.05
N GLY A 561 -7.29 33.95 1.17
CA GLY A 561 -8.17 34.05 2.34
C GLY A 561 -8.47 32.71 2.99
N LEU A 562 -7.56 31.75 2.84
CA LEU A 562 -7.74 30.40 3.39
C LEU A 562 -6.41 29.86 3.89
N ASP A 563 -6.45 29.12 4.99
CA ASP A 563 -5.25 28.57 5.64
C ASP A 563 -4.57 27.47 4.81
N ALA A 564 -5.34 26.72 4.03
CA ALA A 564 -4.88 25.47 3.45
C ALA A 564 -5.19 25.35 1.96
N LEU A 565 -4.78 24.22 1.38
CA LEU A 565 -5.12 23.90 0.00
C LEU A 565 -6.60 23.56 -0.10
N ASP A 566 -7.19 23.82 -1.26
CA ASP A 566 -8.63 23.67 -1.44
C ASP A 566 -8.96 23.32 -2.90
N ALA A 567 -9.80 22.31 -3.08
CA ALA A 567 -10.15 21.82 -4.42
C ALA A 567 -11.32 22.56 -5.06
N GLN A 568 -12.02 23.39 -4.29
CA GLN A 568 -13.24 24.05 -4.76
C GLN A 568 -13.03 24.94 -6.00
N PRO A 569 -12.00 25.81 -5.99
CA PRO A 569 -11.73 26.65 -7.17
C PRO A 569 -11.49 25.84 -8.46
N LEU A 570 -10.78 24.73 -8.34
CA LEU A 570 -10.57 23.82 -9.47
C LEU A 570 -11.89 23.21 -9.94
N LEU A 571 -12.73 22.82 -8.99
CA LEU A 571 -14.06 22.27 -9.31
C LEU A 571 -14.98 23.33 -9.92
N LYS A 572 -14.92 24.55 -9.38
CA LYS A 572 -15.69 25.69 -9.91
C LYS A 572 -15.30 26.00 -11.35
N TYR A 573 -14.00 25.99 -11.61
CA TYR A 573 -13.46 26.22 -12.94
C TYR A 573 -14.05 25.24 -13.97
N PHE A 574 -14.07 23.96 -13.61
CA PHE A 574 -14.43 22.90 -14.57
C PHE A 574 -15.89 22.44 -14.52
N GLN A 575 -16.69 23.03 -13.61
CA GLN A 575 -18.05 22.53 -13.33
C GLN A 575 -18.88 22.16 -14.57
N LEU A 576 -18.81 22.96 -15.62
CA LEU A 576 -19.65 22.77 -16.80
C LEU A 576 -19.29 21.51 -17.60
N VAL A 577 -17.99 21.23 -17.73
CA VAL A 577 -17.54 20.05 -18.45
C VAL A 577 -17.75 18.79 -17.59
N THR A 578 -17.67 18.97 -16.27
CA THR A 578 -17.93 17.88 -15.32
C THR A 578 -19.35 17.34 -15.52
N GLN A 579 -20.32 18.26 -15.48
CA GLN A 579 -21.73 17.91 -15.72
C GLN A 579 -21.95 17.37 -17.12
N TRP A 580 -21.26 17.94 -18.10
CA TRP A 580 -21.38 17.48 -19.49
C TRP A 580 -20.80 16.08 -19.67
N LEU A 581 -19.67 15.80 -19.02
CA LEU A 581 -19.02 14.50 -19.15
C LEU A 581 -19.84 13.39 -18.48
N GLN A 582 -20.41 13.69 -17.31
CA GLN A 582 -21.30 12.76 -16.62
C GLN A 582 -22.53 12.45 -17.48
N GLU A 583 -23.11 13.49 -18.08
CA GLU A 583 -24.23 13.37 -19.00
C GLU A 583 -23.89 12.40 -20.14
N GLN A 584 -22.76 12.62 -20.79
CA GLN A 584 -22.35 11.80 -21.94
C GLN A 584 -22.06 10.35 -21.57
N ASN A 585 -21.45 10.15 -20.41
CA ASN A 585 -21.13 8.79 -19.95
C ASN A 585 -22.38 7.98 -19.60
N GLN A 586 -23.38 8.65 -19.04
CA GLN A 586 -24.68 8.02 -18.77
C GLN A 586 -25.39 7.59 -20.06
N GLN A 587 -25.40 8.49 -21.05
CA GLN A 587 -26.02 8.19 -22.35
C GLN A 587 -25.32 7.04 -23.09
N ASN A 588 -24.00 6.96 -22.96
CA ASN A 588 -23.23 5.87 -23.59
C ASN A 588 -23.23 4.57 -22.78
N GLY A 589 -23.79 4.60 -21.56
CA GLY A 589 -23.85 3.43 -20.70
C GLY A 589 -22.47 3.05 -20.18
N GLU A 590 -21.65 4.05 -19.87
CA GLU A 590 -20.27 3.83 -19.47
C GLU A 590 -20.20 3.30 -18.03
N VAL A 591 -19.22 2.44 -17.79
CA VAL A 591 -18.85 2.04 -16.44
C VAL A 591 -17.67 2.89 -16.01
N LEU A 592 -17.86 3.70 -14.97
CA LEU A 592 -16.77 4.51 -14.43
C LEU A 592 -15.74 3.62 -13.72
N GLY A 593 -14.47 3.94 -13.90
CA GLY A 593 -13.40 3.14 -13.32
C GLY A 593 -12.99 2.00 -14.23
N TRP A 594 -12.19 1.09 -13.69
CA TRP A 594 -11.65 -0.04 -14.46
C TRP A 594 -11.77 -1.34 -13.65
N PRO A 595 -13.01 -1.88 -13.54
CA PRO A 595 -13.25 -3.13 -12.79
C PRO A 595 -12.42 -4.32 -13.28
N GLU A 596 -12.14 -4.40 -14.57
CA GLU A 596 -11.26 -5.44 -15.11
C GLU A 596 -9.80 -5.00 -15.02
N TYR A 597 -9.32 -4.92 -13.78
CA TYR A 597 -7.97 -4.42 -13.47
C TYR A 597 -6.83 -5.32 -13.99
N GLN A 598 -7.10 -6.61 -14.20
CA GLN A 598 -6.08 -7.55 -14.68
C GLN A 598 -5.83 -7.49 -16.18
N TRP A 599 -6.76 -6.88 -16.93
CA TRP A 599 -6.72 -6.93 -18.39
C TRP A 599 -5.49 -6.22 -18.98
N HIS A 600 -4.89 -6.87 -19.97
CA HIS A 600 -3.82 -6.29 -20.77
C HIS A 600 -4.10 -6.56 -22.24
N PRO A 601 -3.77 -5.61 -23.12
CA PRO A 601 -3.98 -5.84 -24.54
C PRO A 601 -2.95 -6.81 -25.10
N PRO A 602 -3.31 -7.55 -26.16
CA PRO A 602 -2.35 -8.44 -26.82
C PRO A 602 -1.39 -7.68 -27.73
N LEU A 603 -0.35 -8.36 -28.21
CA LEU A 603 0.59 -7.76 -29.16
C LEU A 603 -0.03 -7.64 -30.54
N PRO A 604 0.44 -6.67 -31.34
CA PRO A 604 0.13 -6.70 -32.77
C PRO A 604 0.72 -7.95 -33.45
N ASP A 605 0.13 -8.36 -34.56
CA ASP A 605 0.36 -9.69 -35.14
C ASP A 605 1.83 -10.00 -35.50
N ASN A 606 2.46 -9.09 -36.24
CA ASN A 606 3.85 -9.30 -36.69
C ASN A 606 4.83 -8.34 -36.00
N TYR A 607 4.56 -8.01 -34.74
CA TYR A 607 5.38 -7.08 -33.98
C TYR A 607 6.57 -7.81 -33.33
N PRO A 608 7.78 -7.23 -33.39
CA PRO A 608 8.19 -6.00 -34.08
C PRO A 608 8.66 -6.23 -35.52
N GLU A 609 9.34 -7.36 -35.77
CA GLU A 609 9.92 -7.65 -37.07
C GLU A 609 8.84 -7.95 -38.13
N GLY A 610 8.74 -7.06 -39.11
CA GLY A 610 7.71 -7.13 -40.15
C GLY A 610 6.93 -5.83 -40.22
N ILE A 611 6.53 -5.32 -39.05
CA ILE A 611 5.80 -4.07 -38.97
C ILE A 611 6.74 -2.87 -39.13
N ASP A 612 7.89 -2.95 -38.47
CA ASP A 612 8.92 -1.89 -38.53
C ASP A 612 8.38 -0.54 -38.04
N LEU B 1 -34.59 -3.88 28.23
CA LEU B 1 -34.39 -5.33 28.54
C LEU B 1 -34.99 -5.69 29.90
N ASP B 2 -34.90 -6.97 30.25
CA ASP B 2 -35.42 -7.48 31.52
C ASP B 2 -34.90 -6.66 32.70
N PRO B 3 -35.80 -6.24 33.62
CA PRO B 3 -35.37 -5.39 34.74
C PRO B 3 -34.28 -6.03 35.61
N GLY B 4 -34.30 -7.36 35.71
CA GLY B 4 -33.27 -8.09 36.44
C GLY B 4 -31.88 -7.95 35.84
N LEU B 5 -31.81 -7.71 34.53
CA LEU B 5 -30.54 -7.57 33.81
C LEU B 5 -30.05 -6.12 33.72
N GLN B 6 -30.84 -5.18 34.24
CA GLN B 6 -30.48 -3.75 34.18
C GLN B 6 -29.60 -3.37 35.35
N PRO B 7 -28.81 -2.28 35.20
CA PRO B 7 -27.93 -1.82 36.27
C PRO B 7 -28.61 -0.85 37.23
N GLY B 8 -28.33 -1.01 38.52
CA GLY B 8 -28.72 -0.02 39.52
C GLY B 8 -27.68 1.07 39.56
N ASN B 9 -27.70 1.88 40.63
CA ASN B 9 -26.74 2.97 40.75
C ASN B 9 -25.59 2.58 41.68
N PHE B 10 -24.48 3.29 41.53
CA PHE B 10 -23.26 3.01 42.28
C PHE B 10 -22.51 4.31 42.53
N SER B 11 -21.56 4.28 43.46
CA SER B 11 -20.75 5.46 43.77
C SER B 11 -19.86 5.79 42.59
N ALA B 12 -19.37 7.03 42.54
CA ALA B 12 -18.35 7.41 41.56
C ALA B 12 -16.95 7.09 42.11
N ASP B 13 -16.78 5.85 42.58
CA ASP B 13 -15.56 5.41 43.26
C ASP B 13 -15.13 4.03 42.76
N GLU B 14 -13.92 3.63 43.13
CA GLU B 14 -13.41 2.28 42.84
C GLU B 14 -14.16 1.22 43.66
N ALA B 15 -14.57 1.56 44.87
CA ALA B 15 -15.30 0.65 45.75
C ALA B 15 -16.67 0.29 45.17
N GLY B 16 -17.32 1.27 44.54
CA GLY B 16 -18.57 1.03 43.84
C GLY B 16 -18.35 0.22 42.56
N ALA B 17 -17.23 0.49 41.89
CA ALA B 17 -16.88 -0.20 40.64
C ALA B 17 -16.69 -1.71 40.82
N GLN B 18 -16.22 -2.13 42.00
CA GLN B 18 -16.11 -3.54 42.33
C GLN B 18 -17.50 -4.19 42.38
N LEU B 19 -18.42 -3.53 43.07
CA LEU B 19 -19.82 -3.96 43.14
C LEU B 19 -20.49 -3.85 41.77
N PHE B 20 -20.09 -2.85 40.99
CA PHE B 20 -20.56 -2.66 39.61
C PHE B 20 -20.19 -3.87 38.75
N ALA B 21 -18.93 -4.29 38.83
CA ALA B 21 -18.43 -5.44 38.06
C ALA B 21 -19.06 -6.75 38.55
N GLN B 22 -19.14 -6.93 39.86
CA GLN B 22 -19.77 -8.11 40.45
C GLN B 22 -21.24 -8.26 40.03
N SER B 23 -21.94 -7.14 39.89
CA SER B 23 -23.32 -7.14 39.39
C SER B 23 -23.34 -7.36 37.88
N TYR B 24 -22.46 -6.67 37.16
CA TYR B 24 -22.30 -6.85 35.71
C TYR B 24 -22.03 -8.32 35.36
N ASN B 25 -21.08 -8.93 36.07
CA ASN B 25 -20.73 -10.34 35.87
C ASN B 25 -21.91 -11.28 36.06
N SER B 26 -22.71 -11.02 37.10
CA SER B 26 -23.89 -11.84 37.39
C SER B 26 -24.90 -11.77 36.24
N SER B 27 -25.06 -10.58 35.69
CA SER B 27 -26.04 -10.35 34.61
C SER B 27 -25.48 -10.76 33.25
N ALA B 28 -24.21 -10.43 33.01
CA ALA B 28 -23.57 -10.67 31.71
C ALA B 28 -23.50 -12.15 31.32
N GLU B 29 -23.23 -13.01 32.30
CA GLU B 29 -23.15 -14.45 32.05
C GLU B 29 -24.42 -15.01 31.40
N GLN B 30 -25.57 -14.56 31.88
CA GLN B 30 -26.86 -14.96 31.31
C GLN B 30 -27.03 -14.41 29.89
N VAL B 31 -26.64 -13.16 29.68
CA VAL B 31 -26.74 -12.52 28.37
C VAL B 31 -25.76 -13.15 27.38
N LEU B 32 -24.54 -13.44 27.84
CA LEU B 32 -23.57 -14.17 27.02
C LEU B 32 -24.02 -15.62 26.76
N PHE B 33 -24.67 -16.24 27.74
CA PHE B 33 -25.15 -17.62 27.58
C PHE B 33 -26.18 -17.74 26.46
N GLN B 34 -27.21 -16.90 26.51
CA GLN B 34 -28.30 -16.96 25.54
C GLN B 34 -27.85 -16.67 24.10
N SER B 35 -26.94 -15.72 23.92
CA SER B 35 -26.44 -15.41 22.58
C SER B 35 -25.57 -16.54 22.02
N VAL B 36 -24.71 -17.11 22.85
CA VAL B 36 -23.87 -18.24 22.45
C VAL B 36 -24.72 -19.50 22.18
N ALA B 37 -25.73 -19.71 23.01
CA ALA B 37 -26.67 -20.81 22.82
C ALA B 37 -27.45 -20.67 21.51
N ALA B 38 -27.88 -19.46 21.22
CA ALA B 38 -28.60 -19.18 19.97
C ALA B 38 -27.68 -19.34 18.76
N SER B 39 -26.43 -18.91 18.89
CA SER B 39 -25.44 -19.14 17.83
C SER B 39 -25.18 -20.62 17.60
N TRP B 40 -25.08 -21.40 18.67
CA TRP B 40 -24.88 -22.84 18.55
C TRP B 40 -26.08 -23.50 17.86
N ALA B 41 -27.27 -23.19 18.36
CA ALA B 41 -28.52 -23.70 17.78
C ALA B 41 -28.61 -23.40 16.29
N HIS B 42 -28.04 -22.27 15.87
CA HIS B 42 -28.01 -21.90 14.45
C HIS B 42 -26.89 -22.58 13.68
N ASP B 43 -25.68 -22.56 14.22
CA ASP B 43 -24.50 -23.04 13.48
C ASP B 43 -24.41 -24.57 13.34
N THR B 44 -25.09 -25.30 14.24
CA THR B 44 -25.20 -26.75 14.13
C THR B 44 -26.47 -27.20 13.42
N ASN B 45 -27.30 -26.25 13.00
CA ASN B 45 -28.61 -26.55 12.42
C ASN B 45 -29.15 -25.28 11.75
N ILE B 46 -28.62 -24.99 10.56
CA ILE B 46 -28.89 -23.73 9.87
C ILE B 46 -30.30 -23.71 9.30
N THR B 47 -31.16 -22.88 9.88
CA THR B 47 -32.50 -22.63 9.35
C THR B 47 -32.85 -21.15 9.53
N ALA B 48 -33.91 -20.72 8.84
CA ALA B 48 -34.37 -19.33 8.92
C ALA B 48 -34.90 -19.01 10.32
N GLU B 49 -35.58 -19.98 10.93
CA GLU B 49 -36.11 -19.81 12.28
C GLU B 49 -34.99 -19.68 13.30
N ASN B 50 -33.92 -20.45 13.14
CA ASN B 50 -32.76 -20.35 14.03
C ASN B 50 -31.93 -19.09 13.80
N ALA B 51 -31.88 -18.63 12.55
CA ALA B 51 -31.22 -17.36 12.22
C ALA B 51 -31.94 -16.18 12.89
N ARG B 52 -33.27 -16.23 12.87
CA ARG B 52 -34.10 -15.21 13.51
C ARG B 52 -33.89 -15.20 15.02
N ARG B 53 -33.77 -16.40 15.61
CA ARG B 53 -33.50 -16.54 17.04
C ARG B 53 -32.16 -15.92 17.44
N GLN B 54 -31.11 -16.14 16.65
CA GLN B 54 -29.77 -15.62 16.98
C GLN B 54 -29.70 -14.10 16.78
N GLU B 55 -30.37 -13.59 15.74
CA GLU B 55 -30.45 -12.15 15.52
C GLU B 55 -31.15 -11.46 16.68
N GLU B 56 -32.16 -12.11 17.24
CA GLU B 56 -32.88 -11.59 18.41
C GLU B 56 -31.98 -11.59 19.66
N ALA B 57 -31.22 -12.67 19.84
CA ALA B 57 -30.28 -12.74 20.97
C ALA B 57 -29.20 -11.65 20.89
N ALA B 58 -28.76 -11.34 19.67
CA ALA B 58 -27.80 -10.27 19.45
C ALA B 58 -28.33 -8.89 19.87
N LEU B 59 -29.60 -8.61 19.55
CA LEU B 59 -30.25 -7.39 20.02
C LEU B 59 -30.24 -7.30 21.53
N LEU B 60 -30.59 -8.40 22.19
CA LEU B 60 -30.52 -8.50 23.65
C LEU B 60 -29.14 -8.10 24.16
N SER B 61 -28.11 -8.74 23.61
CA SER B 61 -26.72 -8.42 23.98
C SER B 61 -26.45 -6.93 23.80
N GLN B 62 -26.91 -6.37 22.69
CA GLN B 62 -26.67 -4.97 22.38
C GLN B 62 -27.44 -4.03 23.30
N GLU B 63 -28.67 -4.40 23.66
CA GLU B 63 -29.44 -3.67 24.67
C GLU B 63 -28.72 -3.70 26.02
N PHE B 64 -28.21 -4.87 26.39
CA PHE B 64 -27.45 -5.04 27.62
C PHE B 64 -26.20 -4.17 27.59
N ALA B 65 -25.41 -4.30 26.52
CA ALA B 65 -24.17 -3.55 26.38
C ALA B 65 -24.38 -2.05 26.43
N GLU B 66 -25.49 -1.58 25.84
CA GLU B 66 -25.85 -0.15 25.88
C GLU B 66 -26.14 0.33 27.31
N ALA B 67 -26.95 -0.44 28.04
CA ALA B 67 -27.37 -0.04 29.39
C ALA B 67 -26.18 0.11 30.34
N TRP B 68 -25.36 -0.93 30.42
CA TRP B 68 -24.22 -0.97 31.33
C TRP B 68 -23.06 -0.09 30.86
N GLY B 69 -22.90 0.06 29.55
CA GLY B 69 -21.85 0.91 28.99
C GLY B 69 -22.13 2.40 29.19
N GLN B 70 -23.37 2.80 28.95
CA GLN B 70 -23.79 4.18 29.18
C GLN B 70 -23.78 4.54 30.67
N LYS B 71 -24.01 3.54 31.53
CA LYS B 71 -23.93 3.73 32.97
C LYS B 71 -22.49 3.94 33.40
N ALA B 72 -21.59 3.09 32.90
CA ALA B 72 -20.16 3.23 33.15
C ALA B 72 -19.61 4.57 32.63
N LYS B 73 -20.14 5.04 31.51
CA LYS B 73 -19.76 6.34 30.95
C LYS B 73 -20.37 7.51 31.74
N GLU B 74 -21.49 7.27 32.42
CA GLU B 74 -22.11 8.29 33.26
C GLU B 74 -21.34 8.46 34.57
N LEU B 75 -20.92 7.34 35.16
CA LEU B 75 -20.24 7.35 36.45
C LEU B 75 -18.73 7.40 36.31
N TYR B 76 -18.17 6.38 35.67
CA TYR B 76 -16.73 6.10 35.73
C TYR B 76 -15.95 6.55 34.48
N GLU B 77 -16.17 7.77 34.02
CA GLU B 77 -15.34 8.29 32.92
C GLU B 77 -13.96 8.74 33.39
N PRO B 78 -13.89 9.65 34.39
CA PRO B 78 -12.57 10.15 34.80
C PRO B 78 -11.78 9.20 35.70
N ILE B 79 -12.45 8.55 36.66
CA ILE B 79 -11.76 7.67 37.62
C ILE B 79 -11.34 6.32 37.04
N TRP B 80 -11.92 5.94 35.90
CA TRP B 80 -11.41 4.83 35.11
C TRP B 80 -10.13 5.30 34.42
N GLN B 81 -9.09 4.47 34.50
CA GLN B 81 -7.70 4.79 34.08
C GLN B 81 -6.84 5.19 35.28
N ASN B 82 -7.47 5.37 36.45
CA ASN B 82 -6.77 5.71 37.68
C ASN B 82 -6.91 4.65 38.79
N PHE B 83 -7.70 3.59 38.55
CA PHE B 83 -7.92 2.57 39.57
C PHE B 83 -6.62 1.88 40.00
N THR B 84 -6.63 1.38 41.24
CA THR B 84 -5.50 0.66 41.81
C THR B 84 -5.58 -0.83 41.46
N ASP B 85 -6.80 -1.33 41.32
CA ASP B 85 -7.04 -2.72 40.91
C ASP B 85 -6.81 -2.83 39.41
N PRO B 86 -5.72 -3.51 39.00
CA PRO B 86 -5.45 -3.59 37.55
C PRO B 86 -6.53 -4.36 36.78
N GLN B 87 -7.05 -5.43 37.40
CA GLN B 87 -8.10 -6.25 36.79
C GLN B 87 -9.37 -5.44 36.57
N LEU B 88 -9.69 -4.57 37.51
CA LEU B 88 -10.94 -3.80 37.49
C LEU B 88 -11.01 -2.78 36.36
N ARG B 89 -9.90 -2.07 36.10
CA ARG B 89 -9.88 -1.06 35.04
C ARG B 89 -9.81 -1.66 33.63
N ARG B 90 -9.38 -2.91 33.54
CA ARG B 90 -9.48 -3.67 32.29
C ARG B 90 -10.92 -4.16 32.11
N ILE B 91 -11.55 -4.56 33.20
CA ILE B 91 -12.96 -4.96 33.19
C ILE B 91 -13.85 -3.79 32.75
N ILE B 92 -13.64 -2.62 33.36
CA ILE B 92 -14.43 -1.43 33.04
C ILE B 92 -14.15 -0.92 31.63
N GLY B 93 -12.90 -1.05 31.19
CA GLY B 93 -12.54 -0.72 29.81
C GLY B 93 -13.32 -1.52 28.77
N ALA B 94 -13.50 -2.80 29.06
CA ALA B 94 -14.28 -3.69 28.19
C ALA B 94 -15.77 -3.34 28.20
N VAL B 95 -16.29 -2.95 29.36
CA VAL B 95 -17.72 -2.63 29.51
C VAL B 95 -18.11 -1.35 28.77
N ARG B 96 -17.29 -0.32 28.86
CA ARG B 96 -17.62 0.97 28.26
C ARG B 96 -17.35 1.06 26.75
N THR B 97 -16.84 -0.03 26.15
CA THR B 97 -16.72 -0.12 24.71
C THR B 97 -18.02 -0.73 24.17
N LEU B 98 -18.89 0.13 23.64
CA LEU B 98 -20.23 -0.29 23.23
C LEU B 98 -20.23 -1.10 21.93
N GLY B 99 -19.43 -0.68 20.97
CA GLY B 99 -19.40 -1.31 19.65
C GLY B 99 -20.71 -1.10 18.92
N SER B 100 -21.28 -2.19 18.39
CA SER B 100 -22.54 -2.13 17.63
C SER B 100 -23.74 -1.59 18.43
N ALA B 101 -23.60 -1.57 19.76
CA ALA B 101 -24.59 -0.94 20.63
C ALA B 101 -24.61 0.59 20.51
N ASN B 102 -23.60 1.19 19.87
CA ASN B 102 -23.61 2.61 19.52
C ASN B 102 -24.63 2.94 18.44
N LEU B 103 -24.95 1.97 17.59
CA LEU B 103 -25.86 2.18 16.47
C LEU B 103 -27.30 2.30 16.98
N PRO B 104 -28.12 3.12 16.30
CA PRO B 104 -29.55 3.15 16.64
C PRO B 104 -30.24 1.83 16.28
N LEU B 105 -31.43 1.60 16.85
CA LEU B 105 -32.12 0.32 16.71
C LEU B 105 -32.18 -0.19 15.26
N ALA B 106 -32.55 0.69 14.34
CA ALA B 106 -32.71 0.31 12.93
C ALA B 106 -31.42 -0.21 12.32
N LYS B 107 -30.32 0.51 12.57
CA LYS B 107 -29.02 0.10 12.06
C LYS B 107 -28.46 -1.11 12.81
N ARG B 108 -28.78 -1.26 14.09
CA ARG B 108 -28.44 -2.47 14.85
C ARG B 108 -29.02 -3.70 14.18
N GLN B 109 -30.31 -3.61 13.83
CA GLN B 109 -31.01 -4.67 13.14
C GLN B 109 -30.40 -4.94 11.76
N GLN B 110 -30.02 -3.87 11.04
CA GLN B 110 -29.28 -4.01 9.79
C GLN B 110 -27.97 -4.77 10.00
N TYR B 111 -27.25 -4.40 11.06
CA TYR B 111 -25.94 -4.97 11.38
C TYR B 111 -26.04 -6.47 11.66
N ASN B 112 -26.96 -6.85 12.54
CA ASN B 112 -27.15 -8.25 12.90
C ASN B 112 -27.58 -9.10 11.70
N ALA B 113 -28.51 -8.58 10.91
CA ALA B 113 -28.98 -9.27 9.71
C ALA B 113 -27.88 -9.50 8.69
N LEU B 114 -26.96 -8.55 8.55
CA LEU B 114 -25.84 -8.70 7.62
C LEU B 114 -24.90 -9.82 8.05
N LEU B 115 -24.56 -9.85 9.34
CA LEU B 115 -23.75 -10.94 9.90
C LEU B 115 -24.39 -12.31 9.64
N SER B 116 -25.69 -12.42 9.88
CA SER B 116 -26.42 -13.66 9.64
C SER B 116 -26.39 -14.04 8.16
N ASN B 117 -26.72 -13.09 7.28
CA ASN B 117 -26.73 -13.32 5.84
C ASN B 117 -25.36 -13.75 5.30
N MET B 118 -24.32 -13.02 5.67
CA MET B 118 -22.96 -13.35 5.24
C MET B 118 -22.54 -14.73 5.73
N SER B 119 -22.87 -15.03 6.99
CA SER B 119 -22.60 -16.35 7.58
C SER B 119 -23.33 -17.46 6.83
N ARG B 120 -24.62 -17.26 6.58
CA ARG B 120 -25.44 -18.27 5.90
C ARG B 120 -24.97 -18.52 4.46
N ILE B 121 -24.58 -17.46 3.77
CA ILE B 121 -24.12 -17.57 2.38
C ILE B 121 -22.81 -18.36 2.28
N TYR B 122 -21.86 -18.08 3.17
CA TYR B 122 -20.58 -18.80 3.15
C TYR B 122 -20.78 -20.28 3.46
N SER B 123 -21.56 -20.60 4.49
CA SER B 123 -21.72 -21.98 4.94
C SER B 123 -22.72 -22.82 4.12
N THR B 124 -23.51 -22.18 3.27
CA THR B 124 -24.49 -22.90 2.44
C THR B 124 -24.10 -22.97 0.96
N ALA B 125 -23.23 -22.08 0.50
CA ALA B 125 -22.83 -22.05 -0.91
C ALA B 125 -22.18 -23.35 -1.35
N LYS B 126 -22.29 -23.66 -2.64
CA LYS B 126 -21.76 -24.91 -3.18
C LYS B 126 -21.53 -24.83 -4.68
N VAL B 127 -20.70 -25.74 -5.20
CA VAL B 127 -20.36 -25.80 -6.61
C VAL B 127 -21.14 -26.91 -7.30
N CYS B 128 -22.07 -26.53 -8.17
CA CYS B 128 -22.82 -27.48 -8.97
C CYS B 128 -22.15 -27.66 -10.32
N LEU B 129 -22.15 -28.89 -10.84
CA LEU B 129 -21.56 -29.17 -12.15
C LEU B 129 -22.51 -28.74 -13.27
N PRO B 130 -21.96 -28.31 -14.43
CA PRO B 130 -22.81 -27.83 -15.52
C PRO B 130 -23.58 -28.96 -16.23
N ASN B 131 -22.87 -30.03 -16.57
CA ASN B 131 -23.49 -31.19 -17.20
C ASN B 131 -24.46 -31.88 -16.24
N LYS B 132 -23.93 -32.30 -15.09
CA LYS B 132 -24.75 -32.87 -14.02
C LYS B 132 -25.30 -31.76 -13.14
N THR B 133 -26.47 -31.24 -13.49
CA THR B 133 -27.15 -30.23 -12.68
C THR B 133 -27.53 -30.81 -11.31
N ALA B 134 -27.84 -32.10 -11.30
CA ALA B 134 -28.14 -32.82 -10.05
C ALA B 134 -26.87 -32.99 -9.23
N THR B 135 -26.98 -32.78 -7.91
CA THR B 135 -25.88 -32.95 -6.95
C THR B 135 -24.77 -31.91 -7.09
N CYS B 136 -24.40 -31.30 -5.96
CA CYS B 136 -23.39 -30.24 -5.92
C CYS B 136 -22.41 -30.47 -4.76
N TRP B 137 -21.17 -30.01 -4.94
CA TRP B 137 -20.13 -30.15 -3.92
C TRP B 137 -20.11 -28.97 -2.96
N SER B 138 -20.05 -29.25 -1.65
CA SER B 138 -19.84 -28.21 -0.65
C SER B 138 -18.36 -28.11 -0.29
N LEU B 139 -18.00 -27.09 0.48
CA LEU B 139 -16.59 -26.83 0.81
C LEU B 139 -15.96 -28.02 1.53
N ASP B 140 -16.58 -28.42 2.63
CA ASP B 140 -16.12 -29.55 3.43
C ASP B 140 -17.17 -30.66 3.41
N PRO B 141 -16.76 -31.90 3.07
CA PRO B 141 -15.42 -32.37 2.75
C PRO B 141 -15.09 -32.41 1.24
N ASP B 142 -16.08 -32.13 0.39
CA ASP B 142 -15.96 -32.40 -1.05
C ASP B 142 -14.83 -31.62 -1.72
N LEU B 143 -14.90 -30.29 -1.71
CA LEU B 143 -13.89 -29.45 -2.37
C LEU B 143 -12.55 -29.50 -1.63
N THR B 144 -12.59 -29.62 -0.30
CA THR B 144 -11.38 -29.77 0.50
C THR B 144 -10.58 -31.01 0.10
N ASN B 145 -11.29 -32.10 -0.14
CA ASN B 145 -10.66 -33.36 -0.57
C ASN B 145 -10.09 -33.29 -1.99
N ILE B 146 -10.77 -32.57 -2.88
CA ILE B 146 -10.30 -32.40 -4.26
C ILE B 146 -8.98 -31.63 -4.27
N LEU B 147 -8.94 -30.50 -3.57
CA LEU B 147 -7.72 -29.69 -3.51
C LEU B 147 -6.56 -30.42 -2.83
N ALA B 148 -6.88 -31.29 -1.89
CA ALA B 148 -5.86 -32.03 -1.15
C ALA B 148 -5.25 -33.18 -1.95
N SER B 149 -6.10 -33.95 -2.65
CA SER B 149 -5.70 -35.22 -3.27
C SER B 149 -5.70 -35.23 -4.80
N SER B 150 -6.50 -34.38 -5.44
CA SER B 150 -6.51 -34.33 -6.90
C SER B 150 -5.21 -33.70 -7.40
N ARG B 151 -4.70 -34.24 -8.51
CA ARG B 151 -3.49 -33.72 -9.16
C ARG B 151 -3.74 -33.41 -10.64
N SER B 152 -5.01 -33.26 -10.99
CA SER B 152 -5.40 -32.80 -12.32
C SER B 152 -5.51 -31.29 -12.28
N TYR B 153 -4.76 -30.61 -13.14
CA TYR B 153 -4.76 -29.14 -13.17
C TYR B 153 -6.18 -28.59 -13.39
N ALA B 154 -6.91 -29.22 -14.30
CA ALA B 154 -8.26 -28.78 -14.67
C ALA B 154 -9.28 -29.02 -13.56
N MET B 155 -9.20 -30.18 -12.91
CA MET B 155 -10.12 -30.52 -11.83
C MET B 155 -9.90 -29.60 -10.62
N LEU B 156 -8.64 -29.37 -10.28
CA LEU B 156 -8.28 -28.43 -9.23
C LEU B 156 -8.76 -27.02 -9.55
N LEU B 157 -8.64 -26.63 -10.82
CA LEU B 157 -9.07 -25.31 -11.27
C LEU B 157 -10.59 -25.15 -11.18
N PHE B 158 -11.32 -26.22 -11.49
CA PHE B 158 -12.77 -26.21 -11.43
C PHE B 158 -13.24 -25.99 -9.99
N ALA B 159 -12.60 -26.67 -9.05
CA ALA B 159 -12.92 -26.54 -7.63
C ALA B 159 -12.57 -25.15 -7.10
N TRP B 160 -11.39 -24.66 -7.47
CA TRP B 160 -10.91 -23.36 -7.00
C TRP B 160 -11.77 -22.21 -7.52
N GLU B 161 -11.98 -22.19 -8.83
CA GLU B 161 -12.79 -21.14 -9.46
C GLU B 161 -14.24 -21.19 -8.99
N GLY B 162 -14.80 -22.39 -8.95
CA GLY B 162 -16.19 -22.58 -8.53
C GLY B 162 -16.45 -22.09 -7.12
N TRP B 163 -15.54 -22.42 -6.20
CA TRP B 163 -15.71 -22.02 -4.80
C TRP B 163 -15.64 -20.51 -4.62
N HIS B 164 -14.60 -19.90 -5.19
CA HIS B 164 -14.42 -18.45 -5.07
C HIS B 164 -15.58 -17.68 -5.67
N ASN B 165 -16.08 -18.14 -6.82
CA ASN B 165 -17.25 -17.54 -7.47
C ASN B 165 -18.53 -17.67 -6.64
N ALA B 166 -18.81 -18.88 -6.15
CA ALA B 166 -20.05 -19.15 -5.42
C ALA B 166 -20.08 -18.42 -4.07
N ALA B 167 -19.01 -18.56 -3.29
CA ALA B 167 -18.93 -17.90 -1.99
C ALA B 167 -18.74 -16.39 -2.11
N GLY B 168 -17.81 -15.97 -2.97
CA GLY B 168 -17.40 -14.58 -3.04
C GLY B 168 -18.40 -13.59 -3.62
N ILE B 169 -18.94 -13.89 -4.79
CA ILE B 169 -19.71 -12.91 -5.57
C ILE B 169 -20.96 -12.37 -4.82
N PRO B 170 -21.74 -13.25 -4.17
CA PRO B 170 -22.91 -12.76 -3.43
C PRO B 170 -22.58 -12.02 -2.12
N LEU B 171 -21.36 -12.19 -1.59
CA LEU B 171 -20.97 -11.53 -0.34
C LEU B 171 -20.64 -10.04 -0.49
N LYS B 172 -20.15 -9.64 -1.66
CA LYS B 172 -19.59 -8.29 -1.82
C LYS B 172 -20.54 -7.14 -1.41
N PRO B 173 -21.74 -7.05 -2.02
CA PRO B 173 -22.63 -5.97 -1.58
C PRO B 173 -22.93 -5.98 -0.08
N LEU B 174 -23.04 -7.17 0.50
CA LEU B 174 -23.25 -7.31 1.95
C LEU B 174 -22.02 -6.85 2.74
N TYR B 175 -20.83 -7.20 2.27
CA TYR B 175 -19.61 -6.82 2.96
C TYR B 175 -19.36 -5.31 2.95
N GLU B 176 -19.82 -4.64 1.90
CA GLU B 176 -19.71 -3.18 1.81
C GLU B 176 -20.59 -2.50 2.86
N ASP B 177 -21.84 -2.94 2.97
CA ASP B 177 -22.77 -2.36 3.95
C ASP B 177 -22.31 -2.62 5.37
N PHE B 178 -21.84 -3.84 5.64
CA PHE B 178 -21.34 -4.19 6.96
C PHE B 178 -20.20 -3.27 7.42
N THR B 179 -19.24 -3.02 6.53
CA THR B 179 -18.07 -2.21 6.86
C THR B 179 -18.45 -0.78 7.26
N ALA B 180 -19.37 -0.18 6.51
CA ALA B 180 -19.85 1.16 6.84
C ALA B 180 -20.49 1.19 8.24
N LEU B 181 -21.32 0.20 8.52
CA LEU B 181 -21.97 0.10 9.84
C LEU B 181 -20.98 -0.21 10.98
N SER B 182 -20.01 -1.09 10.72
CA SER B 182 -18.98 -1.43 11.72
C SER B 182 -18.19 -0.19 12.11
N ASN B 183 -17.69 0.53 11.11
CA ASN B 183 -16.92 1.75 11.33
C ASN B 183 -17.74 2.84 12.04
N GLU B 184 -18.99 3.02 11.62
CA GLU B 184 -19.88 3.98 12.26
C GLU B 184 -19.97 3.67 13.75
N ALA B 185 -20.18 2.40 14.07
CA ALA B 185 -20.31 1.96 15.45
C ALA B 185 -19.07 2.26 16.31
N TYR B 186 -17.91 1.80 15.85
CA TYR B 186 -16.68 1.92 16.64
C TYR B 186 -16.07 3.33 16.61
N LYS B 187 -16.46 4.15 15.63
CA LYS B 187 -16.02 5.54 15.59
C LYS B 187 -16.61 6.34 16.77
N GLN B 188 -17.79 5.93 17.23
CA GLN B 188 -18.43 6.58 18.38
C GLN B 188 -17.74 6.23 19.71
N ASP B 189 -17.01 5.13 19.76
CA ASP B 189 -16.19 4.77 20.92
C ASP B 189 -14.88 5.57 20.99
N GLY B 190 -14.50 6.20 19.87
CA GLY B 190 -13.28 7.03 19.80
C GLY B 190 -12.22 6.55 18.83
N PHE B 191 -12.44 5.41 18.18
CA PHE B 191 -11.46 4.85 17.25
C PHE B 191 -11.63 5.42 15.85
N THR B 192 -10.54 5.47 15.09
CA THR B 192 -10.58 5.99 13.72
C THR B 192 -11.37 5.05 12.80
N ASP B 193 -11.25 3.76 13.04
CA ASP B 193 -12.03 2.75 12.34
C ASP B 193 -11.97 1.41 13.09
N THR B 194 -12.77 0.46 12.63
CA THR B 194 -12.83 -0.89 13.23
C THR B 194 -11.47 -1.57 13.31
N GLY B 195 -10.61 -1.33 12.31
CA GLY B 195 -9.26 -1.89 12.29
C GLY B 195 -8.41 -1.41 13.44
N ALA B 196 -8.55 -0.15 13.81
CA ALA B 196 -7.82 0.44 14.94
C ALA B 196 -8.26 -0.21 16.24
N TYR B 197 -9.55 -0.50 16.35
CA TYR B 197 -10.10 -1.17 17.53
C TYR B 197 -9.54 -2.58 17.68
N TRP B 198 -9.59 -3.36 16.61
CA TRP B 198 -9.03 -4.71 16.59
C TRP B 198 -7.55 -4.73 16.98
N ARG B 199 -6.78 -3.78 16.46
CA ARG B 199 -5.36 -3.66 16.79
C ARG B 199 -5.09 -3.27 18.25
N SER B 200 -6.04 -2.60 18.88
CA SER B 200 -5.89 -2.14 20.27
C SER B 200 -5.87 -3.28 21.30
N TRP B 201 -6.33 -4.47 20.89
CA TRP B 201 -6.32 -5.65 21.75
C TRP B 201 -4.90 -6.16 22.07
N TYR B 202 -3.93 -5.79 21.26
CA TYR B 202 -2.54 -6.18 21.50
C TYR B 202 -1.79 -5.13 22.32
N ASN B 203 -2.44 -4.00 22.57
CA ASN B 203 -1.92 -2.94 23.44
C ASN B 203 -0.42 -2.72 23.30
N SER B 204 0.00 -2.48 22.06
CA SER B 204 1.38 -2.13 21.76
C SER B 204 1.34 -0.87 20.91
N PRO B 205 1.99 0.21 21.37
CA PRO B 205 2.01 1.43 20.55
C PRO B 205 2.68 1.21 19.20
N THR B 206 3.61 0.27 19.13
CA THR B 206 4.36 -0.01 17.90
C THR B 206 4.03 -1.39 17.31
N PHE B 207 2.76 -1.78 17.40
CA PHE B 207 2.30 -3.12 16.97
C PHE B 207 2.63 -3.44 15.52
N GLU B 208 2.35 -2.50 14.62
CA GLU B 208 2.51 -2.74 13.18
C GLU B 208 3.98 -2.80 12.75
N ASP B 209 4.82 -2.00 13.40
CA ASP B 209 6.27 -2.02 13.12
C ASP B 209 6.92 -3.29 13.68
N ASP B 210 6.42 -3.77 14.83
CA ASP B 210 6.91 -5.02 15.43
C ASP B 210 6.66 -6.21 14.52
N LEU B 211 5.43 -6.32 14.01
CA LEU B 211 5.06 -7.39 13.07
C LEU B 211 5.89 -7.31 11.80
N GLU B 212 6.10 -6.08 11.31
CA GLU B 212 6.92 -5.83 10.12
C GLU B 212 8.35 -6.32 10.35
N HIS B 213 8.91 -6.01 11.51
CA HIS B 213 10.27 -6.45 11.87
C HIS B 213 10.35 -7.98 11.99
N LEU B 214 9.29 -8.59 12.51
CA LEU B 214 9.23 -10.05 12.60
C LEU B 214 9.18 -10.70 11.23
N TYR B 215 8.42 -10.09 10.30
CA TYR B 215 8.29 -10.67 8.96
C TYR B 215 9.56 -10.56 8.12
N GLN B 216 10.31 -9.47 8.30
CA GLN B 216 11.60 -9.29 7.63
C GLN B 216 12.56 -10.46 7.91
N GLN B 217 12.56 -10.94 9.15
CA GLN B 217 13.41 -12.06 9.55
C GLN B 217 12.96 -13.41 8.99
N LEU B 218 11.65 -13.53 8.73
CA LEU B 218 11.05 -14.79 8.30
C LEU B 218 10.94 -14.90 6.78
N GLU B 219 10.90 -13.77 6.10
CA GLU B 219 10.75 -13.72 4.62
C GLU B 219 11.77 -14.60 3.88
N PRO B 220 13.07 -14.54 4.26
CA PRO B 220 14.07 -15.40 3.60
C PRO B 220 13.75 -16.90 3.64
N LEU B 221 13.20 -17.38 4.76
CA LEU B 221 12.83 -18.79 4.90
C LEU B 221 11.69 -19.16 3.95
N TYR B 222 10.69 -18.29 3.85
CA TYR B 222 9.57 -18.52 2.94
C TYR B 222 10.03 -18.50 1.48
N LEU B 223 10.88 -17.54 1.13
CA LEU B 223 11.38 -17.42 -0.25
C LEU B 223 12.09 -18.68 -0.72
N ASN B 224 12.87 -19.29 0.16
CA ASN B 224 13.58 -20.53 -0.16
C ASN B 224 12.66 -21.75 -0.24
N LEU B 225 11.65 -21.81 0.64
CA LEU B 225 10.66 -22.89 0.58
C LEU B 225 9.81 -22.76 -0.67
N HIS B 226 9.47 -21.53 -1.02
CA HIS B 226 8.70 -21.21 -2.22
C HIS B 226 9.42 -21.69 -3.49
N ALA B 227 10.70 -21.32 -3.62
CA ALA B 227 11.52 -21.72 -4.76
C ALA B 227 11.63 -23.24 -4.90
N PHE B 228 11.91 -23.90 -3.78
CA PHE B 228 12.03 -25.36 -3.74
C PHE B 228 10.74 -26.05 -4.17
N VAL B 229 9.61 -25.60 -3.61
CA VAL B 229 8.31 -26.15 -3.95
C VAL B 229 7.96 -25.87 -5.41
N ARG B 230 8.25 -24.66 -5.87
CA ARG B 230 7.99 -24.26 -7.26
C ARG B 230 8.68 -25.19 -8.24
N ARG B 231 9.95 -25.51 -7.97
CA ARG B 231 10.71 -26.46 -8.77
C ARG B 231 10.04 -27.83 -8.77
N ALA B 232 9.61 -28.28 -7.60
CA ALA B 232 8.94 -29.58 -7.46
C ALA B 232 7.63 -29.63 -8.26
N LEU B 233 6.91 -28.51 -8.31
CA LEU B 233 5.66 -28.42 -9.08
C LEU B 233 5.92 -28.40 -10.58
N HIS B 234 7.02 -27.75 -10.98
CA HIS B 234 7.42 -27.67 -12.39
C HIS B 234 7.69 -29.05 -12.99
N ARG B 235 8.25 -29.95 -12.18
CA ARG B 235 8.54 -31.33 -12.62
C ARG B 235 7.28 -32.14 -12.90
N ARG B 236 6.22 -31.91 -12.12
CA ARG B 236 4.96 -32.65 -12.29
C ARG B 236 4.02 -31.99 -13.31
N TYR B 237 3.84 -30.68 -13.21
CA TYR B 237 2.87 -29.97 -14.05
C TYR B 237 3.46 -29.40 -15.35
N GLY B 238 4.78 -29.24 -15.41
CA GLY B 238 5.46 -28.85 -16.65
C GLY B 238 5.65 -27.35 -16.83
N ASP B 239 6.29 -26.98 -17.94
CA ASP B 239 6.69 -25.60 -18.19
C ASP B 239 5.54 -24.67 -18.61
N ARG B 240 4.41 -25.25 -19.03
CA ARG B 240 3.25 -24.45 -19.44
C ARG B 240 2.49 -23.83 -18.25
N TYR B 241 2.35 -24.59 -17.17
CA TYR B 241 1.57 -24.15 -16.01
C TYR B 241 2.41 -23.67 -14.83
N ILE B 242 3.72 -23.89 -14.89
CA ILE B 242 4.62 -23.40 -13.84
C ILE B 242 5.75 -22.58 -14.48
N ASN B 243 5.86 -21.33 -14.04
CA ASN B 243 6.96 -20.46 -14.40
C ASN B 243 7.96 -20.44 -13.26
N LEU B 244 9.19 -20.85 -13.53
CA LEU B 244 10.24 -20.96 -12.51
C LEU B 244 10.71 -19.60 -11.99
N ARG B 245 10.34 -18.52 -12.67
CA ARG B 245 10.72 -17.17 -12.28
C ARG B 245 9.51 -16.30 -11.92
N GLY B 246 8.34 -16.92 -11.77
CA GLY B 246 7.09 -16.21 -11.51
C GLY B 246 6.31 -16.78 -10.33
N PRO B 247 5.09 -16.24 -10.09
CA PRO B 247 4.25 -16.73 -9.00
C PRO B 247 3.63 -18.09 -9.30
N ILE B 248 3.34 -18.86 -8.25
CA ILE B 248 2.73 -20.18 -8.40
C ILE B 248 1.21 -20.03 -8.49
N PRO B 249 0.56 -20.76 -9.41
CA PRO B 249 -0.90 -20.77 -9.43
C PRO B 249 -1.50 -21.17 -8.08
N ALA B 250 -2.48 -20.40 -7.62
CA ALA B 250 -2.97 -20.50 -6.22
C ALA B 250 -3.74 -21.77 -5.89
N HIS B 251 -3.95 -22.63 -6.87
CA HIS B 251 -4.79 -23.82 -6.71
C HIS B 251 -3.98 -25.13 -6.67
N LEU B 252 -2.65 -25.03 -6.74
CA LEU B 252 -1.78 -26.19 -6.86
C LEU B 252 -1.06 -26.57 -5.56
N LEU B 253 -1.31 -25.83 -4.50
CA LEU B 253 -0.54 -25.99 -3.25
C LEU B 253 -1.27 -26.83 -2.20
N GLY B 254 -2.35 -27.49 -2.60
CA GLY B 254 -3.00 -28.50 -1.76
C GLY B 254 -4.07 -28.00 -0.80
N ASP B 255 -4.41 -26.71 -0.90
CA ASP B 255 -5.35 -26.08 0.03
C ASP B 255 -6.07 -24.95 -0.73
N MET B 256 -7.36 -24.79 -0.48
CA MET B 256 -8.18 -23.83 -1.23
C MET B 256 -7.55 -22.43 -1.24
N TRP B 257 -6.95 -22.04 -0.12
CA TRP B 257 -6.41 -20.70 0.06
C TRP B 257 -4.87 -20.67 0.01
N ALA B 258 -4.27 -21.81 -0.31
CA ALA B 258 -2.81 -21.99 -0.32
C ALA B 258 -2.16 -21.54 0.99
N GLN B 259 -2.83 -21.81 2.10
CA GLN B 259 -2.41 -21.32 3.42
C GLN B 259 -1.49 -22.32 4.13
N SER B 260 -1.71 -23.61 3.89
CA SER B 260 -0.78 -24.65 4.35
C SER B 260 -0.50 -25.60 3.19
N TRP B 261 0.76 -26.01 3.05
CA TRP B 261 1.20 -26.77 1.89
C TRP B 261 1.44 -28.25 2.22
N GLU B 262 0.96 -28.70 3.37
CA GLU B 262 1.24 -30.07 3.85
C GLU B 262 0.71 -31.19 2.94
N ASN B 263 -0.38 -30.96 2.21
CA ASN B 263 -0.96 -31.99 1.33
C ASN B 263 -0.09 -32.36 0.12
N ILE B 264 0.83 -31.48 -0.28
CA ILE B 264 1.75 -31.80 -1.39
C ILE B 264 3.13 -32.24 -0.88
N TYR B 265 3.18 -32.79 0.33
CA TYR B 265 4.42 -33.28 0.94
C TYR B 265 5.08 -34.38 0.09
N ASP B 266 4.26 -35.27 -0.47
CA ASP B 266 4.76 -36.38 -1.30
C ASP B 266 5.53 -35.91 -2.54
N MET B 267 5.20 -34.73 -3.06
CA MET B 267 5.87 -34.19 -4.24
C MET B 267 7.19 -33.49 -3.93
N VAL B 268 7.38 -33.09 -2.67
CA VAL B 268 8.56 -32.33 -2.27
C VAL B 268 9.50 -33.08 -1.32
N VAL B 269 9.10 -34.26 -0.85
CA VAL B 269 9.90 -35.01 0.13
C VAL B 269 11.28 -35.37 -0.46
N PRO B 270 12.36 -34.86 0.15
CA PRO B 270 13.72 -35.10 -0.39
C PRO B 270 14.18 -36.56 -0.33
N PHE B 271 13.89 -37.25 0.77
CA PHE B 271 14.42 -38.59 1.00
C PHE B 271 13.29 -39.59 1.22
N PRO B 272 12.56 -39.95 0.13
CA PRO B 272 11.39 -40.84 0.23
C PRO B 272 11.66 -42.26 0.75
N ASP B 273 12.92 -42.69 0.74
CA ASP B 273 13.30 -44.01 1.27
C ASP B 273 13.16 -44.09 2.80
N LYS B 274 13.24 -42.94 3.48
CA LYS B 274 13.07 -42.88 4.93
C LYS B 274 11.58 -43.00 5.28
N PRO B 275 11.26 -43.35 6.54
CA PRO B 275 9.87 -43.50 6.96
C PRO B 275 8.95 -42.35 6.52
N ASN B 276 7.78 -42.69 5.98
CA ASN B 276 6.79 -41.70 5.56
C ASN B 276 6.19 -41.00 6.78
N LEU B 277 6.45 -39.71 6.91
CA LEU B 277 5.96 -38.93 8.05
C LEU B 277 4.53 -38.45 7.86
N ASP B 278 4.01 -38.56 6.63
CA ASP B 278 2.59 -38.32 6.39
C ASP B 278 1.84 -39.57 6.84
N VAL B 279 1.24 -39.47 8.02
CA VAL B 279 0.67 -40.61 8.73
C VAL B 279 -0.74 -40.96 8.24
N THR B 280 -1.36 -40.05 7.48
CA THR B 280 -2.76 -40.22 7.03
C THR B 280 -3.10 -41.64 6.55
N SER B 281 -2.26 -42.23 5.71
CA SER B 281 -2.52 -43.56 5.16
C SER B 281 -2.54 -44.62 6.26
N THR B 282 -1.71 -44.44 7.29
CA THR B 282 -1.69 -45.34 8.45
C THR B 282 -2.94 -45.18 9.32
N MET B 283 -3.42 -43.94 9.47
CA MET B 283 -4.65 -43.67 10.25
C MET B 283 -5.88 -44.33 9.62
N LEU B 284 -5.97 -44.26 8.29
CA LEU B 284 -7.06 -44.91 7.56
C LEU B 284 -6.95 -46.44 7.61
N GLN B 285 -5.73 -46.95 7.47
CA GLN B 285 -5.49 -48.40 7.54
C GLN B 285 -5.89 -48.99 8.89
N GLN B 286 -5.53 -48.29 9.97
CA GLN B 286 -5.86 -48.73 11.33
C GLN B 286 -7.33 -48.49 11.68
N GLY B 287 -7.98 -47.59 10.95
CA GLY B 287 -9.41 -47.33 11.12
C GLY B 287 -9.70 -46.31 12.22
N TRP B 288 -8.93 -45.23 12.25
CA TRP B 288 -9.18 -44.13 13.19
C TRP B 288 -10.51 -43.43 12.86
N ASN B 289 -11.05 -42.73 13.83
CA ASN B 289 -12.31 -42.00 13.67
C ASN B 289 -12.27 -40.72 14.49
N ALA B 290 -13.29 -39.88 14.30
CA ALA B 290 -13.42 -38.64 15.06
C ALA B 290 -13.17 -38.89 16.53
N THR B 291 -13.89 -39.85 17.09
CA THR B 291 -13.80 -40.18 18.52
C THR B 291 -12.36 -40.40 18.97
N HIS B 292 -11.67 -41.33 18.31
CA HIS B 292 -10.28 -41.66 18.68
C HIS B 292 -9.39 -40.43 18.70
N MET B 293 -9.48 -39.63 17.65
CA MET B 293 -8.63 -38.45 17.49
C MET B 293 -8.80 -37.46 18.65
N PHE B 294 -10.04 -37.29 19.12
CA PHE B 294 -10.32 -36.42 20.27
C PHE B 294 -9.86 -37.01 21.60
N ARG B 295 -10.00 -38.32 21.79
CA ARG B 295 -9.56 -38.96 23.03
C ARG B 295 -8.03 -38.93 23.13
N VAL B 296 -7.36 -39.11 22.00
CA VAL B 296 -5.89 -39.09 21.96
C VAL B 296 -5.39 -37.68 22.26
N ALA B 297 -6.09 -36.68 21.73
CA ALA B 297 -5.79 -35.28 22.04
C ALA B 297 -5.96 -35.01 23.53
N GLU B 298 -7.09 -35.44 24.09
CA GLU B 298 -7.36 -35.26 25.52
C GLU B 298 -6.29 -35.92 26.39
N GLU B 299 -5.90 -37.15 26.03
CA GLU B 299 -4.94 -37.90 26.82
C GLU B 299 -3.58 -37.16 26.94
N PHE B 300 -3.18 -36.45 25.89
CA PHE B 300 -1.96 -35.62 25.93
C PHE B 300 -2.08 -34.51 26.98
N PHE B 301 -3.21 -33.79 26.99
CA PHE B 301 -3.47 -32.74 27.96
C PHE B 301 -3.42 -33.25 29.41
N THR B 302 -4.03 -34.41 29.65
CA THR B 302 -4.02 -35.01 30.98
C THR B 302 -2.63 -35.53 31.37
N SER B 303 -1.80 -35.90 30.39
CA SER B 303 -0.42 -36.31 30.67
C SER B 303 0.40 -35.16 31.26
N LEU B 304 0.00 -33.93 30.94
CA LEU B 304 0.60 -32.73 31.53
C LEU B 304 -0.07 -32.31 32.84
N GLU B 305 -0.93 -33.16 33.37
CA GLU B 305 -1.77 -32.82 34.53
C GLU B 305 -2.61 -31.56 34.27
N LEU B 306 -3.10 -31.43 33.03
CA LEU B 306 -4.13 -30.44 32.72
C LEU B 306 -5.48 -31.16 32.76
N SER B 307 -6.56 -30.38 32.72
CA SER B 307 -7.90 -30.90 32.91
C SER B 307 -8.41 -31.72 31.73
N PRO B 308 -9.14 -32.81 32.01
CA PRO B 308 -9.79 -33.55 30.92
C PRO B 308 -11.05 -32.83 30.44
N MET B 309 -11.64 -33.32 29.36
CA MET B 309 -12.91 -32.77 28.87
C MET B 309 -14.02 -33.23 29.80
N PRO B 310 -14.86 -32.29 30.28
CA PRO B 310 -15.94 -32.67 31.19
C PRO B 310 -17.08 -33.39 30.46
N PRO B 311 -17.94 -34.12 31.20
CA PRO B 311 -19.07 -34.84 30.60
C PRO B 311 -19.89 -34.02 29.60
N GLU B 312 -20.09 -32.74 29.93
CA GLU B 312 -20.85 -31.81 29.09
C GLU B 312 -20.27 -31.68 27.68
N PHE B 313 -18.94 -31.70 27.59
CA PHE B 313 -18.25 -31.62 26.30
C PHE B 313 -18.57 -32.81 25.40
N TRP B 314 -18.46 -34.01 25.94
CA TRP B 314 -18.68 -35.23 25.16
C TRP B 314 -20.14 -35.37 24.74
N GLU B 315 -21.06 -34.97 25.61
CA GLU B 315 -22.48 -35.02 25.32
C GLU B 315 -22.88 -33.93 24.34
N GLY B 316 -22.31 -32.74 24.51
CA GLY B 316 -22.73 -31.56 23.73
C GLY B 316 -22.07 -31.34 22.38
N SER B 317 -20.81 -31.74 22.25
CA SER B 317 -20.00 -31.40 21.07
C SER B 317 -20.49 -32.07 19.78
N MET B 318 -20.19 -31.43 18.65
CA MET B 318 -20.45 -32.00 17.33
C MET B 318 -19.11 -32.34 16.67
N LEU B 319 -18.74 -33.63 16.74
CA LEU B 319 -17.42 -34.07 16.29
C LEU B 319 -17.41 -34.67 14.88
N GLU B 320 -18.58 -34.79 14.27
CA GLU B 320 -18.71 -35.25 12.89
C GLU B 320 -19.77 -34.43 12.17
N LYS B 321 -19.73 -34.45 10.84
CA LYS B 321 -20.76 -33.82 10.02
C LYS B 321 -22.02 -34.68 10.07
N PRO B 322 -23.16 -34.09 10.48
CA PRO B 322 -24.42 -34.85 10.51
C PRO B 322 -24.79 -35.47 9.17
N ALA B 323 -25.31 -36.69 9.21
CA ALA B 323 -25.75 -37.40 8.01
C ALA B 323 -27.27 -37.42 7.86
N ASP B 324 -27.96 -36.56 8.61
CA ASP B 324 -29.43 -36.51 8.59
C ASP B 324 -29.97 -35.30 7.81
N GLY B 325 -29.19 -34.80 6.85
CA GLY B 325 -29.65 -33.74 5.96
C GLY B 325 -29.41 -32.31 6.43
N ARG B 326 -29.48 -32.08 7.75
CA ARG B 326 -29.34 -30.73 8.31
C ARG B 326 -28.05 -30.07 7.85
N GLU B 327 -28.13 -28.76 7.60
CA GLU B 327 -26.99 -28.00 7.12
C GLU B 327 -26.24 -27.40 8.31
N VAL B 328 -24.92 -27.35 8.24
CA VAL B 328 -24.09 -26.89 9.35
C VAL B 328 -22.95 -25.99 8.91
N VAL B 329 -22.43 -25.21 9.84
CA VAL B 329 -21.16 -24.52 9.66
C VAL B 329 -20.09 -25.56 9.95
N CYS B 330 -19.25 -25.86 8.96
CA CYS B 330 -18.26 -26.93 9.13
C CYS B 330 -16.89 -26.46 9.59
N HIS B 331 -16.62 -25.16 9.44
CA HIS B 331 -15.36 -24.61 9.93
C HIS B 331 -15.25 -24.89 11.43
N ALA B 332 -14.14 -25.49 11.84
CA ALA B 332 -13.97 -25.91 13.23
C ALA B 332 -13.98 -24.73 14.19
N SER B 333 -14.46 -24.97 15.41
CA SER B 333 -14.55 -23.91 16.41
C SER B 333 -14.76 -24.47 17.81
N ALA B 334 -14.34 -23.68 18.81
CA ALA B 334 -14.42 -24.06 20.22
C ALA B 334 -15.33 -23.07 20.94
N TRP B 335 -16.24 -23.58 21.76
CA TRP B 335 -17.34 -22.78 22.29
C TRP B 335 -17.35 -22.72 23.82
N ASP B 336 -17.42 -21.50 24.35
CA ASP B 336 -17.61 -21.27 25.78
C ASP B 336 -18.97 -20.61 25.99
N PHE B 337 -19.83 -21.22 26.81
CA PHE B 337 -21.20 -20.74 27.02
C PHE B 337 -21.35 -19.81 28.23
N TYR B 338 -20.24 -19.56 28.92
CA TYR B 338 -20.20 -18.61 30.03
C TYR B 338 -21.10 -18.96 31.22
N ASN B 339 -21.35 -20.25 31.42
CA ASN B 339 -22.08 -20.73 32.59
C ASN B 339 -21.20 -21.61 33.50
N ARG B 340 -19.89 -21.62 33.20
CA ARG B 340 -18.90 -22.41 33.95
C ARG B 340 -19.14 -23.93 33.92
N LYS B 341 -19.92 -24.39 32.95
CA LYS B 341 -20.32 -25.80 32.86
C LYS B 341 -20.16 -26.37 31.46
N ASP B 342 -20.75 -25.70 30.47
CA ASP B 342 -20.79 -26.20 29.09
C ASP B 342 -19.65 -25.64 28.24
N PHE B 343 -18.89 -26.55 27.66
CA PHE B 343 -17.83 -26.22 26.70
C PHE B 343 -17.93 -27.23 25.57
N ARG B 344 -17.93 -26.76 24.33
CA ARG B 344 -18.17 -27.65 23.20
C ARG B 344 -17.24 -27.34 22.04
N ILE B 345 -16.94 -28.37 21.24
CA ILE B 345 -16.28 -28.17 19.96
C ILE B 345 -17.25 -28.57 18.85
N LYS B 346 -17.27 -27.78 17.80
CA LYS B 346 -18.02 -28.07 16.60
C LYS B 346 -16.99 -28.27 15.47
N GLN B 347 -16.87 -29.50 14.98
CA GLN B 347 -15.92 -29.82 13.91
C GLN B 347 -16.46 -30.94 13.01
N CYS B 348 -16.44 -30.68 11.70
CA CYS B 348 -16.77 -31.70 10.71
C CYS B 348 -15.50 -32.50 10.43
N THR B 349 -15.14 -33.36 11.39
CA THR B 349 -13.85 -34.04 11.40
C THR B 349 -13.70 -35.09 10.29
N ARG B 350 -12.60 -34.98 9.53
CA ARG B 350 -12.15 -36.05 8.64
C ARG B 350 -10.95 -36.74 9.28
N VAL B 351 -10.68 -37.96 8.84
CA VAL B 351 -9.56 -38.74 9.36
C VAL B 351 -8.30 -38.40 8.57
N THR B 352 -7.60 -37.36 9.01
CA THR B 352 -6.36 -36.89 8.37
C THR B 352 -5.37 -36.46 9.45
N MET B 353 -4.09 -36.40 9.10
CA MET B 353 -3.05 -35.91 10.02
C MET B 353 -3.25 -34.43 10.36
N ASP B 354 -3.58 -33.62 9.35
CA ASP B 354 -3.81 -32.17 9.58
C ASP B 354 -5.05 -31.94 10.44
N GLN B 355 -6.04 -32.81 10.31
CA GLN B 355 -7.21 -32.79 11.17
C GLN B 355 -6.86 -33.20 12.59
N LEU B 356 -5.92 -34.13 12.74
CA LEU B 356 -5.44 -34.55 14.05
C LEU B 356 -4.81 -33.37 14.80
N SER B 357 -4.01 -32.58 14.10
CA SER B 357 -3.42 -31.38 14.71
C SER B 357 -4.46 -30.27 14.87
N THR B 358 -5.43 -30.20 13.96
CA THR B 358 -6.56 -29.27 14.10
C THR B 358 -7.42 -29.62 15.32
N VAL B 359 -7.53 -30.91 15.65
CA VAL B 359 -8.23 -31.34 16.87
C VAL B 359 -7.51 -30.80 18.11
N HIS B 360 -6.18 -30.88 18.11
CA HIS B 360 -5.38 -30.34 19.21
C HIS B 360 -5.50 -28.83 19.30
N HIS B 361 -5.58 -28.17 18.15
CA HIS B 361 -5.76 -26.73 18.10
C HIS B 361 -7.08 -26.32 18.75
N GLU B 362 -8.16 -27.01 18.41
CA GLU B 362 -9.48 -26.70 18.98
C GLU B 362 -9.56 -27.03 20.47
N MET B 363 -8.97 -28.15 20.87
CA MET B 363 -8.98 -28.56 22.29
C MET B 363 -8.14 -27.60 23.14
N GLY B 364 -7.11 -27.00 22.54
CA GLY B 364 -6.35 -25.92 23.16
C GLY B 364 -7.23 -24.76 23.62
N HIS B 365 -8.22 -24.39 22.80
CA HIS B 365 -9.17 -23.34 23.18
C HIS B 365 -10.01 -23.76 24.37
N ILE B 366 -10.56 -24.97 24.31
CA ILE B 366 -11.38 -25.53 25.39
C ILE B 366 -10.58 -25.59 26.69
N GLN B 367 -9.36 -26.11 26.60
CA GLN B 367 -8.49 -26.20 27.76
C GLN B 367 -8.32 -24.83 28.42
N TYR B 368 -8.14 -23.80 27.60
CA TYR B 368 -8.03 -22.43 28.08
C TYR B 368 -9.29 -22.05 28.86
N TYR B 369 -10.46 -22.31 28.24
CA TYR B 369 -11.75 -22.04 28.88
C TYR B 369 -11.84 -22.67 30.27
N LEU B 370 -11.41 -23.93 30.37
CA LEU B 370 -11.51 -24.67 31.62
C LEU B 370 -10.64 -24.11 32.75
N GLN B 371 -9.50 -23.52 32.40
CA GLN B 371 -8.57 -22.98 33.39
C GLN B 371 -8.99 -21.61 33.93
N TYR B 372 -9.50 -20.74 33.07
CA TYR B 372 -9.88 -19.39 33.51
C TYR B 372 -11.38 -19.18 33.76
N LYS B 373 -12.14 -20.26 33.88
CA LYS B 373 -13.59 -20.18 34.08
C LYS B 373 -14.00 -19.56 35.43
N ASP B 374 -13.08 -19.57 36.41
CA ASP B 374 -13.35 -19.02 37.74
C ASP B 374 -13.17 -17.50 37.82
N LEU B 375 -12.61 -16.89 36.78
CA LEU B 375 -12.38 -15.43 36.77
C LEU B 375 -13.65 -14.67 36.36
N PRO B 376 -13.69 -13.35 36.63
CA PRO B 376 -14.72 -12.48 36.08
C PRO B 376 -14.82 -12.58 34.57
N VAL B 377 -16.05 -12.53 34.06
CA VAL B 377 -16.31 -12.82 32.65
C VAL B 377 -15.49 -11.99 31.66
N SER B 378 -15.20 -10.73 32.01
CA SER B 378 -14.42 -9.84 31.15
C SER B 378 -12.94 -10.27 31.08
N LEU B 379 -12.48 -11.01 32.07
CA LEU B 379 -11.11 -11.53 32.09
C LEU B 379 -11.01 -12.93 31.45
N ARG B 380 -12.12 -13.45 30.92
CA ARG B 380 -12.13 -14.77 30.29
C ARG B 380 -11.77 -14.66 28.82
N ARG B 381 -10.50 -14.34 28.58
CA ARG B 381 -9.92 -14.26 27.24
C ARG B 381 -8.47 -14.71 27.38
N GLY B 382 -7.74 -14.76 26.26
CA GLY B 382 -6.30 -14.98 26.32
C GLY B 382 -5.59 -13.71 26.74
N ALA B 383 -4.31 -13.83 27.10
CA ALA B 383 -3.49 -12.65 27.40
C ALA B 383 -3.57 -11.69 26.21
N ASN B 384 -3.50 -12.26 25.01
CA ASN B 384 -4.01 -11.63 23.80
C ASN B 384 -4.61 -12.74 22.94
N PRO B 385 -5.32 -12.41 21.86
CA PRO B 385 -5.93 -13.48 21.07
C PRO B 385 -4.91 -14.48 20.50
N GLY B 386 -3.68 -14.03 20.29
CA GLY B 386 -2.59 -14.89 19.83
C GLY B 386 -2.18 -15.99 20.79
N PHE B 387 -2.28 -15.72 22.10
CA PHE B 387 -2.05 -16.75 23.13
C PHE B 387 -3.07 -17.88 22.98
N HIS B 388 -4.32 -17.52 22.75
CA HIS B 388 -5.41 -18.49 22.68
C HIS B 388 -5.17 -19.45 21.51
N GLU B 389 -4.71 -18.91 20.39
CA GLU B 389 -4.44 -19.71 19.20
C GLU B 389 -3.18 -20.59 19.32
N ALA B 390 -2.26 -20.23 20.20
CA ALA B 390 -0.96 -20.90 20.30
C ALA B 390 -0.98 -22.18 21.15
N ILE B 391 -1.96 -22.30 22.05
CA ILE B 391 -1.97 -23.35 23.07
C ILE B 391 -1.99 -24.74 22.44
N GLY B 392 -2.96 -25.00 21.57
CA GLY B 392 -3.10 -26.30 20.92
C GLY B 392 -1.95 -26.61 19.97
N ASP B 393 -1.47 -25.59 19.28
CA ASP B 393 -0.38 -25.76 18.31
C ASP B 393 0.92 -26.17 19.00
N VAL B 394 1.17 -25.62 20.19
CA VAL B 394 2.36 -25.97 20.97
C VAL B 394 2.40 -27.48 21.26
N LEU B 395 1.27 -28.03 21.72
CA LEU B 395 1.17 -29.47 21.99
C LEU B 395 1.36 -30.28 20.71
N ALA B 396 0.78 -29.81 19.61
CA ALA B 396 0.85 -30.49 18.33
C ALA B 396 2.27 -30.55 17.76
N LEU B 397 3.13 -29.62 18.17
CA LEU B 397 4.54 -29.70 17.81
C LEU B 397 5.19 -30.93 18.43
N SER B 398 4.79 -31.26 19.66
CA SER B 398 5.26 -32.48 20.34
C SER B 398 4.66 -33.75 19.72
N VAL B 399 3.38 -33.69 19.38
CA VAL B 399 2.66 -34.85 18.83
C VAL B 399 3.17 -35.24 17.44
N SER B 400 3.59 -34.23 16.67
CA SER B 400 4.06 -34.43 15.31
C SER B 400 5.44 -35.09 15.22
N THR B 401 6.23 -35.00 16.29
CA THR B 401 7.56 -35.60 16.31
C THR B 401 7.49 -37.10 16.00
N PRO B 402 8.42 -37.61 15.18
CA PRO B 402 8.43 -39.04 14.85
C PRO B 402 8.46 -39.96 16.07
N GLU B 403 9.17 -39.55 17.12
CA GLU B 403 9.25 -40.32 18.36
C GLU B 403 7.87 -40.47 19.02
N HIS B 404 7.10 -39.39 19.03
CA HIS B 404 5.75 -39.44 19.62
C HIS B 404 4.78 -40.22 18.75
N LEU B 405 4.86 -40.05 17.44
CA LEU B 405 4.02 -40.79 16.49
C LEU B 405 4.26 -42.30 16.60
N HIS B 406 5.50 -42.69 16.85
CA HIS B 406 5.85 -44.08 17.12
C HIS B 406 5.18 -44.59 18.41
N LYS B 407 5.20 -43.76 19.45
CA LYS B 407 4.59 -44.14 20.73
C LYS B 407 3.08 -44.34 20.65
N ILE B 408 2.41 -43.60 19.75
CA ILE B 408 0.96 -43.73 19.58
C ILE B 408 0.57 -44.69 18.44
N GLY B 409 1.53 -45.47 17.96
CA GLY B 409 1.26 -46.53 16.98
C GLY B 409 1.05 -46.11 15.54
N LEU B 410 1.56 -44.92 15.19
CA LEU B 410 1.39 -44.36 13.84
C LEU B 410 2.67 -44.39 12.99
N LEU B 411 3.80 -44.72 13.60
CA LEU B 411 5.03 -45.00 12.87
C LEU B 411 5.58 -46.34 13.30
N ASP B 412 5.98 -47.16 12.33
CA ASP B 412 6.53 -48.50 12.59
C ASP B 412 7.96 -48.45 13.10
N ARG B 413 8.64 -47.33 12.88
CA ARG B 413 10.04 -47.18 13.28
C ARG B 413 10.46 -45.71 13.24
N VAL B 414 11.43 -45.37 14.07
CA VAL B 414 12.02 -44.03 14.07
C VAL B 414 13.51 -44.18 13.75
N THR B 415 14.08 -43.14 13.16
CA THR B 415 15.50 -43.12 12.83
C THR B 415 16.06 -41.72 13.08
N ASN B 416 17.01 -41.61 14.00
CA ASN B 416 17.61 -40.32 14.33
C ASN B 416 18.81 -40.02 13.45
N ASP B 417 18.54 -39.70 12.18
CA ASP B 417 19.59 -39.32 11.23
C ASP B 417 19.25 -37.99 10.57
N THR B 418 20.23 -37.43 9.86
CA THR B 418 20.08 -36.11 9.25
C THR B 418 19.06 -36.08 8.12
N GLU B 419 18.98 -37.14 7.32
CA GLU B 419 18.01 -37.21 6.22
C GLU B 419 16.57 -37.19 6.75
N SER B 420 16.33 -37.89 7.86
CA SER B 420 15.02 -37.90 8.52
C SER B 420 14.66 -36.56 9.13
N ASP B 421 15.65 -35.85 9.65
CA ASP B 421 15.43 -34.50 10.20
C ASP B 421 15.00 -33.52 9.13
N ILE B 422 15.61 -33.59 7.95
CA ILE B 422 15.24 -32.72 6.83
C ILE B 422 13.82 -33.02 6.36
N ASN B 423 13.48 -34.30 6.26
CA ASN B 423 12.12 -34.71 5.91
C ASN B 423 11.09 -34.13 6.89
N TYR B 424 11.36 -34.26 8.18
CA TYR B 424 10.45 -33.76 9.21
C TYR B 424 10.36 -32.24 9.18
N LEU B 425 11.51 -31.58 9.18
CA LEU B 425 11.54 -30.12 9.19
C LEU B 425 10.97 -29.50 7.91
N LEU B 426 11.02 -30.22 6.80
CA LEU B 426 10.40 -29.75 5.56
C LEU B 426 8.88 -29.86 5.66
N LYS B 427 8.40 -30.98 6.19
CA LYS B 427 6.97 -31.17 6.38
C LYS B 427 6.39 -30.12 7.33
N MET B 428 7.13 -29.79 8.38
CA MET B 428 6.71 -28.75 9.33
C MET B 428 6.79 -27.35 8.71
N ALA B 429 7.75 -27.14 7.81
CA ALA B 429 7.86 -25.87 7.08
C ALA B 429 6.66 -25.64 6.16
N LEU B 430 6.18 -26.71 5.53
CA LEU B 430 5.01 -26.63 4.65
C LEU B 430 3.74 -26.28 5.44
N GLU B 431 3.74 -26.60 6.72
CA GLU B 431 2.65 -26.25 7.62
C GLU B 431 2.86 -24.86 8.21
N LYS B 432 4.03 -24.64 8.82
CA LYS B 432 4.26 -23.46 9.65
C LYS B 432 4.82 -22.24 8.90
N ILE B 433 5.82 -22.44 8.05
CA ILE B 433 6.45 -21.33 7.33
C ILE B 433 5.58 -20.85 6.17
N ALA B 434 5.01 -21.79 5.44
CA ALA B 434 4.16 -21.46 4.29
C ALA B 434 2.94 -20.60 4.66
N PHE B 435 2.44 -20.77 5.87
CA PHE B 435 1.29 -19.99 6.35
C PHE B 435 1.62 -18.54 6.66
N LEU B 436 2.85 -18.28 7.10
CA LEU B 436 3.25 -16.95 7.59
C LEU B 436 2.82 -15.77 6.69
N PRO B 437 3.06 -15.87 5.38
CA PRO B 437 2.61 -14.79 4.49
C PRO B 437 1.10 -14.58 4.48
N PHE B 438 0.33 -15.66 4.46
CA PHE B 438 -1.13 -15.55 4.44
C PHE B 438 -1.64 -14.99 5.76
N GLY B 439 -1.16 -15.54 6.87
CA GLY B 439 -1.52 -15.04 8.20
C GLY B 439 -1.21 -13.56 8.40
N TYR B 440 -0.17 -13.08 7.71
CA TYR B 440 0.23 -11.68 7.78
C TYR B 440 -0.64 -10.77 6.88
N LEU B 441 -1.06 -11.26 5.73
CA LEU B 441 -1.71 -10.39 4.73
C LEU B 441 -3.23 -10.21 4.87
N VAL B 442 -3.92 -11.11 5.56
CA VAL B 442 -5.39 -11.06 5.62
C VAL B 442 -5.89 -9.79 6.30
N ASP B 443 -5.36 -9.49 7.48
CA ASP B 443 -5.77 -8.28 8.20
C ASP B 443 -5.15 -7.01 7.64
N GLN B 444 -3.98 -7.10 6.98
CA GLN B 444 -3.47 -5.97 6.21
C GLN B 444 -4.52 -5.54 5.17
N TRP B 445 -5.16 -6.52 4.54
CA TRP B 445 -6.24 -6.25 3.60
C TRP B 445 -7.46 -5.64 4.30
N ARG B 446 -7.85 -6.20 5.43
CA ARG B 446 -9.02 -5.70 6.17
C ARG B 446 -8.80 -4.35 6.84
N TRP B 447 -7.58 -4.10 7.34
CA TRP B 447 -7.27 -2.80 7.92
C TRP B 447 -7.37 -1.69 6.87
N GLY B 448 -6.92 -1.99 5.65
CA GLY B 448 -7.06 -1.06 4.53
C GLY B 448 -8.51 -0.79 4.18
N VAL B 449 -9.32 -1.85 4.18
CA VAL B 449 -10.75 -1.73 3.90
C VAL B 449 -11.43 -0.89 4.98
N PHE B 450 -11.11 -1.16 6.25
CA PHE B 450 -11.68 -0.39 7.34
C PHE B 450 -11.22 1.07 7.35
N SER B 451 -9.94 1.30 7.05
CA SER B 451 -9.40 2.67 7.03
C SER B 451 -9.89 3.47 5.83
N GLY B 452 -10.51 2.79 4.86
CA GLY B 452 -10.97 3.42 3.63
C GLY B 452 -9.93 3.41 2.53
N ARG B 453 -8.72 2.94 2.82
CA ARG B 453 -7.65 2.88 1.81
C ARG B 453 -8.11 2.04 0.62
N THR B 454 -8.78 0.94 0.91
CA THR B 454 -9.30 0.03 -0.12
C THR B 454 -10.84 0.09 -0.15
N PRO B 455 -11.40 0.90 -1.06
CA PRO B 455 -12.86 0.91 -1.24
C PRO B 455 -13.36 -0.31 -2.02
N PRO B 456 -14.69 -0.49 -2.09
CA PRO B 456 -15.30 -1.59 -2.85
C PRO B 456 -14.76 -1.77 -4.26
N SER B 457 -14.41 -0.67 -4.93
CA SER B 457 -13.89 -0.72 -6.29
C SER B 457 -12.48 -1.31 -6.41
N ARG B 458 -11.82 -1.55 -5.28
CA ARG B 458 -10.49 -2.17 -5.25
C ARG B 458 -10.39 -3.39 -4.32
N TYR B 459 -11.53 -3.95 -3.89
CA TYR B 459 -11.50 -5.09 -2.96
C TYR B 459 -10.60 -6.21 -3.48
N ASN B 460 -10.81 -6.61 -4.74
CA ASN B 460 -10.10 -7.74 -5.32
C ASN B 460 -8.72 -7.36 -5.86
N PHE B 461 -8.63 -6.17 -6.45
CA PHE B 461 -7.36 -5.60 -6.90
C PHE B 461 -6.35 -5.61 -5.74
N ASP B 462 -6.73 -5.01 -4.61
CA ASP B 462 -5.85 -4.96 -3.44
C ASP B 462 -5.63 -6.32 -2.77
N TRP B 463 -6.62 -7.21 -2.85
CA TRP B 463 -6.47 -8.56 -2.33
C TRP B 463 -5.35 -9.30 -3.06
N TRP B 464 -5.41 -9.30 -4.39
CA TRP B 464 -4.43 -10.04 -5.19
C TRP B 464 -3.05 -9.40 -5.23
N TYR B 465 -2.97 -8.08 -5.03
CA TYR B 465 -1.69 -7.41 -4.84
C TYR B 465 -0.96 -7.99 -3.62
N LEU B 466 -1.68 -8.12 -2.52
CA LEU B 466 -1.12 -8.66 -1.28
C LEU B 466 -0.77 -10.15 -1.40
N ARG B 467 -1.62 -10.91 -2.09
CA ARG B 467 -1.41 -12.33 -2.30
C ARG B 467 -0.15 -12.59 -3.13
N THR B 468 0.07 -11.73 -4.11
CA THR B 468 1.26 -11.81 -4.95
C THR B 468 2.49 -11.31 -4.18
N LYS B 469 2.35 -10.18 -3.49
CA LYS B 469 3.46 -9.58 -2.75
C LYS B 469 4.04 -10.51 -1.69
N TYR B 470 3.17 -11.14 -0.92
CA TYR B 470 3.59 -11.93 0.23
C TYR B 470 3.70 -13.42 -0.06
N GLN B 471 2.67 -14.00 -0.67
CA GLN B 471 2.66 -15.44 -0.91
C GLN B 471 3.37 -15.84 -2.19
N GLY B 472 3.53 -14.92 -3.12
CA GLY B 472 4.08 -15.23 -4.44
C GLY B 472 3.20 -16.19 -5.21
N ILE B 473 1.89 -15.95 -5.14
CA ILE B 473 0.93 -16.74 -5.90
C ILE B 473 0.13 -15.84 -6.84
N CYS B 474 -0.51 -16.46 -7.83
CA CYS B 474 -1.33 -15.75 -8.80
C CYS B 474 -2.61 -16.55 -9.04
N PRO B 475 -3.70 -15.86 -9.43
CA PRO B 475 -4.95 -16.58 -9.70
C PRO B 475 -4.86 -17.37 -11.02
N PRO B 476 -5.35 -18.62 -11.03
CA PRO B 476 -5.27 -19.44 -12.25
C PRO B 476 -6.28 -19.05 -13.34
N VAL B 477 -7.19 -18.13 -13.04
CA VAL B 477 -8.07 -17.52 -14.03
C VAL B 477 -8.14 -16.03 -13.78
N THR B 478 -8.48 -15.27 -14.82
CA THR B 478 -8.62 -13.83 -14.71
C THR B 478 -9.73 -13.46 -13.72
N ARG B 479 -9.43 -12.52 -12.84
CA ARG B 479 -10.39 -12.03 -11.86
C ARG B 479 -10.63 -10.54 -12.09
N ASN B 480 -11.74 -10.03 -11.58
CA ASN B 480 -12.13 -8.64 -11.71
C ASN B 480 -12.99 -8.23 -10.52
N GLU B 481 -13.47 -6.99 -10.49
CA GLU B 481 -14.11 -6.46 -9.28
C GLU B 481 -15.55 -6.94 -9.00
N THR B 482 -16.12 -7.76 -9.89
CA THR B 482 -17.36 -8.46 -9.53
C THR B 482 -17.04 -9.64 -8.62
N HIS B 483 -15.82 -10.17 -8.78
CA HIS B 483 -15.31 -11.18 -7.87
C HIS B 483 -14.90 -10.57 -6.53
N PHE B 484 -15.04 -11.35 -5.47
CA PHE B 484 -14.73 -10.91 -4.12
C PHE B 484 -14.05 -12.07 -3.41
N ASP B 485 -12.81 -12.33 -3.81
CA ASP B 485 -12.11 -13.54 -3.41
C ASP B 485 -11.80 -13.59 -1.90
N ALA B 486 -11.67 -12.43 -1.27
CA ALA B 486 -11.48 -12.36 0.18
C ALA B 486 -12.64 -12.99 0.95
N GLY B 487 -13.86 -12.83 0.44
CA GLY B 487 -15.05 -13.42 1.06
C GLY B 487 -15.15 -14.93 0.89
N ALA B 488 -14.30 -15.50 0.04
CA ALA B 488 -14.21 -16.95 -0.11
C ALA B 488 -13.39 -17.60 1.01
N LYS B 489 -12.83 -16.79 1.90
CA LYS B 489 -12.17 -17.28 3.12
C LYS B 489 -13.10 -17.06 4.31
N PHE B 490 -13.26 -18.07 5.17
CA PHE B 490 -14.27 -18.09 6.24
C PHE B 490 -14.32 -16.85 7.14
N HIS B 491 -13.13 -16.37 7.52
CA HIS B 491 -13.00 -15.37 8.57
C HIS B 491 -13.48 -13.97 8.16
N VAL B 492 -13.53 -13.71 6.86
CA VAL B 492 -13.96 -12.41 6.34
C VAL B 492 -15.47 -12.18 6.50
N PRO B 493 -16.33 -13.07 5.95
CA PRO B 493 -17.78 -12.89 6.18
C PRO B 493 -18.23 -13.14 7.62
N ASN B 494 -17.46 -13.92 8.38
CA ASN B 494 -17.79 -14.17 9.79
C ASN B 494 -17.17 -13.15 10.76
N VAL B 495 -16.47 -12.15 10.23
CA VAL B 495 -16.03 -10.98 10.98
C VAL B 495 -15.14 -11.33 12.18
N THR B 496 -14.22 -12.26 11.99
CA THR B 496 -13.30 -12.62 13.05
C THR B 496 -11.86 -12.31 12.62
N PRO B 497 -11.10 -11.58 13.46
CA PRO B 497 -9.76 -11.14 13.04
C PRO B 497 -8.78 -12.29 12.82
N TYR B 498 -7.72 -12.01 12.06
CA TYR B 498 -6.79 -13.04 11.58
C TYR B 498 -5.33 -12.85 12.02
N ILE B 499 -4.95 -11.63 12.39
CA ILE B 499 -3.57 -11.35 12.79
C ILE B 499 -3.15 -12.24 13.97
N ARG B 500 -4.11 -12.63 14.80
CA ARG B 500 -3.90 -13.62 15.86
C ARG B 500 -3.16 -14.88 15.41
N TYR B 501 -3.39 -15.32 14.18
CA TYR B 501 -2.76 -16.54 13.67
C TYR B 501 -1.29 -16.32 13.28
N PHE B 502 -0.94 -15.13 12.82
CA PHE B 502 0.47 -14.78 12.58
C PHE B 502 1.22 -14.69 13.90
N VAL B 503 0.61 -14.01 14.87
CA VAL B 503 1.17 -13.90 16.22
C VAL B 503 1.30 -15.28 16.84
N SER B 504 0.30 -16.12 16.63
CA SER B 504 0.29 -17.48 17.18
C SER B 504 1.41 -18.37 16.63
N PHE B 505 1.75 -18.18 15.37
CA PHE B 505 2.76 -19.03 14.70
C PHE B 505 4.19 -18.70 15.12
N VAL B 506 4.42 -17.49 15.62
CA VAL B 506 5.73 -17.08 16.15
C VAL B 506 5.82 -17.40 17.64
N LEU B 507 4.72 -17.11 18.35
CA LEU B 507 4.63 -17.28 19.79
C LEU B 507 4.70 -18.75 20.22
N GLN B 508 4.11 -19.64 19.42
CA GLN B 508 4.09 -21.07 19.74
C GLN B 508 5.50 -21.70 19.82
N PHE B 509 6.45 -21.16 19.05
CA PHE B 509 7.84 -21.61 19.13
C PHE B 509 8.57 -21.02 20.34
N GLN B 510 8.19 -19.82 20.76
CA GLN B 510 8.68 -19.25 22.01
C GLN B 510 8.18 -20.07 23.20
N PHE B 511 6.89 -20.44 23.16
CA PHE B 511 6.32 -21.33 24.17
C PHE B 511 7.01 -22.69 24.15
N HIS B 512 7.17 -23.25 22.96
CA HIS B 512 7.77 -24.58 22.79
C HIS B 512 9.18 -24.65 23.37
N GLU B 513 10.01 -23.65 23.07
CA GLU B 513 11.37 -23.60 23.61
C GLU B 513 11.37 -23.53 25.14
N ALA B 514 10.45 -22.75 25.71
CA ALA B 514 10.38 -22.58 27.16
C ALA B 514 9.94 -23.87 27.85
N LEU B 515 8.90 -24.51 27.34
CA LEU B 515 8.37 -25.74 27.93
C LEU B 515 9.36 -26.90 27.83
N CYS B 516 10.11 -26.95 26.73
CA CYS B 516 11.15 -27.96 26.55
C CYS B 516 12.28 -27.79 27.57
N LYS B 517 12.65 -26.52 27.81
CA LYS B 517 13.66 -26.22 28.84
C LYS B 517 13.18 -26.68 30.22
N GLU B 518 11.92 -26.37 30.55
CA GLU B 518 11.35 -26.75 31.84
C GLU B 518 11.07 -28.25 31.96
N ALA B 519 10.94 -28.94 30.83
CA ALA B 519 10.80 -30.40 30.83
C ALA B 519 12.11 -31.11 31.16
N GLY B 520 13.22 -30.37 31.10
CA GLY B 520 14.55 -30.92 31.37
C GLY B 520 15.17 -31.54 30.11
N TYR B 521 14.70 -31.09 28.95
CA TYR B 521 15.15 -31.64 27.69
C TYR B 521 16.40 -30.91 27.22
N GLU B 522 17.45 -31.68 26.92
CA GLU B 522 18.67 -31.15 26.30
C GLU B 522 18.93 -31.89 25.00
N GLY B 523 18.64 -31.23 23.90
CA GLY B 523 18.74 -31.81 22.57
C GLY B 523 18.23 -30.80 21.54
N PRO B 524 18.17 -31.20 20.26
CA PRO B 524 17.67 -30.27 19.24
C PRO B 524 16.18 -29.99 19.43
N LEU B 525 15.81 -28.71 19.29
CA LEU B 525 14.47 -28.23 19.67
C LEU B 525 13.34 -28.90 18.89
N HIS B 526 13.61 -29.30 17.66
CA HIS B 526 12.61 -29.94 16.79
C HIS B 526 12.38 -31.43 17.10
N GLN B 527 13.16 -32.00 18.02
CA GLN B 527 12.97 -33.40 18.44
C GLN B 527 12.43 -33.49 19.87
N CYS B 528 12.07 -32.35 20.45
CA CYS B 528 11.52 -32.30 21.81
C CYS B 528 10.07 -32.77 21.85
N ASP B 529 9.73 -33.54 22.89
CA ASP B 529 8.36 -34.00 23.12
C ASP B 529 8.02 -33.87 24.60
N ILE B 530 7.16 -32.92 24.95
CA ILE B 530 6.84 -32.63 26.35
C ILE B 530 5.79 -33.57 26.97
N TYR B 531 5.42 -34.62 26.24
CA TYR B 531 4.47 -35.62 26.72
C TYR B 531 4.86 -36.15 28.11
N ARG B 532 3.89 -36.20 29.02
CA ARG B 532 4.09 -36.66 30.41
C ARG B 532 5.01 -35.78 31.27
N SER B 533 5.32 -34.57 30.83
CA SER B 533 6.12 -33.64 31.64
C SER B 533 5.18 -32.78 32.49
N THR B 534 5.05 -33.13 33.77
CA THR B 534 4.20 -32.38 34.69
C THR B 534 4.80 -31.00 35.00
N LYS B 535 6.12 -30.90 34.94
CA LYS B 535 6.80 -29.62 35.13
C LYS B 535 6.41 -28.64 34.02
N ALA B 536 6.45 -29.11 32.77
CA ALA B 536 5.97 -28.32 31.62
C ALA B 536 4.48 -28.00 31.75
N GLY B 537 3.71 -28.90 32.34
CA GLY B 537 2.29 -28.69 32.58
C GLY B 537 2.03 -27.55 33.54
N ALA B 538 2.80 -27.49 34.63
CA ALA B 538 2.65 -26.45 35.64
C ALA B 538 2.89 -25.07 35.04
N LYS B 539 3.93 -24.96 34.20
CA LYS B 539 4.27 -23.70 33.55
C LYS B 539 3.21 -23.23 32.55
N LEU B 540 2.62 -24.18 31.83
CA LEU B 540 1.55 -23.85 30.88
C LEU B 540 0.30 -23.40 31.65
N ARG B 541 -0.02 -24.09 32.74
CA ARG B 541 -1.25 -23.83 33.52
C ARG B 541 -1.32 -22.42 34.09
N LYS B 542 -0.20 -21.90 34.60
CA LYS B 542 -0.16 -20.53 35.15
C LYS B 542 -0.53 -19.47 34.11
N VAL B 543 -0.14 -19.70 32.86
CA VAL B 543 -0.52 -18.84 31.74
C VAL B 543 -2.02 -18.93 31.48
N LEU B 544 -2.55 -20.16 31.48
CA LEU B 544 -3.96 -20.38 31.14
C LEU B 544 -4.89 -19.87 32.22
N GLN B 545 -4.52 -20.06 33.48
CA GLN B 545 -5.33 -19.58 34.61
C GLN B 545 -5.31 -18.06 34.75
N ALA B 546 -4.32 -17.40 34.16
CA ALA B 546 -4.21 -15.94 34.22
C ALA B 546 -5.32 -15.22 33.44
N GLY B 547 -5.78 -15.83 32.35
CA GLY B 547 -6.74 -15.19 31.47
C GLY B 547 -6.15 -13.92 30.88
N SER B 548 -6.94 -12.85 30.88
CA SER B 548 -6.45 -11.53 30.47
C SER B 548 -6.31 -10.60 31.67
N SER B 549 -6.13 -11.17 32.86
CA SER B 549 -6.03 -10.38 34.09
C SER B 549 -4.74 -9.57 34.17
N ARG B 550 -3.71 -10.02 33.47
CA ARG B 550 -2.43 -9.33 33.43
C ARG B 550 -2.07 -9.01 31.97
N PRO B 551 -1.33 -7.91 31.74
CA PRO B 551 -0.93 -7.60 30.37
C PRO B 551 -0.03 -8.68 29.79
N TRP B 552 -0.20 -8.99 28.50
CA TRP B 552 0.47 -10.15 27.90
C TRP B 552 2.00 -10.01 27.89
N GLN B 553 2.49 -8.77 27.97
CA GLN B 553 3.91 -8.49 28.08
C GLN B 553 4.49 -9.18 29.32
N GLU B 554 3.82 -9.03 30.45
CA GLU B 554 4.23 -9.60 31.73
C GLU B 554 4.06 -11.13 31.74
N VAL B 555 2.99 -11.62 31.12
CA VAL B 555 2.70 -13.05 31.11
C VAL B 555 3.75 -13.81 30.27
N LEU B 556 4.13 -13.22 29.15
CA LEU B 556 5.13 -13.82 28.27
C LEU B 556 6.51 -13.85 28.92
N LYS B 557 6.85 -12.78 29.63
CA LYS B 557 8.15 -12.71 30.31
C LYS B 557 8.28 -13.72 31.45
N ASP B 558 7.19 -13.96 32.17
CA ASP B 558 7.20 -15.00 33.21
C ASP B 558 7.42 -16.40 32.63
N MET B 559 6.93 -16.63 31.42
CA MET B 559 7.06 -17.93 30.79
C MET B 559 8.42 -18.09 30.08
N VAL B 560 8.69 -17.24 29.11
CA VAL B 560 9.87 -17.40 28.23
C VAL B 560 11.06 -16.54 28.62
N GLY B 561 10.84 -15.52 29.46
CA GLY B 561 11.91 -14.62 29.88
C GLY B 561 12.14 -13.46 28.91
N LEU B 562 11.11 -13.07 28.17
CA LEU B 562 11.21 -12.00 27.19
C LEU B 562 9.91 -11.18 27.15
N ASP B 563 10.06 -9.86 26.99
CA ASP B 563 8.91 -8.93 26.96
C ASP B 563 8.10 -8.97 25.66
N ALA B 564 8.73 -9.40 24.57
CA ALA B 564 8.17 -9.19 23.24
C ALA B 564 8.06 -10.48 22.42
N LEU B 565 7.38 -10.39 21.29
CA LEU B 565 7.38 -11.44 20.28
C LEU B 565 8.76 -11.52 19.65
N ASP B 566 9.20 -12.74 19.36
CA ASP B 566 10.58 -12.98 18.93
C ASP B 566 10.65 -14.17 17.97
N ALA B 567 11.28 -13.96 16.82
CA ALA B 567 11.39 -14.99 15.79
C ALA B 567 12.59 -15.95 15.99
N GLN B 568 13.50 -15.61 16.90
CA GLN B 568 14.71 -16.42 17.10
C GLN B 568 14.44 -17.90 17.38
N PRO B 569 13.50 -18.21 18.30
CA PRO B 569 13.18 -19.62 18.55
C PRO B 569 12.62 -20.37 17.34
N LEU B 570 11.84 -19.67 16.51
CA LEU B 570 11.32 -20.24 15.27
C LEU B 570 12.45 -20.51 14.29
N LEU B 571 13.35 -19.54 14.14
CA LEU B 571 14.53 -19.70 13.28
C LEU B 571 15.39 -20.85 13.77
N LYS B 572 15.57 -20.94 15.10
CA LYS B 572 16.36 -22.00 15.73
C LYS B 572 15.76 -23.39 15.49
N TYR B 573 14.43 -23.47 15.55
CA TYR B 573 13.72 -24.70 15.27
C TYR B 573 14.00 -25.21 13.85
N PHE B 574 13.98 -24.30 12.88
CA PHE B 574 14.13 -24.66 11.46
C PHE B 574 15.56 -24.55 10.92
N GLN B 575 16.52 -24.26 11.79
CA GLN B 575 17.90 -23.99 11.42
C GLN B 575 18.46 -24.97 10.37
N LEU B 576 18.30 -26.26 10.62
CA LEU B 576 18.86 -27.29 9.74
C LEU B 576 18.31 -27.23 8.32
N VAL B 577 16.99 -27.15 8.18
CA VAL B 577 16.36 -27.16 6.86
C VAL B 577 16.53 -25.81 6.15
N THR B 578 16.62 -24.73 6.92
CA THR B 578 16.85 -23.40 6.37
C THR B 578 18.18 -23.37 5.60
N GLN B 579 19.23 -23.90 6.21
CA GLN B 579 20.54 -23.99 5.58
C GLN B 579 20.50 -24.93 4.38
N TRP B 580 19.81 -26.05 4.54
CA TRP B 580 19.71 -27.07 3.49
C TRP B 580 19.03 -26.54 2.23
N LEU B 581 17.84 -25.96 2.39
CA LEU B 581 17.09 -25.40 1.27
C LEU B 581 17.87 -24.31 0.54
N GLN B 582 18.64 -23.53 1.31
CA GLN B 582 19.45 -22.45 0.75
C GLN B 582 20.52 -23.04 -0.17
N GLU B 583 21.14 -24.12 0.28
CA GLU B 583 22.16 -24.83 -0.51
C GLU B 583 21.56 -25.50 -1.75
N GLN B 584 20.39 -26.12 -1.59
CA GLN B 584 19.73 -26.79 -2.71
C GLN B 584 19.35 -25.83 -3.83
N ASN B 585 18.70 -24.73 -3.47
CA ASN B 585 18.25 -23.75 -4.45
C ASN B 585 19.40 -23.11 -5.22
N GLN B 586 20.52 -22.91 -4.53
CA GLN B 586 21.72 -22.31 -5.12
C GLN B 586 22.30 -23.23 -6.20
N GLN B 587 22.51 -24.50 -5.84
CA GLN B 587 23.11 -25.46 -6.78
C GLN B 587 22.11 -26.00 -7.81
N ASN B 588 20.83 -25.66 -7.65
CA ASN B 588 19.82 -25.94 -8.69
C ASN B 588 19.60 -24.75 -9.63
N GLY B 589 20.35 -23.66 -9.39
CA GLY B 589 20.24 -22.47 -10.22
C GLY B 589 18.88 -21.78 -10.14
N GLU B 590 18.28 -21.82 -8.95
CA GLU B 590 16.97 -21.23 -8.74
C GLU B 590 17.12 -19.73 -8.48
N VAL B 591 16.07 -18.97 -8.76
CA VAL B 591 16.01 -17.58 -8.34
C VAL B 591 14.96 -17.44 -7.25
N LEU B 592 15.34 -16.78 -6.16
CA LEU B 592 14.43 -16.53 -5.06
C LEU B 592 13.46 -15.43 -5.49
N GLY B 593 12.19 -15.58 -5.13
CA GLY B 593 11.18 -14.61 -5.50
C GLY B 593 10.55 -14.89 -6.84
N TRP B 594 9.75 -13.93 -7.29
CA TRP B 594 8.94 -14.06 -8.51
C TRP B 594 9.05 -12.77 -9.33
N PRO B 595 10.22 -12.54 -9.97
CA PRO B 595 10.43 -11.34 -10.78
C PRO B 595 9.45 -11.15 -11.94
N GLU B 596 8.90 -12.24 -12.48
CA GLU B 596 7.87 -12.16 -13.51
C GLU B 596 6.49 -12.07 -12.85
N TYR B 597 6.28 -10.98 -12.12
CA TYR B 597 5.09 -10.77 -11.29
C TYR B 597 3.78 -10.68 -12.08
N GLN B 598 3.87 -10.34 -13.37
CA GLN B 598 2.68 -10.17 -14.20
C GLN B 598 2.24 -11.49 -14.85
N TRP B 599 2.98 -12.57 -14.62
CA TRP B 599 2.67 -13.86 -15.24
C TRP B 599 1.50 -14.56 -14.57
N HIS B 600 0.57 -15.05 -15.39
CA HIS B 600 -0.48 -15.96 -14.97
C HIS B 600 -0.45 -17.16 -15.92
N PRO B 601 -0.90 -18.34 -15.46
CA PRO B 601 -0.93 -19.50 -16.33
C PRO B 601 -2.08 -19.43 -17.33
N PRO B 602 -1.93 -20.11 -18.49
CA PRO B 602 -3.03 -20.18 -19.44
C PRO B 602 -4.07 -21.20 -19.02
N LEU B 603 -5.25 -21.14 -19.63
CA LEU B 603 -6.31 -22.12 -19.36
C LEU B 603 -6.00 -23.48 -19.98
N PRO B 604 -6.62 -24.55 -19.46
CA PRO B 604 -6.59 -25.84 -20.18
C PRO B 604 -7.41 -25.78 -21.47
N ASP B 605 -7.14 -26.71 -22.38
CA ASP B 605 -7.74 -26.71 -23.71
C ASP B 605 -9.27 -26.77 -23.68
N ASN B 606 -9.79 -27.79 -23.02
CA ASN B 606 -11.23 -28.05 -23.00
C ASN B 606 -11.95 -27.49 -21.77
N TYR B 607 -11.38 -26.44 -21.16
CA TYR B 607 -11.95 -25.88 -19.94
C TYR B 607 -13.11 -24.92 -20.26
N PRO B 608 -14.25 -25.06 -19.56
CA PRO B 608 -14.59 -26.06 -18.53
C PRO B 608 -15.33 -27.29 -19.07
N GLU B 609 -15.45 -27.41 -20.40
CA GLU B 609 -16.25 -28.45 -21.04
C GLU B 609 -15.55 -29.83 -21.05
N GLY B 610 -16.06 -30.73 -21.88
CA GLY B 610 -15.48 -32.07 -22.02
C GLY B 610 -16.08 -33.06 -21.04
C1 NAG C . 11.75 -9.95 -18.67
C2 NAG C . 12.49 -11.25 -18.38
C3 NAG C . 13.47 -11.63 -19.48
C4 NAG C . 12.83 -11.49 -20.85
C5 NAG C . 12.23 -10.09 -20.99
C6 NAG C . 11.63 -9.85 -22.37
C7 NAG C . 13.03 -12.01 -16.11
C8 NAG C . 13.85 -11.77 -14.88
N2 NAG C . 13.21 -11.15 -17.12
O3 NAG C . 13.91 -12.95 -19.30
O4 NAG C . 13.80 -11.72 -21.85
O5 NAG C . 11.24 -9.93 -19.98
O6 NAG C . 10.21 -9.93 -22.31
O7 NAG C . 12.26 -12.96 -16.16
C1 FUC C . 9.71 -11.03 -23.09
C2 FUC C . 8.19 -11.06 -22.97
C3 FUC C . 7.55 -9.87 -23.69
C4 FUC C . 8.08 -9.75 -25.12
C5 FUC C . 9.61 -9.79 -25.13
C6 FUC C . 10.18 -9.77 -26.55
O2 FUC C . 7.82 -11.04 -21.61
O3 FUC C . 6.15 -10.00 -23.71
O4 FUC C . 7.56 -10.77 -25.93
O5 FUC C . 10.06 -10.96 -24.46
C1 NAG D . 32.08 20.81 -24.28
C2 NAG D . 32.54 22.12 -24.94
C3 NAG D . 34.00 22.01 -25.40
C4 NAG D . 34.91 21.48 -24.30
C5 NAG D . 34.30 20.27 -23.61
C6 NAG D . 35.11 19.91 -22.36
C7 NAG D . 31.07 23.66 -26.13
C8 NAG D . 30.23 23.93 -27.34
N2 NAG D . 31.70 22.48 -26.06
O3 NAG D . 34.43 23.30 -25.79
O4 NAG D . 36.14 21.10 -24.88
O5 NAG D . 32.97 20.53 -23.22
O6 NAG D . 34.44 18.91 -21.62
O7 NAG D . 31.15 24.53 -25.26
C1 NAG D . 37.23 21.97 -24.51
C2 NAG D . 38.53 21.32 -24.99
C3 NAG D . 39.73 22.27 -24.86
C4 NAG D . 39.42 23.67 -25.32
C5 NAG D . 38.11 24.15 -24.70
C6 NAG D . 37.73 25.56 -25.15
C7 NAG D . 38.37 18.90 -24.61
C8 NAG D . 38.72 17.73 -23.74
N2 NAG D . 38.80 20.11 -24.24
O3 NAG D . 40.81 21.76 -25.63
O4 NAG D . 40.47 24.53 -24.93
O5 NAG D . 37.08 23.25 -25.06
O6 NAG D . 37.71 25.64 -26.56
O7 NAG D . 37.70 18.70 -25.63
C1 NAG E . -19.99 34.41 -22.78
C2 NAG E . -19.51 35.72 -22.15
C3 NAG E . -19.64 35.71 -20.63
C4 NAG E . -21.04 35.23 -20.23
C5 NAG E . -21.29 33.87 -20.87
C6 NAG E . -22.60 33.23 -20.44
C7 NAG E . -17.74 36.98 -23.32
C8 NAG E . -16.27 37.10 -23.61
N2 NAG E . -18.12 35.97 -22.53
O3 NAG E . -19.40 37.00 -20.12
O4 NAG E . -21.15 35.14 -18.82
O5 NAG E . -21.26 34.03 -22.28
O6 NAG E . -23.67 34.13 -20.68
O7 NAG E . -18.52 37.80 -23.81
C1 NAG E . -21.85 36.27 -18.26
C2 NAG E . -22.10 36.00 -16.78
C3 NAG E . -22.72 37.21 -16.07
C4 NAG E . -22.01 38.51 -16.45
C5 NAG E . -21.81 38.61 -17.96
C6 NAG E . -21.03 39.86 -18.36
C7 NAG E . -22.66 33.79 -15.88
C8 NAG E . -23.66 32.67 -15.83
N2 NAG E . -22.96 34.84 -16.64
O3 NAG E . -22.66 37.01 -14.68
O4 NAG E . -22.76 39.63 -16.01
O5 NAG E . -21.11 37.47 -18.40
O6 NAG E . -19.73 39.81 -17.81
O7 NAG E . -21.62 33.70 -15.22
C1 BMA E . -22.48 40.00 -14.63
C2 BMA E . -22.48 41.51 -14.51
C3 BMA E . -22.22 41.95 -13.07
C4 BMA E . -23.17 41.22 -12.12
C5 BMA E . -23.16 39.71 -12.36
C6 BMA E . -24.20 38.99 -11.50
O2 BMA E . -23.73 42.05 -14.97
O3 BMA E . -22.40 43.36 -12.93
O4 BMA E . -22.78 41.50 -10.77
O5 BMA E . -23.43 39.44 -13.74
O6 BMA E . -23.57 37.89 -10.82
C1 NAG F . -15.65 -10.39 -14.70
C2 NAG F . -16.54 -9.55 -15.61
C3 NAG F . -17.79 -10.30 -16.05
C4 NAG F . -17.45 -11.70 -16.54
C5 NAG F . -16.56 -12.43 -15.54
C6 NAG F . -16.13 -13.78 -16.07
C7 NAG F . -16.90 -7.14 -15.44
C8 NAG F . -17.31 -5.99 -14.56
N2 NAG F . -16.91 -8.35 -14.89
O3 NAG F . -18.42 -9.58 -17.08
O4 NAG F . -18.65 -12.42 -16.76
O5 NAG F . -15.40 -11.66 -15.29
O6 NAG F . -15.15 -13.54 -17.06
O7 NAG F . -16.58 -6.93 -16.61
C1 FUC F . -14.98 -14.69 -17.92
C2 FUC F . -14.03 -14.32 -19.07
C3 FUC F . -12.61 -14.12 -18.55
C4 FUC F . -12.18 -15.32 -17.73
C5 FUC F . -13.20 -15.62 -16.64
C6 FUC F . -12.82 -16.87 -15.84
O2 FUC F . -14.47 -13.15 -19.72
O3 FUC F . -11.73 -13.93 -19.63
O4 FUC F . -12.04 -16.44 -18.60
O5 FUC F . -14.48 -15.80 -17.21
C1 NAG G . -33.34 -27.59 13.79
C2 NAG G . -33.80 -28.65 14.80
C3 NAG G . -35.31 -28.85 14.77
C4 NAG G . -36.06 -27.52 14.84
C5 NAG G . -35.45 -26.47 13.90
C6 NAG G . -36.02 -25.09 14.21
C7 NAG G . -32.18 -30.38 15.43
C8 NAG G . -31.55 -31.70 15.08
N2 NAG G . -33.10 -29.91 14.58
O3 NAG G . -35.68 -29.65 15.86
O4 NAG G . -37.42 -27.71 14.48
O5 NAG G . -34.06 -26.40 14.08
O6 NAG G . -35.50 -24.17 13.28
O7 NAG G . -31.85 -29.81 16.48
C1 NAG G . -38.32 -27.74 15.62
C2 NAG G . -39.71 -27.34 15.14
C3 NAG G . -40.74 -27.47 16.25
C4 NAG G . -40.65 -28.87 16.88
C5 NAG G . -39.22 -29.11 17.33
C6 NAG G . -39.05 -30.48 17.99
C7 NAG G . -39.72 -25.67 13.34
C8 NAG G . -39.69 -24.22 12.98
N2 NAG G . -39.69 -25.97 14.64
O3 NAG G . -42.04 -27.25 15.74
O4 NAG G . -41.56 -28.96 17.95
O5 NAG G . -38.35 -29.02 16.22
O6 NAG G . -39.23 -31.49 17.01
O7 NAG G . -39.76 -26.51 12.45
C1 NAG H . 19.32 -37.55 18.13
C2 NAG H . 18.89 -37.54 19.59
C3 NAG H . 19.35 -36.25 20.28
C4 NAG H . 20.82 -35.98 20.03
C5 NAG H . 21.14 -36.10 18.53
C6 NAG H . 22.62 -35.92 18.26
C7 NAG H . 16.82 -38.83 19.89
C8 NAG H . 15.33 -38.78 19.98
N2 NAG H . 17.45 -37.66 19.70
O3 NAG H . 19.13 -36.36 21.66
O4 NAG H . 21.13 -34.66 20.46
O5 NAG H . 20.72 -37.36 18.05
O6 NAG H . 23.36 -36.89 18.97
O7 NAG H . 17.40 -39.90 20.01
C1 NAG H . 22.03 -34.64 21.58
C2 NAG H . 22.62 -33.23 21.67
C3 NAG H . 23.42 -32.99 22.95
C4 NAG H . 22.70 -33.54 24.18
C5 NAG H . 22.26 -34.98 23.92
C6 NAG H . 21.55 -35.57 25.14
C7 NAG H . 23.12 -32.16 19.52
C8 NAG H . 24.12 -32.01 18.40
N2 NAG H . 23.46 -32.98 20.52
O3 NAG H . 23.63 -31.60 23.08
O4 NAG H . 23.53 -33.48 25.33
O5 NAG H . 21.39 -35.00 22.79
O6 NAG H . 20.40 -36.30 24.75
O7 NAG H . 22.06 -31.54 19.46
C1 BMA H . 23.56 -32.16 25.93
C2 BMA H . 23.50 -32.28 27.45
C3 BMA H . 23.56 -30.89 28.10
C4 BMA H . 24.74 -30.09 27.57
C5 BMA H . 24.76 -30.10 26.04
C6 BMA H . 25.99 -29.37 25.50
O2 BMA H . 24.58 -33.08 27.93
O3 BMA H . 23.71 -31.03 29.53
O4 BMA H . 24.65 -28.74 28.04
O5 BMA H . 24.75 -31.44 25.56
O6 BMA H . 25.61 -28.15 24.86
ZN ZN I . 8.58 23.62 -12.87
CL CL J . 8.31 18.89 -3.50
O1 PE4 K . 11.12 39.07 -34.46
C1 PE4 K . 11.50 38.36 -35.64
C2 PE4 K . 10.35 38.36 -36.64
O2 PE4 K . 10.15 37.03 -37.14
C3 PE4 K . 9.11 36.97 -38.11
C4 PE4 K . 8.29 35.69 -37.90
O3 PE4 K . 7.09 36.02 -37.20
C5 PE4 K . 6.45 34.88 -36.62
C6 PE4 K . 5.10 35.27 -36.02
O4 PE4 K . 5.26 35.61 -34.64
C7 PE4 K . 4.09 36.22 -34.08
C8 PE4 K . 4.33 36.51 -32.60
O5 PE4 K . 4.84 37.83 -32.42
O1 P6G L . 0.62 39.90 -32.27
C2 P6G L . 1.64 38.98 -31.85
C3 P6G L . 1.59 38.82 -30.33
O4 P6G L . 2.38 39.84 -29.72
C5 P6G L . 2.27 39.83 -28.29
C6 P6G L . 3.32 40.76 -27.69
O7 P6G L . 4.61 40.14 -27.74
C8 P6G L . 5.46 40.66 -28.76
C9 P6G L . 6.61 39.70 -29.05
O10 P6G L . 7.27 40.07 -30.25
C11 P6G L . 8.68 39.78 -30.25
C12 P6G L . 9.42 40.88 -29.50
O13 P6G L . 10.80 40.92 -29.89
C14 P6G L . 11.39 42.20 -29.59
C15 P6G L . 12.90 42.06 -29.34
O16 P6G L . 13.54 41.45 -30.46
C17 P6G L . 14.96 41.35 -30.28
C18 P6G L . 15.62 40.95 -31.59
O19 P6G L . 14.95 39.82 -32.18
C1 PEG M . 21.42 23.23 -6.42
O1 PEG M . 20.52 22.66 -7.40
C2 PEG M . 22.86 23.11 -6.89
O2 PEG M . 23.11 21.79 -7.37
C3 PEG M . 23.27 21.69 -8.78
C4 PEG M . 22.84 20.31 -9.26
O4 PEG M . 21.49 20.06 -8.90
CAR K26 N . 14.88 19.91 -14.39
CAN K26 N . 16.21 19.71 -14.01
CBD K26 N . 16.56 19.64 -12.66
OAI K26 N . 17.86 19.45 -12.28
CAO K26 N . 15.57 19.77 -11.70
CAS K26 N . 14.25 19.97 -12.07
CBF K26 N . 13.89 20.05 -13.42
CAV K26 N . 12.54 20.24 -13.79
CBI K26 N . 12.21 21.75 -13.81
PBK K26 N . 10.40 22.04 -14.14
OAJ K26 N . 10.06 21.07 -15.19
OAK K26 N . 9.75 21.85 -12.85
OAG K26 N . 10.40 23.44 -14.62
NAY K26 N . 12.55 22.34 -12.52
C K26 N . 13.35 23.42 -12.43
O K26 N . 13.86 23.97 -13.41
CA K26 N . 13.65 23.94 -11.03
N K26 N . 15.06 24.35 -11.09
CBB K26 N . 16.01 23.82 -10.29
OAF K26 N . 15.80 23.00 -9.41
CBJ K26 N . 17.42 24.33 -10.60
CBG K26 N . 18.25 23.17 -11.17
CAC K26 N . 17.94 23.04 -12.67
CAT K26 N . 19.75 23.43 -10.96
CAA K26 N . 20.46 22.23 -11.59
NAX K26 N . 18.05 24.85 -9.38
CAZ K26 N . 18.50 26.11 -9.32
CAB K26 N . 19.14 26.50 -7.99
OAD K26 N . 18.43 26.92 -10.24
CB K26 N . 12.72 25.10 -10.71
CG K26 N . 12.77 25.31 -9.31
CD1 K26 N . 11.68 24.97 -8.50
CE1 K26 N . 11.73 25.18 -7.12
CZ K26 N . 12.85 25.75 -6.54
OH K26 N . 12.92 25.96 -5.20
CE2 K26 N . 13.93 26.11 -7.34
CD2 K26 N . 13.89 25.89 -8.72
C3 9X6 O . 6.51 17.29 -15.68
C4 9X6 O . 5.90 18.26 -14.71
C2 9X6 O . 4.61 20.39 -16.11
C1 9X6 O . 5.30 20.09 -17.42
S2 9X6 O . 4.34 18.86 -15.28
O4 9X6 O . 6.69 16.11 -15.33
O3 9X6 O . 6.85 17.68 -16.82
O2 9X6 O . 6.50 20.39 -17.55
O1 9X6 O . 4.64 19.53 -18.30
ZN ZN P . -8.35 -21.15 16.89
CL CL Q . -6.81 -10.74 16.79
C1 PEG R . -12.79 -9.61 22.17
O1 PEG R . -13.60 -10.43 23.03
C2 PEG R . -11.33 -9.71 22.57
O2 PEG R . -10.93 -11.08 22.63
C3 PEG R . -10.63 -11.67 21.37
C4 PEG R . -11.77 -12.56 20.88
O4 PEG R . -12.04 -12.30 19.49
C1 PEG S . -21.75 -13.90 17.50
O1 PEG S . -20.82 -13.57 16.48
C2 PEG S . -21.22 -15.08 18.32
O2 PEG S . -21.56 -14.92 19.70
C3 PEG S . -20.54 -14.24 20.43
C4 PEG S . -21.07 -13.89 21.82
O4 PEG S . -19.96 -13.65 22.70
C1 PEG T . -7.64 7.84 21.79
O1 PEG T . -8.24 7.80 23.08
C2 PEG T . -7.63 6.44 21.17
O2 PEG T . -8.94 5.86 21.25
C3 PEG T . -9.08 4.87 22.26
C4 PEG T . -10.53 4.80 22.71
O4 PEG T . -10.60 4.13 23.98
CAR K26 U . -14.74 -20.00 14.02
CAN K26 U . -15.95 -19.35 14.26
CBD K26 U . -15.97 -18.09 14.85
OAI K26 U . -17.15 -17.46 15.09
CAO K26 U . -14.78 -17.49 15.22
CAS K26 U . -13.57 -18.14 14.99
CBF K26 U . -13.53 -19.39 14.39
CAV K26 U . -12.30 -20.04 14.17
CBI K26 U . -11.86 -20.86 15.40
PBK K26 U . -10.17 -21.53 15.14
OAJ K26 U . -10.26 -22.11 13.80
OAK K26 U . -9.28 -20.39 15.31
OAG K26 U . -10.11 -22.53 16.22
NAY K26 U . -11.89 -19.97 16.58
C K26 U . -12.68 -20.24 17.65
O K26 U . -13.40 -21.23 17.74
CA K26 U . -12.65 -19.21 18.78
N K26 U . -13.96 -19.34 19.46
CBB K26 U . -14.84 -18.32 19.51
OAF K26 U . -14.62 -17.19 19.07
CBJ K26 U . -16.18 -18.65 20.18
CBG K26 U . -17.33 -18.48 19.17
CAC K26 U . -17.10 -19.46 18.01
CAT K26 U . -18.65 -18.84 19.83
CAA K26 U . -19.70 -17.95 19.15
NAX K26 U . -16.39 -17.73 21.30
CAZ K26 U . -16.55 -18.19 22.55
CAB K26 U . -16.73 -17.11 23.62
OAD K26 U . -16.54 -19.39 22.86
CB K26 U . -11.46 -19.47 19.68
CG K26 U . -11.30 -18.35 20.52
CD1 K26 U . -10.27 -17.43 20.33
CE1 K26 U . -10.11 -16.35 21.19
CZ K26 U . -10.98 -16.16 22.26
OH K26 U . -10.85 -15.10 23.10
CE2 K26 U . -12.02 -17.08 22.47
CD2 K26 U . -12.16 -18.16 21.61
O1 PG4 V . -3.10 -3.08 0.18
C1 PG4 V . -2.56 -2.49 -0.99
C2 PG4 V . -1.28 -1.72 -0.65
O2 PG4 V . -0.45 -1.58 -1.81
C3 PG4 V . 0.25 -0.34 -1.85
C4 PG4 V . 1.53 -0.50 -2.67
O3 PG4 V . 2.01 0.79 -3.08
C3 9X6 W . -6.26 -24.01 10.94
C4 9X6 W . -4.99 -23.69 10.20
C2 9X6 W . -5.86 -20.88 10.69
C1 9X6 W . -7.02 -21.04 9.74
S2 9X6 W . -4.52 -21.98 10.33
O4 9X6 W . -7.11 -24.74 10.37
O3 9X6 W . -6.45 -23.54 12.08
O2 9X6 W . -7.27 -20.14 8.91
O1 9X6 W . -7.74 -22.06 9.81
#